data_7VLX
#
_entry.id   7VLX
#
_cell.length_a   1.00
_cell.length_b   1.00
_cell.length_c   1.00
_cell.angle_alpha   90.00
_cell.angle_beta   90.00
_cell.angle_gamma   90.00
#
_symmetry.space_group_name_H-M   'P 1'
#
loop_
_entity.id
_entity.type
_entity.pdbx_description
1 polymer 'Mannose/fructose/sorbose family PTS transporter subunit IIC'
2 polymer 'PTS mannose family transporter subunit IID'
3 non-polymer alpha-D-mannopyranose
#
loop_
_entity_poly.entity_id
_entity_poly.type
_entity_poly.pdbx_seq_one_letter_code
_entity_poly.pdbx_strand_id
1 'polypeptide(L)'
;MSVISIILVVLIAFLAGIEGILDEFQFHQPLIACTLIGLVTGNLTACIILGGTLQMIALGWANIGAAVAPDAALASVASA
IILVLGGQGVAGIPSAIAIAIPLAVAGLFLTMIVRTLAVPIVHLMDRAAEKGNIRSVEWLHISAICMQGIRIAIPAAALL
FIPADSVQSFLEAMPAWLTDGMAIGGGMVVAVGYALVINMMATKEVWPFFVIGFVVAAISQLTLIAIGALGVALALIYLN
LSKMGGGNSNGGGGGNSRDPLGDILNDY
;
Y,A,C
2 'polypeptide(L)'
;MAEKIELSKRDRLRVAWRSTFIQGSWNYERMQNGGWAFSMIPAIKKLYKTKEDRSSALKRHLEFFNTHPYIASPILGVTL
ALEEERANGAEVDDVAIQGVKVGMMGPLAGVGDPVFWFTIRPMLGALGASLALSGNILGPILFFVAWNVIRWGFMWYTQE
FGYKAGSKITDDLSGGLLQDITKGASILGMFVLAALVQRWVNIQFAPIISKVKLDEGAYIDWSHLPQGAQGIKTALQQQQ
AGLALSEIKVTTLQNNLDNLIPGLAAVALTFLCMWLLKKKISPIIIILGLFVVGIVGHLIGLL
;
Z,B,D
#
loop_
_chem_comp.id
_chem_comp.type
_chem_comp.name
_chem_comp.formula
MAN D-saccharide, alpha linking alpha-D-mannopyranose 'C6 H12 O6'
#
# COMPACT_ATOMS: atom_id res chain seq x y z
N MET A 1 -49.42 -6.27 -14.57
CA MET A 1 -50.45 -7.13 -15.15
C MET A 1 -51.82 -6.82 -14.55
N SER A 2 -51.88 -6.71 -13.23
CA SER A 2 -53.12 -6.45 -12.52
C SER A 2 -53.25 -4.96 -12.21
N VAL A 3 -54.50 -4.53 -11.96
CA VAL A 3 -54.77 -3.13 -11.68
C VAL A 3 -54.17 -2.69 -10.35
N ILE A 4 -54.02 -3.59 -9.38
CA ILE A 4 -53.38 -3.23 -8.14
C ILE A 4 -51.88 -3.03 -8.35
N SER A 5 -51.27 -3.85 -9.20
CA SER A 5 -49.83 -3.76 -9.41
C SER A 5 -49.44 -2.42 -10.02
N ILE A 6 -50.20 -1.94 -11.01
CA ILE A 6 -49.84 -0.69 -11.67
C ILE A 6 -49.95 0.48 -10.69
N ILE A 7 -51.00 0.53 -9.88
CA ILE A 7 -51.13 1.63 -8.93
C ILE A 7 -50.06 1.55 -7.84
N LEU A 8 -49.71 0.35 -7.38
CA LEU A 8 -48.64 0.24 -6.39
C LEU A 8 -47.31 0.70 -6.97
N VAL A 9 -46.99 0.29 -8.20
CA VAL A 9 -45.69 0.66 -8.77
C VAL A 9 -45.65 2.16 -9.07
N VAL A 10 -46.75 2.75 -9.53
CA VAL A 10 -46.71 4.20 -9.77
C VAL A 10 -46.64 4.96 -8.46
N LEU A 11 -47.29 4.47 -7.40
CA LEU A 11 -47.19 5.13 -6.10
C LEU A 11 -45.77 5.10 -5.58
N ILE A 12 -45.12 3.93 -5.64
CA ILE A 12 -43.76 3.84 -5.13
C ILE A 12 -42.80 4.60 -6.04
N ALA A 13 -43.09 4.68 -7.34
CA ALA A 13 -42.29 5.50 -8.23
C ALA A 13 -42.40 6.98 -7.88
N PHE A 14 -43.61 7.44 -7.55
CA PHE A 14 -43.79 8.81 -7.09
C PHE A 14 -43.02 9.05 -5.79
N LEU A 15 -43.07 8.10 -4.87
CA LEU A 15 -42.33 8.23 -3.62
C LEU A 15 -40.84 8.31 -3.86
N ALA A 16 -40.32 7.46 -4.75
CA ALA A 16 -38.91 7.51 -5.10
C ALA A 16 -38.56 8.83 -5.79
N GLY A 17 -39.48 9.34 -6.61
CA GLY A 17 -39.22 10.61 -7.27
C GLY A 17 -39.11 11.77 -6.30
N ILE A 18 -39.99 11.81 -5.29
CA ILE A 18 -39.87 12.86 -4.29
C ILE A 18 -38.61 12.67 -3.45
N GLU A 19 -38.28 11.42 -3.12
CA GLU A 19 -37.04 11.17 -2.39
C GLU A 19 -35.80 11.42 -3.23
N GLY A 20 -35.95 11.55 -4.55
CA GLY A 20 -34.80 11.82 -5.39
C GLY A 20 -34.04 13.07 -4.97
N ILE A 21 -34.77 14.14 -4.67
CA ILE A 21 -34.14 15.34 -4.12
C ILE A 21 -34.43 15.54 -2.64
N LEU A 22 -35.47 14.90 -2.09
CA LEU A 22 -35.62 14.87 -0.64
C LEU A 22 -34.41 14.19 -0.01
N ASP A 23 -34.05 13.02 -0.53
CA ASP A 23 -32.79 12.35 -0.21
C ASP A 23 -32.63 12.18 1.31
N GLU A 24 -33.71 11.78 1.96
CA GLU A 24 -33.71 11.50 3.40
C GLU A 24 -34.02 10.05 3.72
N PHE A 25 -35.12 9.53 3.23
CA PHE A 25 -35.51 8.15 3.48
C PHE A 25 -34.91 7.17 2.48
N GLN A 26 -34.33 7.66 1.39
CA GLN A 26 -33.56 6.85 0.45
C GLN A 26 -34.40 5.79 -0.26
N PHE A 27 -35.63 6.15 -0.67
CA PHE A 27 -36.31 5.26 -1.61
C PHE A 27 -35.67 5.29 -2.99
N HIS A 28 -35.12 6.44 -3.40
CA HIS A 28 -34.56 6.56 -4.74
C HIS A 28 -33.34 5.67 -4.94
N GLN A 29 -32.74 5.16 -3.86
CA GLN A 29 -31.60 4.28 -3.99
C GLN A 29 -32.03 2.95 -4.61
N PRO A 30 -31.26 2.43 -5.58
CA PRO A 30 -31.66 1.16 -6.21
C PRO A 30 -31.73 -0.01 -5.25
N LEU A 31 -30.97 0.03 -4.15
CA LEU A 31 -31.04 -1.04 -3.17
C LEU A 31 -32.40 -1.12 -2.51
N ILE A 32 -33.18 -0.03 -2.54
CA ILE A 32 -34.54 -0.01 -2.01
C ILE A 32 -35.57 0.16 -3.12
N ALA A 33 -35.25 0.96 -4.15
CA ALA A 33 -36.20 1.20 -5.23
C ALA A 33 -36.45 -0.04 -6.09
N CYS A 34 -35.56 -1.02 -6.06
CA CYS A 34 -35.72 -2.23 -6.85
C CYS A 34 -36.28 -3.40 -6.07
N THR A 35 -36.27 -3.34 -4.73
CA THR A 35 -36.83 -4.43 -3.94
C THR A 35 -38.30 -4.19 -3.58
N LEU A 36 -38.68 -2.95 -3.30
CA LEU A 36 -40.09 -2.64 -3.10
C LEU A 36 -40.88 -2.85 -4.39
N ILE A 37 -40.29 -2.47 -5.53
CA ILE A 37 -40.94 -2.69 -6.82
C ILE A 37 -40.90 -4.13 -7.26
N GLY A 38 -40.10 -4.97 -6.60
CA GLY A 38 -40.05 -6.39 -6.93
C GLY A 38 -40.92 -7.23 -6.01
N LEU A 39 -41.07 -6.75 -4.77
CA LEU A 39 -41.91 -7.47 -3.81
C LEU A 39 -43.38 -7.46 -4.25
N VAL A 40 -43.85 -6.34 -4.79
CA VAL A 40 -45.25 -6.20 -5.14
C VAL A 40 -45.58 -6.69 -6.54
N THR A 41 -44.58 -6.95 -7.38
CA THR A 41 -44.81 -7.39 -8.74
C THR A 41 -44.71 -8.91 -8.90
N GLY A 42 -44.59 -9.64 -7.79
CA GLY A 42 -44.40 -11.07 -7.86
C GLY A 42 -42.99 -11.50 -7.48
N ASN A 43 -42.17 -11.82 -8.48
CA ASN A 43 -40.80 -12.25 -8.26
C ASN A 43 -40.02 -11.23 -7.43
N LEU A 44 -39.62 -11.64 -6.22
CA LEU A 44 -38.88 -10.77 -5.31
C LEU A 44 -37.39 -11.06 -5.31
N THR A 45 -36.99 -12.32 -5.22
CA THR A 45 -35.58 -12.68 -5.22
C THR A 45 -34.91 -12.39 -6.56
N ALA A 46 -35.70 -12.21 -7.62
CA ALA A 46 -35.16 -11.89 -8.93
C ALA A 46 -34.83 -10.41 -9.09
N CYS A 47 -35.22 -9.57 -8.14
CA CYS A 47 -34.98 -8.14 -8.21
C CYS A 47 -33.97 -7.64 -7.21
N ILE A 48 -33.74 -8.36 -6.10
CA ILE A 48 -32.76 -7.92 -5.12
C ILE A 48 -31.36 -7.99 -5.71
N ILE A 49 -31.09 -8.98 -6.57
CA ILE A 49 -29.79 -9.06 -7.23
C ILE A 49 -29.55 -7.84 -8.10
N LEU A 50 -30.56 -7.46 -8.89
CA LEU A 50 -30.44 -6.26 -9.72
C LEU A 50 -30.28 -5.01 -8.86
N GLY A 51 -31.01 -4.95 -7.74
CA GLY A 51 -30.86 -3.81 -6.85
C GLY A 51 -29.46 -3.68 -6.29
N GLY A 52 -28.86 -4.80 -5.88
CA GLY A 52 -27.48 -4.77 -5.40
C GLY A 52 -26.50 -4.40 -6.50
N THR A 53 -26.70 -4.96 -7.69
CA THR A 53 -25.80 -4.65 -8.81
C THR A 53 -25.83 -3.17 -9.14
N LEU A 54 -27.03 -2.58 -9.18
CA LEU A 54 -27.14 -1.16 -9.46
C LEU A 54 -26.69 -0.30 -8.28
N GLN A 55 -26.80 -0.81 -7.05
CA GLN A 55 -26.30 -0.08 -5.89
C GLN A 55 -24.79 0.00 -5.90
N MET A 56 -24.12 -1.05 -6.41
CA MET A 56 -22.67 -0.99 -6.57
C MET A 56 -22.25 0.20 -7.43
N ILE A 57 -22.92 0.41 -8.56
CA ILE A 57 -22.60 1.54 -9.41
C ILE A 57 -23.05 2.85 -8.77
N ALA A 58 -24.21 2.83 -8.10
CA ALA A 58 -24.85 4.03 -7.59
C ALA A 58 -24.07 4.70 -6.47
N LEU A 59 -23.06 4.05 -5.90
CA LEU A 59 -22.21 4.69 -4.92
C LEU A 59 -21.49 5.86 -5.59
N GLY A 60 -21.27 6.94 -4.84
CA GLY A 60 -20.64 8.12 -5.41
C GLY A 60 -21.50 8.79 -6.46
N TRP A 61 -22.81 8.87 -6.21
CA TRP A 61 -23.76 9.57 -7.07
C TRP A 61 -24.54 10.59 -6.26
N ALA A 62 -23.82 11.40 -5.50
CA ALA A 62 -24.45 12.42 -4.67
C ALA A 62 -24.69 13.69 -5.48
N ASN A 63 -25.77 14.40 -5.14
CA ASN A 63 -26.05 15.70 -5.71
C ASN A 63 -25.38 16.74 -4.82
N ILE A 64 -24.23 17.25 -5.26
CA ILE A 64 -23.38 18.11 -4.44
C ILE A 64 -23.48 19.53 -4.98
N GLY A 65 -23.99 20.44 -4.15
CA GLY A 65 -23.95 21.87 -4.44
C GLY A 65 -24.34 22.30 -5.83
N ALA A 66 -25.62 22.10 -6.20
CA ALA A 66 -26.14 22.48 -7.50
C ALA A 66 -25.44 21.75 -8.64
N ALA A 67 -24.98 20.54 -8.37
CA ALA A 67 -24.43 19.65 -9.39
C ALA A 67 -25.12 18.31 -9.26
N VAL A 68 -25.93 17.96 -10.26
CA VAL A 68 -26.74 16.75 -10.19
C VAL A 68 -25.90 15.53 -10.52
N ALA A 69 -26.40 14.35 -10.11
CA ALA A 69 -25.76 13.07 -10.34
C ALA A 69 -26.56 12.25 -11.35
N PRO A 70 -25.89 11.42 -12.16
CA PRO A 70 -26.59 10.74 -13.26
C PRO A 70 -27.50 9.63 -12.75
N ASP A 71 -28.80 9.78 -13.01
CA ASP A 71 -29.79 8.72 -12.82
C ASP A 71 -29.84 8.24 -11.36
N ALA A 72 -30.09 9.19 -10.45
CA ALA A 72 -30.20 8.83 -9.04
C ALA A 72 -31.43 7.96 -8.77
N ALA A 73 -32.56 8.28 -9.42
CA ALA A 73 -33.82 7.62 -9.15
C ALA A 73 -34.47 6.99 -10.37
N LEU A 74 -34.37 7.63 -11.54
CA LEU A 74 -35.06 7.13 -12.72
C LEU A 74 -34.55 5.74 -13.13
N ALA A 75 -33.24 5.53 -13.08
CA ALA A 75 -32.67 4.26 -13.49
C ALA A 75 -33.14 3.12 -12.61
N SER A 76 -33.21 3.35 -11.29
CA SER A 76 -33.53 2.27 -10.36
C SER A 76 -34.91 1.68 -10.65
N VAL A 77 -35.88 2.52 -10.96
CA VAL A 77 -37.24 2.04 -11.26
C VAL A 77 -37.34 1.58 -12.70
N ALA A 78 -36.73 2.32 -13.63
CA ALA A 78 -36.85 2.00 -15.04
C ALA A 78 -36.24 0.65 -15.39
N SER A 79 -35.05 0.34 -14.86
CA SER A 79 -34.45 -0.96 -15.13
C SER A 79 -35.25 -2.10 -14.50
N ALA A 80 -35.77 -1.87 -13.29
CA ALA A 80 -36.53 -2.91 -12.61
C ALA A 80 -37.82 -3.22 -13.35
N ILE A 81 -38.51 -2.20 -13.86
CA ILE A 81 -39.75 -2.44 -14.60
C ILE A 81 -39.46 -3.26 -15.86
N ILE A 82 -38.40 -2.91 -16.58
CA ILE A 82 -38.05 -3.66 -17.79
C ILE A 82 -37.68 -5.10 -17.43
N LEU A 83 -36.97 -5.28 -16.30
CA LEU A 83 -36.59 -6.63 -15.88
C LEU A 83 -37.82 -7.47 -15.55
N VAL A 84 -38.80 -6.88 -14.86
CA VAL A 84 -39.96 -7.67 -14.43
C VAL A 84 -40.98 -7.88 -15.54
N LEU A 85 -41.08 -6.95 -16.50
CA LEU A 85 -42.07 -7.11 -17.56
C LEU A 85 -41.65 -8.15 -18.60
N GLY A 86 -40.38 -8.21 -18.93
CA GLY A 86 -39.88 -9.09 -19.97
C GLY A 86 -39.44 -10.46 -19.52
N GLY A 87 -39.72 -10.84 -18.28
CA GLY A 87 -39.26 -12.13 -17.80
C GLY A 87 -37.76 -12.11 -17.55
N GLN A 88 -37.20 -13.32 -17.44
CA GLN A 88 -35.77 -13.51 -17.18
C GLN A 88 -35.35 -12.73 -15.94
N GLY A 89 -35.91 -13.13 -14.80
CA GLY A 89 -35.68 -12.39 -13.56
C GLY A 89 -34.22 -12.32 -13.18
N VAL A 90 -33.49 -13.42 -13.36
CA VAL A 90 -32.07 -13.45 -13.07
C VAL A 90 -31.22 -13.30 -14.34
N ALA A 91 -31.69 -13.83 -15.47
CA ALA A 91 -30.93 -13.73 -16.71
C ALA A 91 -30.98 -12.33 -17.32
N GLY A 92 -32.04 -11.58 -17.06
CA GLY A 92 -32.18 -10.24 -17.60
C GLY A 92 -31.53 -9.14 -16.78
N ILE A 93 -30.81 -9.49 -15.71
CA ILE A 93 -30.14 -8.47 -14.90
C ILE A 93 -29.12 -7.67 -15.72
N PRO A 94 -28.21 -8.29 -16.48
CA PRO A 94 -27.31 -7.47 -17.31
C PRO A 94 -28.04 -6.63 -18.34
N SER A 95 -29.15 -7.15 -18.88
CA SER A 95 -29.93 -6.36 -19.83
C SER A 95 -30.49 -5.11 -19.18
N ALA A 96 -30.99 -5.22 -17.95
CA ALA A 96 -31.51 -4.05 -17.25
C ALA A 96 -30.40 -3.10 -16.82
N ILE A 97 -29.23 -3.64 -16.45
CA ILE A 97 -28.13 -2.78 -16.04
C ILE A 97 -27.49 -2.09 -17.23
N ALA A 98 -27.65 -2.64 -18.44
CA ALA A 98 -27.18 -2.00 -19.65
C ALA A 98 -28.16 -0.96 -20.19
N ILE A 99 -29.36 -0.88 -19.61
CA ILE A 99 -30.33 0.14 -19.97
C ILE A 99 -30.44 1.23 -18.91
N ALA A 100 -30.23 0.90 -17.64
CA ALA A 100 -30.31 1.91 -16.59
C ALA A 100 -29.24 2.99 -16.75
N ILE A 101 -28.02 2.58 -17.04
CA ILE A 101 -26.88 3.50 -17.14
C ILE A 101 -27.06 4.51 -18.28
N PRO A 102 -27.40 4.10 -19.50
CA PRO A 102 -27.51 5.08 -20.60
C PRO A 102 -28.77 5.95 -20.55
N LEU A 103 -29.49 5.97 -19.44
CA LEU A 103 -30.66 6.84 -19.30
C LEU A 103 -30.29 8.22 -18.79
N ALA A 104 -29.00 8.51 -18.63
CA ALA A 104 -28.58 9.84 -18.18
C ALA A 104 -29.01 10.91 -19.18
N VAL A 105 -29.09 10.56 -20.47
CA VAL A 105 -29.57 11.50 -21.47
C VAL A 105 -31.04 11.85 -21.21
N ALA A 106 -31.81 10.90 -20.70
CA ALA A 106 -33.20 11.15 -20.34
C ALA A 106 -33.41 11.24 -18.84
N GLY A 107 -32.35 11.16 -18.04
CA GLY A 107 -32.48 11.23 -16.60
C GLY A 107 -31.94 12.50 -15.98
N LEU A 108 -30.84 13.02 -16.54
CA LEU A 108 -30.24 14.23 -15.98
C LEU A 108 -31.00 15.48 -16.41
N PHE A 109 -31.22 15.64 -17.72
CA PHE A 109 -31.95 16.80 -18.20
C PHE A 109 -33.37 16.78 -17.67
N LEU A 110 -33.96 15.59 -17.52
CA LEU A 110 -35.32 15.48 -17.02
C LEU A 110 -35.45 16.01 -15.61
N THR A 111 -34.42 15.86 -14.77
CA THR A 111 -34.49 16.45 -13.45
C THR A 111 -34.05 17.91 -13.44
N MET A 112 -33.11 18.30 -14.31
CA MET A 112 -32.68 19.69 -14.34
C MET A 112 -33.80 20.62 -14.76
N ILE A 113 -34.62 20.20 -15.73
CA ILE A 113 -35.73 21.04 -16.15
C ILE A 113 -36.75 21.18 -15.02
N VAL A 114 -36.95 20.12 -14.24
CA VAL A 114 -37.88 20.20 -13.12
C VAL A 114 -37.34 21.11 -12.02
N ARG A 115 -36.05 21.03 -11.74
CA ARG A 115 -35.45 21.93 -10.74
C ARG A 115 -35.53 23.38 -11.18
N THR A 116 -35.32 23.65 -12.47
CA THR A 116 -35.38 25.03 -12.94
C THR A 116 -36.81 25.52 -13.18
N LEU A 117 -37.79 24.61 -13.22
CA LEU A 117 -39.18 25.02 -13.34
C LEU A 117 -39.75 25.57 -12.04
N ALA A 118 -39.03 25.46 -10.92
CA ALA A 118 -39.52 25.88 -9.63
C ALA A 118 -39.18 27.34 -9.31
N VAL A 119 -38.54 28.07 -10.23
CA VAL A 119 -38.32 29.49 -10.01
C VAL A 119 -39.63 30.27 -9.92
N PRO A 120 -40.60 30.07 -10.81
CA PRO A 120 -41.92 30.70 -10.57
C PRO A 120 -42.55 30.25 -9.28
N ILE A 121 -42.28 29.02 -8.82
CA ILE A 121 -42.86 28.55 -7.57
C ILE A 121 -42.37 29.39 -6.40
N VAL A 122 -41.05 29.60 -6.30
CA VAL A 122 -40.54 30.40 -5.20
C VAL A 122 -40.91 31.87 -5.38
N HIS A 123 -41.03 32.33 -6.62
CA HIS A 123 -41.48 33.71 -6.84
C HIS A 123 -42.90 33.91 -6.32
N LEU A 124 -43.80 32.96 -6.62
CA LEU A 124 -45.16 33.06 -6.10
C LEU A 124 -45.19 32.87 -4.59
N MET A 125 -44.26 32.06 -4.06
CA MET A 125 -44.14 31.91 -2.62
C MET A 125 -43.81 33.23 -1.96
N ASP A 126 -42.84 33.97 -2.51
CA ASP A 126 -42.53 35.30 -1.99
C ASP A 126 -43.70 36.26 -2.18
N ARG A 127 -44.39 36.16 -3.33
CA ARG A 127 -45.54 37.02 -3.59
C ARG A 127 -46.61 36.85 -2.52
N ALA A 128 -46.92 35.59 -2.17
CA ALA A 128 -47.83 35.34 -1.05
C ALA A 128 -47.18 35.66 0.29
N ALA A 129 -45.85 35.74 0.34
CA ALA A 129 -45.17 36.04 1.60
C ALA A 129 -45.30 37.51 1.98
N GLU A 130 -45.38 38.42 0.99
CA GLU A 130 -45.57 39.83 1.34
C GLU A 130 -46.87 40.04 2.11
N LYS A 131 -47.96 39.43 1.66
CA LYS A 131 -49.23 39.58 2.37
C LYS A 131 -49.28 38.79 3.67
N GLY A 132 -48.29 37.91 3.91
CA GLY A 132 -48.24 37.19 5.17
C GLY A 132 -49.18 36.01 5.27
N ASN A 133 -49.71 35.51 4.15
CA ASN A 133 -50.56 34.33 4.16
C ASN A 133 -49.62 33.13 4.26
N ILE A 134 -49.33 32.74 5.50
CA ILE A 134 -48.38 31.66 5.76
C ILE A 134 -49.00 30.27 5.59
N ARG A 135 -50.28 30.19 5.28
CA ARG A 135 -50.91 28.92 4.96
C ARG A 135 -50.71 28.52 3.50
N SER A 136 -50.25 29.45 2.66
CA SER A 136 -50.04 29.14 1.25
C SER A 136 -48.64 28.65 0.95
N VAL A 137 -47.64 29.06 1.75
CA VAL A 137 -46.30 28.53 1.58
C VAL A 137 -46.26 27.04 1.91
N GLU A 138 -46.97 26.63 2.97
CA GLU A 138 -47.03 25.23 3.35
C GLU A 138 -47.95 24.42 2.44
N TRP A 139 -48.52 25.03 1.40
CA TRP A 139 -49.15 24.30 0.32
C TRP A 139 -48.28 24.29 -0.94
N LEU A 140 -47.61 25.42 -1.19
CA LEU A 140 -46.72 25.52 -2.35
C LEU A 140 -45.53 24.57 -2.23
N HIS A 141 -45.05 24.36 -1.01
CA HIS A 141 -43.92 23.44 -0.83
C HIS A 141 -44.29 22.02 -1.25
N ILE A 142 -45.44 21.52 -0.78
CA ILE A 142 -45.87 20.19 -1.18
C ILE A 142 -46.27 20.15 -2.66
N SER A 143 -46.76 21.26 -3.21
CA SER A 143 -46.99 21.29 -4.65
C SER A 143 -45.68 21.11 -5.41
N ALA A 144 -44.61 21.76 -4.95
CA ALA A 144 -43.31 21.57 -5.56
C ALA A 144 -42.83 20.13 -5.40
N ILE A 145 -43.06 19.54 -4.24
CA ILE A 145 -42.64 18.16 -4.01
C ILE A 145 -43.38 17.21 -4.96
N CYS A 146 -44.68 17.40 -5.12
CA CYS A 146 -45.44 16.54 -6.02
C CYS A 146 -45.00 16.74 -7.47
N MET A 147 -44.71 17.99 -7.85
CA MET A 147 -44.16 18.24 -9.18
C MET A 147 -42.85 17.50 -9.37
N GLN A 148 -42.02 17.46 -8.33
CA GLN A 148 -40.78 16.68 -8.40
C GLN A 148 -41.07 15.20 -8.56
N GLY A 149 -42.11 14.71 -7.89
CA GLY A 149 -42.46 13.30 -8.02
C GLY A 149 -43.02 12.94 -9.39
N ILE A 150 -43.60 13.92 -10.09
CA ILE A 150 -44.20 13.66 -11.40
C ILE A 150 -43.15 13.14 -12.38
N ARG A 151 -41.92 13.65 -12.31
CA ARG A 151 -40.91 13.28 -13.30
C ARG A 151 -40.58 11.80 -13.27
N ILE A 152 -40.92 11.09 -12.19
CA ILE A 152 -40.70 9.66 -12.10
C ILE A 152 -42.04 8.95 -12.23
N ALA A 153 -43.11 9.60 -11.78
CA ALA A 153 -44.43 9.00 -11.87
C ALA A 153 -44.86 8.79 -13.32
N ILE A 154 -44.63 9.78 -14.17
CA ILE A 154 -45.06 9.71 -15.57
C ILE A 154 -44.33 8.61 -16.34
N PRO A 155 -42.99 8.57 -16.35
CA PRO A 155 -42.32 7.50 -17.12
C PRO A 155 -42.61 6.11 -16.61
N ALA A 156 -42.79 5.95 -15.30
CA ALA A 156 -43.12 4.64 -14.74
C ALA A 156 -44.46 4.16 -15.28
N ALA A 157 -45.46 5.03 -15.29
CA ALA A 157 -46.75 4.67 -15.85
C ALA A 157 -46.66 4.42 -17.35
N ALA A 158 -45.83 5.20 -18.06
CA ALA A 158 -45.69 5.01 -19.50
C ALA A 158 -45.07 3.67 -19.84
N LEU A 159 -44.09 3.23 -19.05
CA LEU A 159 -43.39 1.99 -19.36
C LEU A 159 -44.31 0.78 -19.38
N LEU A 160 -45.35 0.77 -18.53
CA LEU A 160 -46.27 -0.36 -18.51
C LEU A 160 -47.06 -0.46 -19.82
N PHE A 161 -47.49 0.67 -20.38
CA PHE A 161 -48.36 0.67 -21.54
C PHE A 161 -47.60 0.85 -22.85
N ILE A 162 -46.34 0.44 -22.88
CA ILE A 162 -45.52 0.43 -24.11
C ILE A 162 -44.87 -0.93 -24.21
N PRO A 163 -44.25 -1.28 -25.34
CA PRO A 163 -43.50 -2.54 -25.41
C PRO A 163 -42.46 -2.62 -24.30
N ALA A 164 -42.31 -3.82 -23.74
CA ALA A 164 -41.50 -4.06 -22.54
C ALA A 164 -39.99 -3.88 -22.77
N ASP A 165 -39.51 -3.50 -23.95
CA ASP A 165 -38.07 -3.32 -24.12
C ASP A 165 -37.65 -1.86 -24.02
N SER A 166 -38.37 -0.96 -24.70
CA SER A 166 -38.11 0.48 -24.64
C SER A 166 -36.66 0.82 -25.00
N VAL A 167 -36.12 0.17 -26.03
CA VAL A 167 -34.75 0.41 -26.45
C VAL A 167 -34.81 1.14 -27.80
N GLN A 168 -36.01 1.56 -28.17
CA GLN A 168 -36.21 2.21 -29.47
C GLN A 168 -36.47 3.71 -29.29
N SER A 169 -37.47 4.05 -28.49
CA SER A 169 -37.85 5.45 -28.24
C SER A 169 -38.20 6.16 -29.54
N PHE A 170 -39.24 5.70 -30.23
CA PHE A 170 -39.75 6.30 -31.46
C PHE A 170 -38.71 6.28 -32.57
N LEU A 171 -37.64 7.07 -32.42
CA LEU A 171 -36.58 7.14 -33.40
C LEU A 171 -35.39 6.33 -32.88
N GLU A 172 -34.71 5.64 -33.79
CA GLU A 172 -33.72 4.63 -33.43
C GLU A 172 -32.43 5.32 -32.98
N ALA A 173 -32.53 6.61 -32.65
CA ALA A 173 -31.44 7.44 -32.14
C ALA A 173 -30.48 7.79 -33.27
N MET A 174 -29.91 8.99 -33.22
CA MET A 174 -28.94 9.50 -34.18
C MET A 174 -27.90 8.43 -34.52
N PRO A 175 -27.38 8.42 -35.75
CA PRO A 175 -26.64 7.24 -36.22
C PRO A 175 -25.35 6.98 -35.45
N ALA A 176 -25.51 6.42 -34.25
CA ALA A 176 -24.41 5.82 -33.48
C ALA A 176 -23.37 6.83 -33.03
N TRP A 177 -23.69 8.12 -33.09
CA TRP A 177 -22.78 9.14 -32.56
C TRP A 177 -23.34 9.85 -31.35
N LEU A 178 -24.67 9.95 -31.23
CA LEU A 178 -25.27 10.58 -30.05
C LEU A 178 -25.44 9.60 -28.91
N THR A 179 -25.89 8.38 -29.20
CA THR A 179 -26.23 7.43 -28.15
C THR A 179 -25.00 6.99 -27.35
N ASP A 180 -23.82 6.96 -27.98
CA ASP A 180 -22.61 6.62 -27.26
C ASP A 180 -21.89 7.85 -26.74
N GLY A 181 -22.02 8.99 -27.43
CA GLY A 181 -21.45 10.21 -26.89
C GLY A 181 -22.08 10.62 -25.58
N MET A 182 -23.42 10.51 -25.49
CA MET A 182 -24.10 10.79 -24.23
C MET A 182 -23.65 9.81 -23.15
N ALA A 183 -23.48 8.54 -23.50
CA ALA A 183 -23.05 7.54 -22.54
C ALA A 183 -21.67 7.86 -21.98
N ILE A 184 -20.71 8.16 -22.88
CA ILE A 184 -19.36 8.47 -22.42
C ILE A 184 -19.31 9.79 -21.67
N GLY A 185 -20.20 10.73 -21.98
CA GLY A 185 -20.28 11.95 -21.20
C GLY A 185 -20.93 11.75 -19.85
N GLY A 186 -21.74 10.70 -19.71
CA GLY A 186 -22.37 10.43 -18.42
C GLY A 186 -21.39 9.93 -17.38
N GLY A 187 -20.28 9.35 -17.81
CA GLY A 187 -19.23 8.91 -16.91
C GLY A 187 -18.26 9.99 -16.50
N MET A 188 -18.47 11.22 -16.96
CA MET A 188 -17.60 12.35 -16.63
C MET A 188 -18.26 13.39 -15.75
N VAL A 189 -19.59 13.43 -15.71
CA VAL A 189 -20.29 14.50 -14.99
C VAL A 189 -20.02 14.39 -13.49
N VAL A 190 -19.88 13.18 -12.96
CA VAL A 190 -19.66 13.01 -11.52
C VAL A 190 -18.41 13.74 -11.08
N ALA A 191 -17.43 13.86 -11.97
CA ALA A 191 -16.21 14.61 -11.66
C ALA A 191 -16.54 16.02 -11.20
N VAL A 192 -17.45 16.69 -11.91
CA VAL A 192 -17.89 18.02 -11.50
C VAL A 192 -18.43 17.97 -10.07
N GLY A 193 -19.27 16.97 -9.79
CA GLY A 193 -19.76 16.79 -8.44
C GLY A 193 -18.64 16.62 -7.44
N TYR A 194 -17.60 15.85 -7.81
CA TYR A 194 -16.44 15.77 -6.96
C TYR A 194 -15.70 17.11 -6.93
N ALA A 195 -15.57 17.75 -8.10
CA ALA A 195 -14.74 18.94 -8.20
C ALA A 195 -15.18 20.01 -7.22
N LEU A 196 -16.49 20.12 -6.97
CA LEU A 196 -16.96 21.09 -5.99
C LEU A 196 -16.58 20.70 -4.57
N VAL A 197 -16.82 19.45 -4.19
CA VAL A 197 -16.60 19.07 -2.80
C VAL A 197 -15.10 19.06 -2.48
N ILE A 198 -14.27 18.64 -3.44
CA ILE A 198 -12.83 18.78 -3.28
C ILE A 198 -12.46 20.24 -3.15
N ASN A 199 -13.16 21.11 -3.89
CA ASN A 199 -12.96 22.54 -3.71
C ASN A 199 -13.52 23.01 -2.37
N MET A 200 -14.55 22.34 -1.87
CA MET A 200 -15.15 22.74 -0.60
C MET A 200 -14.16 22.60 0.56
N MET A 201 -13.38 21.53 0.59
CA MET A 201 -12.36 21.34 1.61
C MET A 201 -11.04 21.07 0.90
N ALA A 202 -10.10 22.02 1.01
CA ALA A 202 -8.82 21.89 0.33
C ALA A 202 -7.81 22.78 1.08
N THR A 203 -6.96 22.15 1.88
CA THR A 203 -5.90 22.84 2.58
C THR A 203 -4.57 22.17 2.25
N LYS A 204 -3.47 22.90 2.49
CA LYS A 204 -2.16 22.34 2.26
C LYS A 204 -1.82 21.21 3.21
N GLU A 205 -2.62 21.02 4.27
CA GLU A 205 -2.41 19.95 5.22
C GLU A 205 -3.04 18.64 4.79
N VAL A 206 -4.03 18.66 3.89
CA VAL A 206 -4.75 17.47 3.50
C VAL A 206 -4.49 17.04 2.07
N TRP A 207 -3.83 17.86 1.27
CA TRP A 207 -3.50 17.47 -0.10
C TRP A 207 -2.64 16.21 -0.17
N PRO A 208 -1.60 16.02 0.66
CA PRO A 208 -0.86 14.75 0.61
C PRO A 208 -1.75 13.54 0.85
N PHE A 209 -2.78 13.66 1.69
CA PHE A 209 -3.72 12.57 1.85
C PHE A 209 -4.49 12.30 0.57
N PHE A 210 -4.84 13.36 -0.17
CA PHE A 210 -5.44 13.17 -1.49
C PHE A 210 -4.50 12.42 -2.41
N VAL A 211 -3.21 12.76 -2.39
CA VAL A 211 -2.24 12.07 -3.24
C VAL A 211 -2.15 10.59 -2.85
N ILE A 212 -2.08 10.32 -1.55
CA ILE A 212 -1.98 8.93 -1.08
C ILE A 212 -3.21 8.15 -1.50
N GLY A 213 -4.40 8.74 -1.32
CA GLY A 213 -5.62 8.05 -1.72
C GLY A 213 -5.69 7.81 -3.22
N PHE A 214 -5.21 8.77 -4.00
CA PHE A 214 -5.21 8.60 -5.46
C PHE A 214 -4.15 7.61 -5.92
N VAL A 215 -3.15 7.34 -5.08
CA VAL A 215 -2.14 6.36 -5.45
C VAL A 215 -2.56 4.96 -5.05
N VAL A 216 -3.02 4.78 -3.81
CA VAL A 216 -3.27 3.46 -3.24
C VAL A 216 -4.56 2.88 -3.78
N ALA A 217 -5.24 3.60 -4.67
CA ALA A 217 -6.46 3.11 -5.32
C ALA A 217 -6.16 2.40 -6.63
N ALA A 218 -5.00 1.76 -6.72
CA ALA A 218 -4.51 1.16 -7.96
C ALA A 218 -5.19 -0.20 -8.18
N ILE A 219 -4.65 -0.99 -9.10
CA ILE A 219 -5.35 -2.09 -9.76
C ILE A 219 -5.89 -3.16 -8.81
N SER A 220 -7.21 -3.25 -8.74
CA SER A 220 -7.95 -4.48 -8.45
C SER A 220 -7.51 -5.26 -7.22
N GLN A 221 -6.91 -4.60 -6.23
CA GLN A 221 -6.54 -5.32 -5.03
C GLN A 221 -7.35 -4.85 -3.82
N LEU A 222 -7.47 -3.52 -3.68
CA LEU A 222 -8.20 -2.94 -2.56
C LEU A 222 -9.61 -2.59 -3.01
N THR A 223 -10.61 -3.01 -2.24
CA THR A 223 -11.98 -2.65 -2.54
C THR A 223 -12.27 -1.25 -2.02
N LEU A 224 -13.48 -0.75 -2.34
CA LEU A 224 -13.87 0.56 -1.87
C LEU A 224 -13.96 0.60 -0.35
N ILE A 225 -14.49 -0.46 0.25
CA ILE A 225 -14.56 -0.52 1.72
C ILE A 225 -13.17 -0.54 2.32
N ALA A 226 -12.24 -1.26 1.68
CA ALA A 226 -10.87 -1.28 2.17
C ALA A 226 -10.24 0.10 2.13
N ILE A 227 -10.47 0.84 1.04
CA ILE A 227 -9.91 2.19 0.93
C ILE A 227 -10.55 3.10 1.97
N GLY A 228 -11.84 2.94 2.21
CA GLY A 228 -12.49 3.74 3.25
C GLY A 228 -11.92 3.46 4.64
N ALA A 229 -11.71 2.18 4.94
CA ALA A 229 -11.11 1.82 6.22
C ALA A 229 -9.68 2.37 6.34
N LEU A 230 -8.93 2.31 5.24
CA LEU A 230 -7.58 2.88 5.23
C LEU A 230 -7.62 4.38 5.49
N GLY A 231 -8.56 5.09 4.87
CA GLY A 231 -8.69 6.50 5.11
C GLY A 231 -9.06 6.83 6.55
N VAL A 232 -9.98 6.04 7.12
CA VAL A 232 -10.35 6.25 8.52
C VAL A 232 -9.15 6.02 9.43
N ALA A 233 -8.38 4.96 9.17
CA ALA A 233 -7.22 4.67 10.00
C ALA A 233 -6.17 5.77 9.89
N LEU A 234 -5.91 6.25 8.67
CA LEU A 234 -4.95 7.34 8.50
C LEU A 234 -5.41 8.60 9.21
N ALA A 235 -6.70 8.93 9.09
CA ALA A 235 -7.22 10.12 9.78
C ALA A 235 -7.10 9.99 11.29
N LEU A 236 -7.42 8.81 11.83
CA LEU A 236 -7.32 8.61 13.27
C LEU A 236 -5.87 8.71 13.75
N ILE A 237 -4.93 8.14 12.99
CA ILE A 237 -3.52 8.24 13.36
C ILE A 237 -3.07 9.70 13.34
N TYR A 238 -3.47 10.43 12.30
CA TYR A 238 -3.09 11.83 12.21
C TYR A 238 -3.65 12.64 13.37
N LEU A 239 -4.90 12.40 13.74
CA LEU A 239 -5.49 13.15 14.85
C LEU A 239 -4.84 12.78 16.17
N ASN A 240 -4.54 11.50 16.39
CA ASN A 240 -3.87 11.11 17.62
C ASN A 240 -2.49 11.74 17.72
N LEU A 241 -1.75 11.78 16.62
CA LEU A 241 -0.45 12.46 16.62
C LEU A 241 -0.61 13.95 16.88
N SER A 242 -1.62 14.59 16.26
CA SER A 242 -1.78 16.02 16.38
C SER A 242 -2.20 16.44 17.78
N LYS A 243 -3.05 15.65 18.45
CA LYS A 243 -3.51 16.03 19.79
C LYS A 243 -2.34 16.21 20.75
N MET A 244 -1.47 15.20 20.83
CA MET A 244 -0.33 15.28 21.73
C MET A 244 0.78 16.15 21.17
N GLY A 245 0.85 16.32 19.84
CA GLY A 245 1.88 17.15 19.26
C GLY A 245 1.65 18.64 19.38
N GLY A 246 0.45 19.05 19.80
CA GLY A 246 0.17 20.47 19.94
C GLY A 246 0.49 20.99 21.33
N GLY A 247 1.53 21.79 21.43
CA GLY A 247 1.94 22.35 22.71
C GLY A 247 3.44 22.62 22.79
N GLU B 6 -43.78 29.55 23.45
CA GLU B 6 -42.61 29.48 24.31
C GLU B 6 -41.68 28.35 23.87
N LEU B 7 -41.87 27.86 22.64
CA LEU B 7 -41.05 26.81 22.05
C LEU B 7 -41.06 25.55 22.91
N SER B 8 -42.24 24.95 22.99
CA SER B 8 -42.39 23.69 23.69
C SER B 8 -41.70 22.56 22.93
N LYS B 9 -41.50 21.44 23.63
CA LYS B 9 -40.78 20.32 23.03
C LYS B 9 -41.53 19.74 21.84
N ARG B 10 -42.86 19.62 21.95
CA ARG B 10 -43.61 19.06 20.83
C ARG B 10 -43.84 20.08 19.72
N ASP B 11 -43.29 21.29 19.83
CA ASP B 11 -43.12 22.16 18.67
C ASP B 11 -41.81 21.92 17.97
N ARG B 12 -40.72 21.73 18.73
CA ARG B 12 -39.45 21.36 18.14
C ARG B 12 -39.53 20.00 17.45
N LEU B 13 -40.36 19.10 17.98
CA LEU B 13 -40.57 17.82 17.30
C LEU B 13 -41.17 18.03 15.92
N ARG B 14 -42.20 18.88 15.82
CA ARG B 14 -42.79 19.18 14.53
C ARG B 14 -41.78 19.86 13.61
N VAL B 15 -40.99 20.79 14.15
CA VAL B 15 -39.99 21.47 13.34
C VAL B 15 -38.98 20.49 12.78
N ALA B 16 -38.50 19.56 13.63
CA ALA B 16 -37.55 18.55 13.17
C ALA B 16 -38.17 17.63 12.13
N TRP B 17 -39.44 17.26 12.31
CA TRP B 17 -40.07 16.40 11.31
C TRP B 17 -40.23 17.10 9.97
N ARG B 18 -40.58 18.38 9.99
CA ARG B 18 -40.67 19.12 8.73
C ARG B 18 -39.29 19.40 8.15
N SER B 19 -38.25 19.36 8.98
CA SER B 19 -36.89 19.50 8.47
C SER B 19 -36.52 18.35 7.53
N THR B 20 -37.21 17.22 7.63
CA THR B 20 -37.03 16.15 6.65
C THR B 20 -37.35 16.61 5.24
N PHE B 21 -38.18 17.63 5.10
CA PHE B 21 -38.53 18.22 3.81
C PHE B 21 -37.77 19.51 3.56
N ILE B 22 -36.51 19.57 4.01
CA ILE B 22 -35.69 20.75 3.79
C ILE B 22 -35.51 21.02 2.29
N GLN B 23 -35.41 19.95 1.50
CA GLN B 23 -35.34 20.08 0.05
C GLN B 23 -36.74 19.97 -0.54
N GLY B 24 -36.83 19.85 -1.85
CA GLY B 24 -38.10 19.75 -2.54
C GLY B 24 -38.46 21.04 -3.25
N SER B 25 -38.25 22.16 -2.57
CA SER B 25 -38.31 23.49 -3.19
C SER B 25 -36.92 23.97 -3.55
N TRP B 26 -36.17 23.14 -4.27
CA TRP B 26 -34.77 23.42 -4.57
C TRP B 26 -34.65 24.18 -5.88
N ASN B 27 -33.92 25.30 -5.85
CA ASN B 27 -33.83 26.19 -6.99
C ASN B 27 -32.37 26.58 -7.20
N TYR B 28 -32.01 26.86 -8.46
CA TYR B 28 -30.67 27.38 -8.73
C TYR B 28 -30.55 28.85 -8.31
N GLU B 29 -31.64 29.62 -8.37
CA GLU B 29 -31.58 31.01 -7.97
C GLU B 29 -31.33 31.13 -6.46
N ARG B 30 -32.24 30.60 -5.66
CA ARG B 30 -32.08 30.50 -4.21
C ARG B 30 -32.20 29.04 -3.83
N MET B 31 -31.09 28.45 -3.39
CA MET B 31 -31.04 27.03 -3.07
C MET B 31 -31.59 26.79 -1.67
N GLN B 32 -32.54 25.86 -1.56
CA GLN B 32 -33.07 25.38 -0.29
C GLN B 32 -33.62 26.52 0.58
N ASN B 33 -34.25 27.52 -0.05
CA ASN B 33 -34.84 28.61 0.72
C ASN B 33 -36.29 28.33 1.09
N GLY B 34 -37.09 27.86 0.13
CA GLY B 34 -38.48 27.54 0.42
C GLY B 34 -38.61 26.39 1.40
N GLY B 35 -37.74 25.38 1.26
CA GLY B 35 -37.74 24.29 2.22
C GLY B 35 -37.36 24.73 3.61
N TRP B 36 -36.40 25.65 3.72
CA TRP B 36 -36.03 26.19 5.03
C TRP B 36 -37.19 26.97 5.64
N ALA B 37 -37.90 27.75 4.82
CA ALA B 37 -39.07 28.46 5.31
C ALA B 37 -40.15 27.49 5.77
N PHE B 38 -40.35 26.42 5.01
CA PHE B 38 -41.37 25.43 5.36
C PHE B 38 -41.05 24.73 6.67
N SER B 39 -39.77 24.57 6.99
CA SER B 39 -39.37 23.89 8.22
C SER B 39 -39.50 24.77 9.45
N MET B 40 -39.72 26.09 9.28
CA MET B 40 -39.88 27.01 10.39
C MET B 40 -41.30 27.49 10.56
N ILE B 41 -42.25 26.93 9.80
CA ILE B 41 -43.63 27.45 9.83
C ILE B 41 -44.28 27.31 11.21
N PRO B 42 -44.25 26.14 11.87
CA PRO B 42 -44.89 26.05 13.19
C PRO B 42 -44.29 26.99 14.22
N ALA B 43 -42.97 27.19 14.18
CA ALA B 43 -42.33 28.10 15.12
C ALA B 43 -42.80 29.53 14.92
N ILE B 44 -42.95 29.95 13.65
CA ILE B 44 -43.48 31.27 13.37
C ILE B 44 -44.94 31.36 13.78
N LYS B 45 -45.69 30.27 13.59
CA LYS B 45 -47.09 30.25 13.97
C LYS B 45 -47.26 30.48 15.47
N LYS B 46 -46.48 29.75 16.28
CA LYS B 46 -46.71 29.78 17.72
C LYS B 46 -46.28 31.11 18.35
N LEU B 47 -45.11 31.62 17.96
CA LEU B 47 -44.51 32.69 18.73
C LEU B 47 -44.97 34.07 18.26
N TYR B 48 -45.30 34.21 16.97
CA TYR B 48 -45.75 35.47 16.43
C TYR B 48 -47.28 35.56 16.49
N LYS B 49 -47.81 36.74 16.16
CA LYS B 49 -49.25 36.96 16.23
C LYS B 49 -49.63 38.14 15.35
N THR B 50 -50.93 38.21 15.05
CA THR B 50 -51.67 39.32 14.42
C THR B 50 -51.00 39.94 13.19
N LYS B 51 -50.14 39.18 12.52
CA LYS B 51 -49.86 39.34 11.09
C LYS B 51 -48.96 40.53 10.71
N GLU B 52 -48.60 41.42 11.64
CA GLU B 52 -47.66 42.47 11.23
C GLU B 52 -46.27 41.91 10.96
N ASP B 53 -45.79 41.00 11.81
CA ASP B 53 -44.44 40.48 11.70
C ASP B 53 -44.35 39.12 11.05
N ARG B 54 -45.47 38.51 10.66
CA ARG B 54 -45.43 37.26 9.91
C ARG B 54 -44.80 37.49 8.54
N SER B 55 -45.15 38.59 7.88
CA SER B 55 -44.56 38.92 6.59
C SER B 55 -43.06 39.17 6.71
N SER B 56 -42.65 39.88 7.77
CA SER B 56 -41.23 40.07 8.02
C SER B 56 -40.53 38.74 8.25
N ALA B 57 -41.19 37.83 8.97
CA ALA B 57 -40.62 36.50 9.19
C ALA B 57 -40.44 35.75 7.88
N LEU B 58 -41.46 35.81 7.00
CA LEU B 58 -41.36 35.13 5.72
C LEU B 58 -40.23 35.71 4.87
N LYS B 59 -40.10 37.04 4.86
CA LYS B 59 -38.97 37.66 4.17
C LYS B 59 -37.65 37.25 4.79
N ARG B 60 -37.63 37.06 6.11
CA ARG B 60 -36.41 36.80 6.86
C ARG B 60 -36.01 35.32 6.85
N HIS B 61 -36.90 34.44 6.39
CA HIS B 61 -36.60 33.01 6.32
C HIS B 61 -36.76 32.47 4.90
N LEU B 62 -36.60 33.33 3.90
CA LEU B 62 -36.67 32.92 2.50
C LEU B 62 -35.46 33.38 1.70
N GLU B 63 -34.36 33.69 2.36
CA GLU B 63 -33.14 34.11 1.68
C GLU B 63 -32.31 32.89 1.30
N PHE B 64 -31.12 33.14 0.77
CA PHE B 64 -30.24 32.06 0.33
C PHE B 64 -29.77 31.24 1.53
N PHE B 65 -29.97 29.92 1.44
CA PHE B 65 -29.47 29.01 2.47
C PHE B 65 -29.31 27.61 1.86
N ASN B 66 -28.09 27.26 1.50
CA ASN B 66 -27.77 25.92 1.01
C ASN B 66 -26.73 25.28 1.93
N THR B 67 -27.01 24.07 2.37
CA THR B 67 -26.08 23.27 3.16
C THR B 67 -26.46 21.81 2.96
N HIS B 68 -25.79 20.93 3.70
CA HIS B 68 -26.13 19.52 3.65
C HIS B 68 -27.49 19.31 4.32
N PRO B 69 -28.39 18.54 3.70
CA PRO B 69 -29.74 18.41 4.26
C PRO B 69 -29.76 17.85 5.68
N TYR B 70 -28.88 16.91 5.99
CA TYR B 70 -28.93 16.27 7.30
C TYR B 70 -28.32 17.16 8.37
N ILE B 71 -27.11 17.67 8.14
CA ILE B 71 -26.49 18.61 9.09
C ILE B 71 -26.97 19.99 8.67
N ALA B 72 -28.20 20.31 9.07
CA ALA B 72 -28.76 21.64 8.99
C ALA B 72 -29.61 21.98 10.21
N SER B 73 -29.95 20.98 11.02
CA SER B 73 -30.70 21.13 12.25
C SER B 73 -29.95 21.94 13.31
N PRO B 74 -28.60 21.97 13.32
CA PRO B 74 -27.94 22.96 14.19
C PRO B 74 -28.37 24.38 13.89
N ILE B 75 -28.48 24.74 12.60
CA ILE B 75 -28.98 26.06 12.24
C ILE B 75 -30.43 26.23 12.69
N LEU B 76 -31.24 25.19 12.47
CA LEU B 76 -32.65 25.24 12.85
C LEU B 76 -32.84 25.32 14.35
N GLY B 77 -31.84 24.94 15.14
CA GLY B 77 -31.91 25.06 16.57
C GLY B 77 -31.40 26.40 17.07
N VAL B 78 -30.31 26.88 16.46
CA VAL B 78 -29.78 28.19 16.83
C VAL B 78 -30.78 29.29 16.50
N THR B 79 -31.44 29.20 15.34
CA THR B 79 -32.42 30.22 14.99
C THR B 79 -33.59 30.22 15.98
N LEU B 80 -34.05 29.05 16.41
CA LEU B 80 -35.09 28.98 17.41
C LEU B 80 -34.64 29.55 18.74
N ALA B 81 -33.41 29.23 19.16
CA ALA B 81 -32.89 29.75 20.41
C ALA B 81 -32.81 31.27 20.40
N LEU B 82 -32.38 31.84 19.28
CA LEU B 82 -32.26 33.29 19.19
C LEU B 82 -33.63 33.96 19.08
N GLU B 83 -34.55 33.35 18.33
CA GLU B 83 -35.87 33.95 18.16
C GLU B 83 -36.71 33.89 19.43
N GLU B 84 -36.61 32.78 20.18
CA GLU B 84 -37.41 32.66 21.39
C GLU B 84 -36.97 33.65 22.46
N GLU B 85 -35.77 34.20 22.33
CA GLU B 85 -35.24 35.14 23.30
C GLU B 85 -35.29 36.59 22.82
N ARG B 86 -35.19 36.83 21.51
CA ARG B 86 -35.20 38.21 21.02
C ARG B 86 -36.59 38.82 21.08
N ALA B 87 -37.64 38.03 20.84
CA ALA B 87 -38.99 38.56 20.94
C ALA B 87 -39.38 38.77 22.40
N ASN B 88 -39.01 37.83 23.27
CA ASN B 88 -39.25 37.96 24.71
C ASN B 88 -38.06 38.67 25.33
N GLY B 89 -38.05 39.99 25.19
CA GLY B 89 -36.94 40.79 25.70
C GLY B 89 -36.57 41.94 24.79
N ALA B 90 -37.22 42.03 23.64
CA ALA B 90 -36.99 43.11 22.68
C ALA B 90 -35.52 43.20 22.28
N GLU B 91 -34.92 42.04 22.01
CA GLU B 91 -33.53 41.95 21.56
C GLU B 91 -33.47 41.68 20.06
N VAL B 92 -34.37 42.33 19.30
CA VAL B 92 -34.44 42.11 17.86
C VAL B 92 -33.12 42.54 17.22
N ASP B 93 -32.55 41.63 16.42
CA ASP B 93 -31.26 41.85 15.79
C ASP B 93 -31.34 41.82 14.27
N ASP B 94 -32.04 40.83 13.71
CA ASP B 94 -32.45 40.64 12.31
C ASP B 94 -31.27 40.75 11.35
N VAL B 95 -30.05 40.79 11.89
CA VAL B 95 -28.85 40.57 11.09
C VAL B 95 -27.90 39.57 11.74
N ALA B 96 -27.95 39.41 13.06
CA ALA B 96 -27.12 38.40 13.72
C ALA B 96 -27.70 37.01 13.54
N ILE B 97 -29.02 36.90 13.48
CA ILE B 97 -29.64 35.62 13.16
C ILE B 97 -29.38 35.20 11.73
N GLN B 98 -29.07 36.14 10.84
CA GLN B 98 -28.57 35.86 9.50
C GLN B 98 -27.06 35.65 9.48
N GLY B 99 -26.33 36.40 10.30
CA GLY B 99 -24.90 36.19 10.39
C GLY B 99 -24.54 34.82 10.90
N VAL B 100 -25.30 34.31 11.88
CA VAL B 100 -25.07 32.96 12.36
C VAL B 100 -25.45 31.93 11.31
N LYS B 101 -26.44 32.22 10.47
CA LYS B 101 -26.78 31.32 9.38
C LYS B 101 -25.64 31.24 8.37
N VAL B 102 -25.12 32.39 7.96
CA VAL B 102 -24.03 32.38 6.96
C VAL B 102 -22.73 31.88 7.55
N GLY B 103 -22.46 32.13 8.83
CA GLY B 103 -21.21 31.70 9.44
C GLY B 103 -21.05 30.20 9.53
N MET B 104 -22.15 29.46 9.66
CA MET B 104 -22.12 28.01 9.71
C MET B 104 -22.55 27.38 8.39
N MET B 105 -22.36 28.10 7.28
CA MET B 105 -22.72 27.63 5.95
C MET B 105 -21.66 26.70 5.38
N GLY B 106 -20.42 27.18 5.29
CA GLY B 106 -19.34 26.45 4.68
C GLY B 106 -18.85 25.26 5.47
N PRO B 107 -18.38 25.50 6.70
CA PRO B 107 -17.83 24.38 7.48
C PRO B 107 -18.79 23.22 7.69
N LEU B 108 -20.06 23.50 7.96
CA LEU B 108 -21.01 22.42 8.15
C LEU B 108 -21.23 21.62 6.87
N ALA B 109 -21.33 22.31 5.73
CA ALA B 109 -21.44 21.60 4.46
C ALA B 109 -20.20 20.75 4.19
N GLY B 110 -19.02 21.29 4.49
CA GLY B 110 -17.78 20.58 4.27
C GLY B 110 -17.56 19.40 5.20
N VAL B 111 -18.17 19.41 6.38
CA VAL B 111 -18.10 18.25 7.28
C VAL B 111 -19.26 17.29 7.09
N GLY B 112 -20.32 17.70 6.39
CA GLY B 112 -21.45 16.82 6.19
C GLY B 112 -21.47 16.11 4.84
N ASP B 113 -21.07 16.81 3.78
CA ASP B 113 -21.12 16.20 2.45
C ASP B 113 -20.24 14.96 2.33
N PRO B 114 -18.95 14.97 2.71
CA PRO B 114 -18.15 13.74 2.57
C PRO B 114 -18.62 12.64 3.50
N VAL B 115 -18.88 12.97 4.77
CA VAL B 115 -19.21 11.97 5.77
C VAL B 115 -20.47 11.21 5.38
N PHE B 116 -21.49 11.93 4.93
CA PHE B 116 -22.75 11.27 4.60
C PHE B 116 -22.77 10.74 3.18
N TRP B 117 -22.41 11.56 2.21
CA TRP B 117 -22.56 11.15 0.81
C TRP B 117 -21.48 10.17 0.38
N PHE B 118 -20.24 10.37 0.83
CA PHE B 118 -19.11 9.63 0.31
C PHE B 118 -18.41 8.77 1.34
N THR B 119 -18.89 8.74 2.58
CA THR B 119 -18.32 7.86 3.60
C THR B 119 -19.33 6.84 4.12
N ILE B 120 -20.48 7.29 4.59
CA ILE B 120 -21.49 6.39 5.15
C ILE B 120 -22.37 5.79 4.06
N ARG B 121 -22.76 6.60 3.07
CA ARG B 121 -23.52 6.07 1.94
C ARG B 121 -22.81 4.93 1.23
N PRO B 122 -21.54 5.06 0.81
CA PRO B 122 -20.91 3.93 0.10
C PRO B 122 -20.76 2.69 0.97
N MET B 123 -20.38 2.86 2.24
CA MET B 123 -20.19 1.71 3.11
C MET B 123 -21.50 0.98 3.36
N LEU B 124 -22.59 1.71 3.64
CA LEU B 124 -23.86 1.04 3.86
C LEU B 124 -24.41 0.45 2.56
N GLY B 125 -24.21 1.12 1.43
CA GLY B 125 -24.65 0.56 0.16
C GLY B 125 -23.94 -0.74 -0.16
N ALA B 126 -22.61 -0.77 0.04
CA ALA B 126 -21.86 -2.00 -0.19
C ALA B 126 -22.29 -3.11 0.77
N LEU B 127 -22.45 -2.77 2.05
CA LEU B 127 -22.86 -3.77 3.03
C LEU B 127 -24.24 -4.34 2.71
N GLY B 128 -25.18 -3.48 2.33
CA GLY B 128 -26.51 -3.95 1.97
C GLY B 128 -26.52 -4.77 0.70
N ALA B 129 -25.79 -4.32 -0.33
CA ALA B 129 -25.74 -5.05 -1.58
C ALA B 129 -24.95 -6.34 -1.48
N SER B 130 -24.14 -6.50 -0.43
CA SER B 130 -23.49 -7.77 -0.19
C SER B 130 -24.51 -8.88 0.01
N LEU B 131 -25.47 -8.67 0.91
CA LEU B 131 -26.54 -9.65 1.10
C LEU B 131 -27.56 -9.56 -0.03
N ALA B 132 -27.77 -8.37 -0.58
CA ALA B 132 -28.71 -8.23 -1.69
C ALA B 132 -28.25 -8.99 -2.93
N LEU B 133 -26.95 -8.96 -3.23
CA LEU B 133 -26.43 -9.72 -4.36
C LEU B 133 -26.54 -11.22 -4.12
N SER B 134 -26.76 -11.65 -2.88
CA SER B 134 -27.02 -13.06 -2.58
C SER B 134 -28.50 -13.41 -2.56
N GLY B 135 -29.38 -12.41 -2.67
CA GLY B 135 -30.82 -12.64 -2.67
C GLY B 135 -31.48 -12.49 -1.32
N ASN B 136 -30.78 -11.99 -0.31
CA ASN B 136 -31.33 -11.87 1.03
C ASN B 136 -31.90 -10.47 1.24
N ILE B 137 -33.14 -10.40 1.70
CA ILE B 137 -33.79 -9.12 1.95
C ILE B 137 -33.16 -8.40 3.12
N LEU B 138 -32.43 -9.13 3.98
CA LEU B 138 -31.83 -8.53 5.16
C LEU B 138 -30.87 -7.40 4.81
N GLY B 139 -30.22 -7.49 3.65
CA GLY B 139 -29.33 -6.45 3.20
C GLY B 139 -30.01 -5.11 3.05
N PRO B 140 -30.97 -5.01 2.12
CA PRO B 140 -31.72 -3.74 1.98
C PRO B 140 -32.47 -3.35 3.24
N ILE B 141 -33.00 -4.32 4.00
CA ILE B 141 -33.70 -3.97 5.23
C ILE B 141 -32.77 -3.28 6.21
N LEU B 142 -31.57 -3.85 6.41
CA LEU B 142 -30.60 -3.26 7.31
C LEU B 142 -30.13 -1.90 6.79
N PHE B 143 -29.92 -1.78 5.48
CA PHE B 143 -29.53 -0.50 4.92
C PHE B 143 -30.56 0.57 5.26
N PHE B 144 -31.83 0.30 4.94
CA PHE B 144 -32.89 1.26 5.20
C PHE B 144 -32.97 1.61 6.69
N VAL B 145 -33.05 0.60 7.54
CA VAL B 145 -33.27 0.83 8.97
C VAL B 145 -32.11 1.58 9.59
N ALA B 146 -30.88 1.10 9.37
CA ALA B 146 -29.72 1.75 9.97
C ALA B 146 -29.52 3.15 9.45
N TRP B 147 -29.66 3.37 8.14
CA TRP B 147 -29.46 4.71 7.61
C TRP B 147 -30.49 5.68 8.17
N ASN B 148 -31.76 5.28 8.22
CA ASN B 148 -32.77 6.19 8.74
C ASN B 148 -32.62 6.41 10.23
N VAL B 149 -32.20 5.38 10.98
CA VAL B 149 -31.99 5.54 12.41
C VAL B 149 -30.88 6.56 12.68
N ILE B 150 -29.74 6.40 11.99
CA ILE B 150 -28.64 7.33 12.23
C ILE B 150 -29.00 8.72 11.74
N ARG B 151 -29.73 8.83 10.62
CA ARG B 151 -30.13 10.14 10.12
C ARG B 151 -31.04 10.86 11.12
N TRP B 152 -32.08 10.18 11.61
CA TRP B 152 -32.99 10.81 12.55
C TRP B 152 -32.29 11.14 13.86
N GLY B 153 -31.42 10.24 14.34
CA GLY B 153 -30.69 10.52 15.57
C GLY B 153 -29.81 11.75 15.44
N PHE B 154 -29.09 11.87 14.34
CA PHE B 154 -28.26 13.05 14.11
C PHE B 154 -29.12 14.30 14.02
N MET B 155 -30.20 14.24 13.23
CA MET B 155 -31.04 15.42 13.03
C MET B 155 -31.70 15.87 14.32
N TRP B 156 -31.96 14.95 15.25
CA TRP B 156 -32.58 15.33 16.51
C TRP B 156 -31.55 15.82 17.52
N TYR B 157 -30.43 15.08 17.67
CA TYR B 157 -29.42 15.47 18.64
C TYR B 157 -28.78 16.80 18.28
N THR B 158 -28.43 17.00 17.01
CA THR B 158 -27.84 18.27 16.60
C THR B 158 -28.83 19.41 16.75
N GLN B 159 -30.11 19.16 16.49
CA GLN B 159 -31.12 20.20 16.66
C GLN B 159 -31.24 20.61 18.12
N GLU B 160 -31.30 19.63 19.03
CA GLU B 160 -31.46 19.96 20.44
C GLU B 160 -30.18 20.56 21.00
N PHE B 161 -29.02 20.23 20.41
CA PHE B 161 -27.79 20.90 20.80
C PHE B 161 -27.75 22.34 20.30
N GLY B 162 -28.30 22.60 19.12
CA GLY B 162 -28.39 23.97 18.63
C GLY B 162 -29.44 24.77 19.36
N TYR B 163 -30.40 24.10 20.01
CA TYR B 163 -31.37 24.81 20.83
C TYR B 163 -30.70 25.54 21.99
N LYS B 164 -29.51 25.09 22.39
CA LYS B 164 -28.75 25.81 23.39
C LYS B 164 -28.38 27.19 22.88
N ALA B 165 -28.33 28.17 23.79
CA ALA B 165 -28.13 29.56 23.41
C ALA B 165 -26.78 29.76 22.75
N GLY B 166 -26.62 30.92 22.11
CA GLY B 166 -25.38 31.27 21.44
C GLY B 166 -24.21 31.49 22.38
N SER B 167 -24.46 31.60 23.68
CA SER B 167 -23.37 31.70 24.63
C SER B 167 -22.51 30.45 24.63
N LYS B 168 -23.07 29.31 24.24
CA LYS B 168 -22.32 28.07 24.15
C LYS B 168 -21.76 27.82 22.76
N ILE B 169 -22.36 28.41 21.72
CA ILE B 169 -21.91 28.16 20.36
C ILE B 169 -20.54 28.77 20.09
N THR B 170 -20.13 29.77 20.87
CA THR B 170 -18.80 30.34 20.70
C THR B 170 -17.72 29.31 21.06
N ASP B 171 -17.99 28.48 22.06
CA ASP B 171 -17.08 27.38 22.39
C ASP B 171 -17.40 26.14 21.57
N ASP B 172 -18.65 26.00 21.12
CA ASP B 172 -19.08 24.87 20.32
C ASP B 172 -18.92 25.11 18.82
N LEU B 173 -17.99 25.97 18.42
CA LEU B 173 -17.66 26.17 17.03
C LEU B 173 -16.19 25.92 16.72
N SER B 174 -15.30 26.14 17.68
CA SER B 174 -13.87 25.89 17.51
C SER B 174 -13.39 25.13 18.75
N GLY B 175 -13.28 23.81 18.63
CA GLY B 175 -12.85 22.98 19.73
C GLY B 175 -11.33 22.92 19.84
N GLY B 176 -10.87 22.08 20.75
CA GLY B 176 -11.74 21.25 21.56
C GLY B 176 -12.02 19.89 20.94
N LEU B 177 -13.28 19.68 20.56
CA LEU B 177 -13.68 18.43 19.92
C LEU B 177 -14.48 18.71 18.66
N LEU B 178 -15.14 19.86 18.61
CA LEU B 178 -15.99 20.21 17.48
C LEU B 178 -15.21 20.78 16.31
N GLN B 179 -13.91 21.03 16.46
CA GLN B 179 -13.06 21.42 15.35
C GLN B 179 -12.15 20.31 14.88
N ASP B 180 -11.76 19.40 15.76
CA ASP B 180 -10.93 18.27 15.37
C ASP B 180 -11.71 17.33 14.46
N ILE B 181 -13.02 17.18 14.73
CA ILE B 181 -13.86 16.36 13.88
C ILE B 181 -13.88 16.90 12.46
N THR B 182 -13.83 18.23 12.31
CA THR B 182 -13.77 18.82 10.98
C THR B 182 -12.53 18.37 10.23
N LYS B 183 -11.36 18.41 10.90
CA LYS B 183 -10.12 18.00 10.25
C LYS B 183 -10.13 16.53 9.90
N GLY B 184 -10.61 15.68 10.82
CA GLY B 184 -10.67 14.25 10.52
C GLY B 184 -11.59 13.93 9.37
N ALA B 185 -12.77 14.56 9.36
CA ALA B 185 -13.70 14.37 8.26
C ALA B 185 -13.11 14.86 6.95
N SER B 186 -12.38 15.98 6.98
CA SER B 186 -11.73 16.48 5.78
C SER B 186 -10.70 15.49 5.25
N ILE B 187 -9.87 14.93 6.13
CA ILE B 187 -8.85 13.98 5.70
C ILE B 187 -9.50 12.76 5.07
N LEU B 188 -10.50 12.18 5.76
CA LEU B 188 -11.17 11.00 5.23
C LEU B 188 -11.87 11.31 3.92
N GLY B 189 -12.47 12.50 3.81
CA GLY B 189 -13.14 12.89 2.59
C GLY B 189 -12.18 13.03 1.42
N MET B 190 -11.02 13.65 1.65
CA MET B 190 -10.03 13.77 0.58
C MET B 190 -9.56 12.39 0.13
N PHE B 191 -9.31 11.49 1.08
CA PHE B 191 -8.89 10.14 0.72
C PHE B 191 -9.92 9.44 -0.15
N VAL B 192 -11.17 9.39 0.33
CA VAL B 192 -12.21 8.67 -0.40
C VAL B 192 -12.52 9.35 -1.72
N LEU B 193 -12.45 10.68 -1.75
CA LEU B 193 -12.72 11.40 -2.99
C LEU B 193 -11.65 11.14 -4.04
N ALA B 194 -10.38 11.08 -3.64
CA ALA B 194 -9.34 10.72 -4.59
C ALA B 194 -9.55 9.31 -5.11
N ALA B 195 -9.93 8.38 -4.22
CA ALA B 195 -10.22 7.02 -4.67
C ALA B 195 -11.37 7.01 -5.68
N LEU B 196 -12.42 7.77 -5.41
CA LEU B 196 -13.57 7.82 -6.32
C LEU B 196 -13.19 8.45 -7.66
N VAL B 197 -12.38 9.52 -7.63
CA VAL B 197 -11.95 10.16 -8.87
C VAL B 197 -11.15 9.19 -9.73
N GLN B 198 -10.22 8.45 -9.12
CA GLN B 198 -9.46 7.50 -9.92
C GLN B 198 -10.34 6.38 -10.45
N ARG B 199 -11.21 5.83 -9.59
CA ARG B 199 -11.89 4.59 -9.95
C ARG B 199 -13.10 4.80 -10.85
N TRP B 200 -13.87 5.87 -10.63
CA TRP B 200 -15.21 6.00 -11.22
C TRP B 200 -15.33 7.28 -12.03
N VAL B 201 -14.33 7.55 -12.85
CA VAL B 201 -14.39 8.61 -13.87
C VAL B 201 -13.82 8.00 -15.14
N ASN B 202 -14.69 7.55 -16.03
CA ASN B 202 -14.27 6.82 -17.23
C ASN B 202 -13.95 7.81 -18.35
N ILE B 203 -12.67 7.97 -18.64
CA ILE B 203 -12.22 8.85 -19.72
C ILE B 203 -11.39 7.99 -20.67
N GLN B 204 -11.78 6.72 -20.82
CA GLN B 204 -11.03 5.78 -21.64
C GLN B 204 -10.86 6.28 -23.08
N PHE B 205 -9.62 6.61 -23.44
CA PHE B 205 -9.33 7.01 -24.80
C PHE B 205 -9.32 5.80 -25.72
N ALA B 206 -9.53 6.05 -27.01
CA ALA B 206 -9.41 4.96 -27.98
C ALA B 206 -8.72 5.36 -29.29
N PRO B 207 -7.55 6.01 -29.27
CA PRO B 207 -6.75 6.07 -30.49
C PRO B 207 -5.83 4.86 -30.61
N ILE B 208 -5.15 4.73 -31.75
CA ILE B 208 -4.13 3.71 -31.95
C ILE B 208 -2.85 4.41 -32.39
N ILE B 209 -1.75 4.16 -31.68
CA ILE B 209 -0.50 4.86 -31.94
C ILE B 209 0.28 4.16 -33.04
N SER B 210 0.66 2.90 -32.81
CA SER B 210 1.51 2.17 -33.73
C SER B 210 1.02 0.74 -33.87
N LYS B 211 1.28 0.15 -35.03
CA LYS B 211 0.98 -1.26 -35.32
C LYS B 211 2.28 -1.89 -35.79
N VAL B 212 3.08 -2.37 -34.85
CA VAL B 212 4.40 -2.93 -35.14
C VAL B 212 4.33 -4.45 -35.08
N LYS B 213 4.93 -5.10 -36.06
CA LYS B 213 5.02 -6.55 -36.07
C LYS B 213 6.20 -7.00 -35.21
N LEU B 214 5.99 -8.05 -34.42
CA LEU B 214 7.01 -8.52 -33.50
C LEU B 214 8.15 -9.21 -34.25
N ASP B 215 9.32 -9.20 -33.63
CA ASP B 215 10.47 -9.92 -34.17
C ASP B 215 10.27 -11.42 -34.01
N GLU B 216 11.19 -12.19 -34.60
CA GLU B 216 11.08 -13.64 -34.59
C GLU B 216 11.58 -14.19 -33.24
N GLY B 217 11.12 -13.60 -32.15
CA GLY B 217 11.45 -14.11 -30.83
C GLY B 217 10.37 -13.89 -29.78
N ALA B 218 9.20 -13.41 -30.20
CA ALA B 218 8.17 -12.97 -29.25
C ALA B 218 6.85 -13.71 -29.40
N TYR B 219 6.44 -14.02 -30.63
CA TYR B 219 5.12 -14.58 -30.85
C TYR B 219 5.17 -16.11 -30.83
N ILE B 220 4.01 -16.71 -30.53
CA ILE B 220 3.90 -18.15 -30.35
C ILE B 220 4.15 -18.93 -31.63
N ASP B 221 4.12 -18.28 -32.79
CA ASP B 221 4.29 -18.94 -34.09
C ASP B 221 3.17 -19.96 -34.33
N TRP B 222 1.98 -19.41 -34.52
CA TRP B 222 0.78 -20.22 -34.69
C TRP B 222 0.73 -20.84 -36.08
N SER B 223 1.81 -21.51 -36.48
CA SER B 223 1.87 -22.19 -37.76
C SER B 223 2.65 -23.49 -37.72
N HIS B 224 3.28 -23.83 -36.60
CA HIS B 224 4.12 -25.03 -36.54
C HIS B 224 3.88 -25.84 -35.26
N LEU B 225 2.85 -25.51 -34.50
CA LEU B 225 2.59 -26.20 -33.25
C LEU B 225 2.11 -27.62 -33.52
N PRO B 226 2.34 -28.54 -32.59
CA PRO B 226 1.82 -29.91 -32.74
C PRO B 226 0.30 -29.93 -32.80
N GLN B 227 -0.21 -30.90 -33.54
CA GLN B 227 -1.64 -31.00 -33.83
C GLN B 227 -2.29 -31.97 -32.85
N GLY B 228 -3.06 -31.43 -31.91
CA GLY B 228 -3.88 -32.25 -31.03
C GLY B 228 -3.33 -32.46 -29.64
N ALA B 229 -3.85 -31.69 -28.67
CA ALA B 229 -3.60 -31.89 -27.25
C ALA B 229 -2.14 -31.66 -26.86
N GLN B 230 -1.30 -31.34 -27.83
CA GLN B 230 0.11 -31.06 -27.54
C GLN B 230 0.43 -29.61 -27.87
N GLY B 231 -0.11 -29.12 -28.99
CA GLY B 231 -0.01 -27.72 -29.33
C GLY B 231 -0.68 -26.87 -28.27
N ILE B 232 -1.74 -27.41 -27.66
CA ILE B 232 -2.40 -26.71 -26.56
C ILE B 232 -1.40 -26.47 -25.43
N LYS B 233 -0.69 -27.53 -25.04
CA LYS B 233 0.29 -27.42 -23.96
C LYS B 233 1.41 -26.47 -24.33
N THR B 234 1.93 -26.60 -25.55
CA THR B 234 3.02 -25.72 -25.99
C THR B 234 2.59 -24.25 -25.95
N ALA B 235 1.40 -23.97 -26.48
CA ALA B 235 0.91 -22.60 -26.52
C ALA B 235 0.67 -22.05 -25.12
N LEU B 236 0.07 -22.86 -24.24
CA LEU B 236 -0.22 -22.38 -22.89
C LEU B 236 1.06 -22.12 -22.10
N GLN B 237 2.04 -23.02 -22.20
CA GLN B 237 3.31 -22.79 -21.52
C GLN B 237 4.02 -21.58 -22.09
N GLN B 238 3.96 -21.39 -23.41
CA GLN B 238 4.60 -20.21 -24.01
C GLN B 238 3.92 -18.92 -23.57
N GLN B 239 2.58 -18.93 -23.47
CA GLN B 239 1.88 -17.76 -22.95
C GLN B 239 2.27 -17.47 -21.51
N GLN B 240 2.35 -18.52 -20.68
CA GLN B 240 2.80 -18.33 -19.31
C GLN B 240 4.24 -17.84 -19.25
N ALA B 241 5.06 -18.17 -20.24
CA ALA B 241 6.41 -17.63 -20.29
C ALA B 241 6.40 -16.12 -20.49
N GLY B 242 5.51 -15.63 -21.35
CA GLY B 242 5.40 -14.19 -21.57
C GLY B 242 5.40 -13.80 -23.04
N LEU B 243 5.28 -14.79 -23.92
CA LEU B 243 5.31 -14.53 -25.35
C LEU B 243 4.06 -13.78 -25.81
N ALA B 244 4.24 -12.88 -26.76
CA ALA B 244 3.14 -12.05 -27.24
C ALA B 244 2.17 -12.87 -28.08
N LEU B 245 0.87 -12.70 -27.80
CA LEU B 245 -0.15 -13.54 -28.43
C LEU B 245 -0.22 -13.32 -29.94
N SER B 246 -0.15 -12.07 -30.38
CA SER B 246 -0.39 -11.73 -31.77
C SER B 246 0.87 -11.16 -32.42
N GLU B 247 0.94 -11.28 -33.75
CA GLU B 247 2.05 -10.75 -34.53
C GLU B 247 2.18 -9.24 -34.45
N ILE B 248 1.07 -8.52 -34.28
CA ILE B 248 1.08 -7.06 -34.28
C ILE B 248 0.83 -6.59 -32.85
N LYS B 249 1.75 -5.78 -32.33
CA LYS B 249 1.64 -5.24 -30.97
C LYS B 249 0.84 -3.94 -31.07
N VAL B 250 -0.48 -4.06 -30.97
CA VAL B 250 -1.34 -2.89 -31.01
C VAL B 250 -1.12 -2.07 -29.75
N THR B 251 -0.79 -0.79 -29.93
CA THR B 251 -0.54 0.12 -28.83
C THR B 251 -1.52 1.27 -28.89
N THR B 252 -2.07 1.64 -27.74
CA THR B 252 -3.04 2.72 -27.65
C THR B 252 -2.49 3.84 -26.79
N LEU B 253 -3.03 5.04 -26.98
CA LEU B 253 -2.66 6.18 -26.14
C LEU B 253 -3.02 5.91 -24.68
N GLN B 254 -4.07 5.11 -24.45
CA GLN B 254 -4.46 4.75 -23.09
C GLN B 254 -3.35 3.96 -22.40
N ASN B 255 -2.73 3.02 -23.12
CA ASN B 255 -1.65 2.22 -22.53
C ASN B 255 -0.46 3.10 -22.15
N ASN B 256 -0.09 4.03 -23.03
CA ASN B 256 1.01 4.92 -22.74
C ASN B 256 0.69 5.86 -21.58
N LEU B 257 -0.56 6.33 -21.50
CA LEU B 257 -0.95 7.21 -20.40
C LEU B 257 -1.01 6.47 -19.06
N ASP B 258 -1.38 5.19 -19.08
CA ASP B 258 -1.48 4.43 -17.84
C ASP B 258 -0.12 4.12 -17.22
N ASN B 259 0.95 4.21 -18.01
CA ASN B 259 2.28 3.91 -17.49
C ASN B 259 2.78 4.97 -16.51
N LEU B 260 2.23 6.18 -16.53
CA LEU B 260 2.61 7.19 -15.55
C LEU B 260 1.83 6.98 -14.26
N ILE B 261 0.51 7.15 -14.33
CA ILE B 261 -0.42 6.85 -13.25
C ILE B 261 -1.70 6.37 -13.90
N PRO B 262 -2.34 5.31 -13.41
CA PRO B 262 -3.69 4.99 -13.87
C PRO B 262 -4.64 6.15 -13.58
N GLY B 263 -5.52 6.44 -14.53
CA GLY B 263 -6.48 7.51 -14.35
C GLY B 263 -5.88 8.90 -14.27
N LEU B 264 -4.90 9.21 -15.13
CA LEU B 264 -4.37 10.57 -15.18
C LEU B 264 -5.39 11.54 -15.78
N ALA B 265 -6.14 11.07 -16.79
CA ALA B 265 -7.14 11.93 -17.41
C ALA B 265 -8.23 12.31 -16.41
N ALA B 266 -8.59 11.39 -15.52
CA ALA B 266 -9.63 11.67 -14.53
C ALA B 266 -9.22 12.80 -13.60
N VAL B 267 -8.01 12.72 -13.05
CA VAL B 267 -7.56 13.76 -12.13
C VAL B 267 -7.33 15.07 -12.87
N ALA B 268 -6.85 15.01 -14.12
CA ALA B 268 -6.69 16.23 -14.91
C ALA B 268 -8.03 16.91 -15.13
N LEU B 269 -9.05 16.14 -15.51
CA LEU B 269 -10.37 16.71 -15.72
C LEU B 269 -10.96 17.26 -14.43
N THR B 270 -10.76 16.56 -13.31
CA THR B 270 -11.26 17.04 -12.04
C THR B 270 -10.61 18.37 -11.67
N PHE B 271 -9.29 18.49 -11.88
CA PHE B 271 -8.61 19.75 -11.60
C PHE B 271 -9.11 20.86 -12.51
N LEU B 272 -9.35 20.55 -13.78
CA LEU B 272 -9.89 21.55 -14.71
C LEU B 272 -11.26 22.03 -14.25
N CYS B 273 -12.12 21.10 -13.81
CA CYS B 273 -13.44 21.48 -13.31
C CYS B 273 -13.34 22.29 -12.02
N MET B 274 -12.39 21.96 -11.14
CA MET B 274 -12.15 22.77 -9.96
C MET B 274 -11.77 24.19 -10.34
N TRP B 275 -10.86 24.33 -11.30
CA TRP B 275 -10.45 25.67 -11.73
C TRP B 275 -11.61 26.44 -12.36
N LEU B 276 -12.45 25.75 -13.15
CA LEU B 276 -13.62 26.40 -13.72
C LEU B 276 -14.58 26.87 -12.64
N LEU B 277 -14.81 26.03 -11.62
CA LEU B 277 -15.69 26.41 -10.53
C LEU B 277 -15.13 27.58 -9.73
N LYS B 278 -13.80 27.66 -9.61
CA LYS B 278 -13.20 28.81 -8.93
C LYS B 278 -13.46 30.11 -9.66
N LYS B 279 -13.78 30.06 -10.95
CA LYS B 279 -14.10 31.25 -11.74
C LYS B 279 -15.58 31.61 -11.67
N LYS B 280 -16.29 31.15 -10.64
CA LYS B 280 -17.69 31.47 -10.42
C LYS B 280 -18.60 30.96 -11.54
N ILE B 281 -18.11 30.03 -12.36
CA ILE B 281 -18.94 29.45 -13.40
C ILE B 281 -19.93 28.47 -12.78
N SER B 282 -21.19 28.55 -13.22
CA SER B 282 -22.21 27.69 -12.68
C SER B 282 -21.94 26.24 -13.06
N PRO B 283 -22.21 25.28 -12.16
CA PRO B 283 -21.98 23.87 -12.50
C PRO B 283 -22.83 23.36 -13.64
N ILE B 284 -23.95 24.01 -13.93
CA ILE B 284 -24.80 23.58 -15.04
C ILE B 284 -24.06 23.73 -16.36
N ILE B 285 -23.40 24.87 -16.54
CA ILE B 285 -22.63 25.11 -17.76
C ILE B 285 -21.48 24.12 -17.85
N ILE B 286 -20.88 23.77 -16.71
CA ILE B 286 -19.77 22.81 -16.73
C ILE B 286 -20.28 21.42 -17.13
N ILE B 287 -21.44 21.02 -16.62
CA ILE B 287 -21.98 19.70 -16.98
C ILE B 287 -22.32 19.66 -18.46
N LEU B 288 -22.93 20.73 -18.98
CA LEU B 288 -23.17 20.80 -20.42
C LEU B 288 -21.87 20.77 -21.20
N GLY B 289 -20.82 21.40 -20.67
CA GLY B 289 -19.52 21.36 -21.33
C GLY B 289 -18.94 19.96 -21.37
N LEU B 290 -19.07 19.21 -20.28
CA LEU B 290 -18.64 17.81 -20.30
C LEU B 290 -19.43 17.00 -21.32
N PHE B 291 -20.75 17.20 -21.40
CA PHE B 291 -21.53 16.48 -22.41
C PHE B 291 -21.05 16.81 -23.83
N VAL B 292 -20.88 18.10 -24.12
CA VAL B 292 -20.53 18.50 -25.47
C VAL B 292 -19.11 18.06 -25.82
N VAL B 293 -18.19 18.14 -24.86
CA VAL B 293 -16.82 17.71 -25.13
C VAL B 293 -16.76 16.20 -25.32
N GLY B 294 -17.57 15.45 -24.59
CA GLY B 294 -17.63 14.01 -24.79
C GLY B 294 -18.15 13.65 -26.17
N ILE B 295 -19.24 14.31 -26.59
CA ILE B 295 -19.84 13.95 -27.87
C ILE B 295 -18.91 14.36 -29.02
N VAL B 296 -18.29 15.54 -28.93
CA VAL B 296 -17.39 15.94 -30.01
C VAL B 296 -16.12 15.10 -30.01
N GLY B 297 -15.67 14.64 -28.83
CA GLY B 297 -14.52 13.75 -28.78
C GLY B 297 -14.82 12.40 -29.41
N HIS B 298 -16.00 11.85 -29.15
CA HIS B 298 -16.38 10.61 -29.81
C HIS B 298 -16.57 10.82 -31.31
N LEU B 299 -17.03 12.00 -31.71
CA LEU B 299 -17.14 12.30 -33.14
C LEU B 299 -15.77 12.32 -33.80
N ILE B 300 -14.82 13.03 -33.19
CA ILE B 300 -13.47 13.11 -33.75
C ILE B 300 -12.78 11.75 -33.65
N GLY B 301 -12.93 11.07 -32.53
CA GLY B 301 -12.26 9.81 -32.28
C GLY B 301 -11.25 9.83 -31.16
N LEU B 302 -11.12 10.95 -30.44
CA LEU B 302 -10.23 10.99 -29.29
C LEU B 302 -10.66 10.02 -28.20
N LEU B 303 -11.96 9.97 -27.94
CA LEU B 303 -12.49 9.06 -26.91
C LEU B 303 -13.13 7.84 -27.55
N MET C 1 14.61 -48.70 10.14
CA MET C 1 15.01 -50.00 9.66
C MET C 1 15.95 -50.70 10.64
N SER C 2 16.92 -49.96 11.15
CA SER C 2 17.91 -50.50 12.07
C SER C 2 17.52 -50.18 13.51
N VAL C 3 18.10 -50.95 14.43
CA VAL C 3 17.80 -50.79 15.85
C VAL C 3 18.31 -49.45 16.38
N ILE C 4 19.40 -48.93 15.84
CA ILE C 4 19.88 -47.61 16.26
C ILE C 4 18.93 -46.53 15.78
N SER C 5 18.39 -46.69 14.57
CA SER C 5 17.53 -45.66 14.00
C SER C 5 16.26 -45.47 14.83
N ILE C 6 15.64 -46.56 15.27
CA ILE C 6 14.40 -46.45 16.03
C ILE C 6 14.63 -45.77 17.36
N ILE C 7 15.71 -46.13 18.06
CA ILE C 7 15.97 -45.49 19.34
C ILE C 7 16.34 -44.02 19.17
N LEU C 8 17.10 -43.67 18.12
CA LEU C 8 17.40 -42.26 17.88
C LEU C 8 16.14 -41.46 17.58
N VAL C 9 15.25 -42.01 16.74
CA VAL C 9 14.06 -41.24 16.37
C VAL C 9 13.11 -41.12 17.56
N VAL C 10 12.99 -42.17 18.39
CA VAL C 10 12.11 -42.04 19.55
C VAL C 10 12.72 -41.08 20.58
N LEU C 11 14.04 -41.06 20.72
CA LEU C 11 14.67 -40.12 21.65
C LEU C 11 14.45 -38.68 21.20
N ILE C 12 14.66 -38.41 19.91
CA ILE C 12 14.47 -37.05 19.43
C ILE C 12 12.98 -36.68 19.44
N ALA C 13 12.09 -37.66 19.24
CA ALA C 13 10.66 -37.40 19.38
C ALA C 13 10.31 -37.03 20.81
N PHE C 14 10.91 -37.72 21.79
CA PHE C 14 10.70 -37.36 23.19
C PHE C 14 11.20 -35.94 23.46
N LEU C 15 12.36 -35.60 22.93
CA LEU C 15 12.90 -34.26 23.12
C LEU C 15 11.99 -33.20 22.49
N ALA C 16 11.48 -33.49 21.28
CA ALA C 16 10.53 -32.57 20.66
C ALA C 16 9.25 -32.47 21.47
N GLY C 17 8.80 -33.57 22.05
CA GLY C 17 7.59 -33.54 22.86
C GLY C 17 7.76 -32.69 24.10
N ILE C 18 8.89 -32.81 24.79
CA ILE C 18 9.11 -31.98 25.98
C ILE C 18 9.26 -30.52 25.57
N GLU C 19 9.94 -30.26 24.45
CA GLU C 19 10.03 -28.90 23.94
C GLU C 19 8.68 -28.39 23.44
N GLY C 20 7.70 -29.27 23.26
CA GLY C 20 6.39 -28.83 22.81
C GLY C 20 5.76 -27.79 23.72
N ILE C 21 5.81 -28.01 25.03
CA ILE C 21 5.37 -27.00 25.98
C ILE C 21 6.54 -26.29 26.64
N LEU C 22 7.74 -26.88 26.66
CA LEU C 22 8.91 -26.11 27.06
C LEU C 22 9.11 -24.92 26.13
N ASP C 23 9.06 -25.17 24.82
CA ASP C 23 9.05 -24.12 23.80
C ASP C 23 10.22 -23.17 24.01
N GLU C 24 11.40 -23.73 24.24
CA GLU C 24 12.59 -22.94 24.52
C GLU C 24 13.66 -23.09 23.45
N PHE C 25 14.14 -24.30 23.21
CA PHE C 25 15.14 -24.53 22.17
C PHE C 25 14.53 -24.80 20.81
N GLN C 26 13.22 -25.01 20.73
CA GLN C 26 12.49 -25.10 19.46
C GLN C 26 12.86 -26.35 18.67
N PHE C 27 12.99 -27.50 19.34
CA PHE C 27 13.02 -28.74 18.57
C PHE C 27 11.67 -29.06 17.96
N HIS C 28 10.58 -28.69 18.63
CA HIS C 28 9.25 -29.01 18.12
C HIS C 28 8.95 -28.29 16.81
N GLN C 29 9.72 -27.26 16.46
CA GLN C 29 9.53 -26.60 15.18
C GLN C 29 9.88 -27.54 14.04
N PRO C 30 9.07 -27.58 12.97
CA PRO C 30 9.37 -28.48 11.85
C PRO C 30 10.68 -28.16 11.15
N LEU C 31 11.18 -26.93 11.27
CA LEU C 31 12.48 -26.61 10.71
C LEU C 31 13.60 -27.40 11.35
N ILE C 32 13.40 -27.89 12.58
CA ILE C 32 14.39 -28.66 13.29
C ILE C 32 13.93 -30.09 13.54
N ALA C 33 12.63 -30.29 13.82
CA ALA C 33 12.11 -31.63 14.06
C ALA C 33 12.11 -32.51 12.81
N CYS C 34 12.24 -31.92 11.62
CA CYS C 34 12.26 -32.69 10.39
C CYS C 34 13.66 -32.87 9.80
N THR C 35 14.64 -32.09 10.25
CA THR C 35 16.00 -32.25 9.76
C THR C 35 16.83 -33.16 10.66
N LEU C 36 16.63 -33.09 11.98
CA LEU C 36 17.28 -34.05 12.87
C LEU C 36 16.78 -35.45 12.62
N ILE C 37 15.47 -35.59 12.39
CA ILE C 37 14.89 -36.90 12.08
C ILE C 37 15.20 -37.36 10.67
N GLY C 38 15.72 -36.48 9.82
CA GLY C 38 16.11 -36.87 8.48
C GLY C 38 17.59 -37.14 8.38
N LEU C 39 18.38 -36.45 9.20
CA LEU C 39 19.82 -36.68 9.21
C LEU C 39 20.16 -38.09 9.69
N VAL C 40 19.43 -38.59 10.70
CA VAL C 40 19.74 -39.88 11.28
C VAL C 40 19.07 -41.05 10.58
N THR C 41 18.10 -40.79 9.71
CA THR C 41 17.39 -41.86 9.01
C THR C 41 17.95 -42.13 7.63
N GLY C 42 19.08 -41.52 7.27
CA GLY C 42 19.61 -41.66 5.94
C GLY C 42 19.46 -40.40 5.11
N ASN C 43 18.48 -40.40 4.20
CA ASN C 43 18.21 -39.25 3.34
C ASN C 43 18.01 -37.97 4.13
N LEU C 44 18.93 -37.01 3.98
CA LEU C 44 18.87 -35.74 4.70
C LEU C 44 18.32 -34.62 3.84
N THR C 45 18.80 -34.47 2.61
CA THR C 45 18.32 -33.41 1.72
C THR C 45 16.87 -33.61 1.32
N ALA C 46 16.33 -34.82 1.47
CA ALA C 46 14.94 -35.07 1.15
C ALA C 46 13.98 -34.67 2.26
N CYS C 47 14.50 -34.28 3.43
CA CYS C 47 13.66 -33.89 4.56
C CYS C 47 13.73 -32.41 4.88
N ILE C 48 14.79 -31.71 4.48
CA ILE C 48 14.88 -30.28 4.75
C ILE C 48 13.81 -29.53 3.96
N ILE C 49 13.48 -29.99 2.75
CA ILE C 49 12.43 -29.37 1.97
C ILE C 49 11.10 -29.49 2.70
N LEU C 50 10.78 -30.67 3.22
CA LEU C 50 9.55 -30.87 3.97
C LEU C 50 9.55 -30.02 5.24
N GLY C 51 10.70 -29.95 5.92
CA GLY C 51 10.78 -29.11 7.10
C GLY C 51 10.51 -27.66 6.81
N GLY C 52 11.08 -27.12 5.73
CA GLY C 52 10.79 -25.75 5.36
C GLY C 52 9.34 -25.54 4.95
N THR C 53 8.78 -26.49 4.21
CA THR C 53 7.39 -26.38 3.80
C THR C 53 6.45 -26.34 5.00
N LEU C 54 6.68 -27.22 5.98
CA LEU C 54 5.86 -27.22 7.18
C LEU C 54 6.16 -26.03 8.08
N GLN C 55 7.38 -25.51 8.05
CA GLN C 55 7.69 -24.31 8.82
C GLN C 55 6.96 -23.09 8.28
N MET C 56 6.79 -23.03 6.96
CA MET C 56 6.04 -21.92 6.36
C MET C 56 4.62 -21.89 6.89
N ILE C 57 3.96 -23.04 6.97
CA ILE C 57 2.61 -23.10 7.54
C ILE C 57 2.64 -22.86 9.03
N ALA C 58 3.67 -23.37 9.71
CA ALA C 58 3.74 -23.37 11.17
C ALA C 58 3.91 -21.98 11.77
N LEU C 59 4.20 -20.97 10.96
CA LEU C 59 4.24 -19.61 11.48
C LEU C 59 2.87 -19.23 12.00
N GLY C 60 2.83 -18.48 13.10
CA GLY C 60 1.56 -18.14 13.73
C GLY C 60 0.88 -19.34 14.35
N TRP C 61 1.63 -20.20 15.01
CA TRP C 61 1.12 -21.34 15.76
C TRP C 61 1.63 -21.30 17.19
N ALA C 62 1.51 -20.13 17.81
CA ALA C 62 1.95 -19.97 19.19
C ALA C 62 0.87 -20.38 20.16
N ASN C 63 1.28 -20.91 21.31
CA ASN C 63 0.37 -21.24 22.40
C ASN C 63 0.26 -20.00 23.28
N ILE C 64 -0.86 -19.29 23.16
CA ILE C 64 -1.04 -17.98 23.80
C ILE C 64 -2.04 -18.15 24.93
N GLY C 65 -1.59 -17.91 26.16
CA GLY C 65 -2.46 -17.82 27.33
C GLY C 65 -3.52 -18.89 27.46
N ALA C 66 -3.10 -20.13 27.68
CA ALA C 66 -4.01 -21.26 27.85
C ALA C 66 -4.87 -21.51 26.61
N ALA C 67 -4.35 -21.13 25.43
CA ALA C 67 -4.98 -21.45 24.16
C ALA C 67 -3.95 -22.15 23.29
N VAL C 68 -4.18 -23.43 23.04
CA VAL C 68 -3.19 -24.25 22.34
C VAL C 68 -3.26 -24.00 20.84
N ALA C 69 -2.17 -24.34 20.15
CA ALA C 69 -2.05 -24.21 18.71
C ALA C 69 -2.03 -25.58 18.05
N PRO C 70 -2.59 -25.70 16.84
CA PRO C 70 -2.78 -27.03 16.23
C PRO C 70 -1.47 -27.63 15.77
N ASP C 71 -1.14 -28.81 16.31
CA ASP C 71 -0.04 -29.65 15.81
C ASP C 71 1.29 -28.91 15.86
N ALA C 72 1.64 -28.40 17.05
CA ALA C 72 2.91 -27.72 17.21
C ALA C 72 4.09 -28.68 17.03
N ALA C 73 3.97 -29.89 17.57
CA ALA C 73 5.08 -30.84 17.58
C ALA C 73 4.74 -32.17 16.92
N LEU C 74 3.51 -32.67 17.09
CA LEU C 74 3.17 -33.99 16.58
C LEU C 74 3.28 -34.07 15.07
N ALA C 75 2.81 -33.04 14.36
CA ALA C 75 2.82 -33.06 12.90
C ALA C 75 4.25 -33.11 12.35
N SER C 76 5.16 -32.34 12.95
CA SER C 76 6.52 -32.23 12.41
C SER C 76 7.21 -33.60 12.37
N VAL C 77 7.03 -34.40 13.41
CA VAL C 77 7.63 -35.73 13.47
C VAL C 77 6.81 -36.75 12.69
N ALA C 78 5.48 -36.68 12.81
CA ALA C 78 4.62 -37.66 12.17
C ALA C 78 4.70 -37.61 10.65
N SER C 79 4.70 -36.42 10.06
CA SER C 79 4.81 -36.32 8.61
C SER C 79 6.18 -36.78 8.13
N ALA C 80 7.24 -36.44 8.88
CA ALA C 80 8.59 -36.81 8.48
C ALA C 80 8.78 -38.32 8.53
N ILE C 81 8.24 -38.99 9.54
CA ILE C 81 8.36 -40.44 9.62
C ILE C 81 7.67 -41.10 8.43
N ILE C 82 6.47 -40.64 8.09
CA ILE C 82 5.76 -41.19 6.94
C ILE C 82 6.54 -40.93 5.66
N LEU C 83 7.14 -39.74 5.53
CA LEU C 83 7.91 -39.42 4.34
C LEU C 83 9.12 -40.34 4.20
N VAL C 84 9.83 -40.59 5.31
CA VAL C 84 11.06 -41.39 5.21
C VAL C 84 10.79 -42.88 5.14
N LEU C 85 9.69 -43.38 5.72
CA LEU C 85 9.43 -44.81 5.67
C LEU C 85 8.92 -45.27 4.32
N GLY C 86 8.09 -44.46 3.66
CA GLY C 86 7.44 -44.85 2.42
C GLY C 86 8.18 -44.47 1.15
N GLY C 87 9.42 -44.01 1.24
CA GLY C 87 10.12 -43.61 0.03
C GLY C 87 9.63 -42.28 -0.49
N GLN C 88 10.01 -41.98 -1.74
CA GLN C 88 9.74 -40.69 -2.38
C GLN C 88 10.07 -39.54 -1.44
N GLY C 89 11.36 -39.42 -1.13
CA GLY C 89 11.81 -38.39 -0.20
C GLY C 89 11.46 -36.99 -0.67
N VAL C 90 11.55 -36.75 -1.99
CA VAL C 90 11.17 -35.46 -2.56
C VAL C 90 9.77 -35.48 -3.17
N ALA C 91 9.36 -36.60 -3.75
CA ALA C 91 8.03 -36.69 -4.33
C ALA C 91 6.93 -36.83 -3.29
N GLY C 92 7.25 -37.33 -2.09
CA GLY C 92 6.29 -37.53 -1.03
C GLY C 92 6.07 -36.34 -0.12
N ILE C 93 6.70 -35.20 -0.40
CA ILE C 93 6.50 -34.01 0.42
C ILE C 93 5.03 -33.57 0.43
N PRO C 94 4.32 -33.47 -0.71
CA PRO C 94 2.90 -33.13 -0.61
C PRO C 94 2.08 -34.16 0.15
N SER C 95 2.43 -35.44 0.04
CA SER C 95 1.73 -36.46 0.79
C SER C 95 1.90 -36.26 2.29
N ALA C 96 3.11 -35.90 2.72
CA ALA C 96 3.34 -35.66 4.14
C ALA C 96 2.70 -34.38 4.63
N ILE C 97 2.69 -33.33 3.81
CA ILE C 97 2.06 -32.08 4.23
C ILE C 97 0.54 -32.20 4.21
N ALA C 98 0.00 -33.15 3.43
CA ALA C 98 -1.44 -33.40 3.43
C ALA C 98 -1.89 -34.27 4.60
N ILE C 99 -0.97 -34.84 5.36
CA ILE C 99 -1.31 -35.58 6.55
C ILE C 99 -0.89 -34.87 7.83
N ALA C 100 0.10 -33.98 7.78
CA ALA C 100 0.50 -33.24 8.96
C ALA C 100 -0.61 -32.32 9.45
N ILE C 101 -1.26 -31.60 8.54
CA ILE C 101 -2.31 -30.64 8.88
C ILE C 101 -3.53 -31.32 9.50
N PRO C 102 -4.09 -32.39 8.92
CA PRO C 102 -5.31 -32.96 9.50
C PRO C 102 -5.10 -33.79 10.76
N LEU C 103 -3.94 -33.69 11.40
CA LEU C 103 -3.69 -34.38 12.65
C LEU C 103 -4.11 -33.57 13.86
N ALA C 104 -4.74 -32.41 13.65
CA ALA C 104 -5.22 -31.61 14.77
C ALA C 104 -6.27 -32.36 15.58
N VAL C 105 -7.01 -33.26 14.93
CA VAL C 105 -7.96 -34.10 15.65
C VAL C 105 -7.24 -34.99 16.65
N ALA C 106 -6.05 -35.46 16.30
CA ALA C 106 -5.23 -36.25 17.21
C ALA C 106 -4.06 -35.46 17.79
N GLY C 107 -3.99 -34.15 17.53
CA GLY C 107 -2.88 -33.36 18.02
C GLY C 107 -3.26 -32.37 19.12
N LEU C 108 -4.44 -31.77 19.01
CA LEU C 108 -4.86 -30.78 20.00
C LEU C 108 -5.48 -31.46 21.21
N PHE C 109 -6.37 -32.42 20.99
CA PHE C 109 -6.93 -33.16 22.11
C PHE C 109 -5.84 -33.92 22.86
N LEU C 110 -4.92 -34.54 22.14
CA LEU C 110 -3.88 -35.34 22.74
C LEU C 110 -2.96 -34.51 23.63
N THR C 111 -2.78 -33.23 23.30
CA THR C 111 -1.96 -32.40 24.18
C THR C 111 -2.76 -31.75 25.30
N MET C 112 -4.02 -31.36 25.04
CA MET C 112 -4.81 -30.75 26.11
C MET C 112 -5.12 -31.74 27.22
N ILE C 113 -5.33 -33.02 26.87
CA ILE C 113 -5.55 -34.01 27.92
C ILE C 113 -4.31 -34.14 28.80
N VAL C 114 -3.12 -34.06 28.21
CA VAL C 114 -1.89 -34.11 29.00
C VAL C 114 -1.78 -32.86 29.87
N ARG C 115 -2.14 -31.70 29.33
CA ARG C 115 -2.07 -30.48 30.13
C ARG C 115 -3.01 -30.54 31.32
N THR C 116 -4.23 -31.09 31.15
CA THR C 116 -5.15 -31.16 32.27
C THR C 116 -4.90 -32.34 33.19
N LEU C 117 -4.12 -33.33 32.74
CA LEU C 117 -3.80 -34.47 33.61
C LEU C 117 -2.75 -34.15 34.65
N ALA C 118 -2.09 -33.00 34.55
CA ALA C 118 -1.03 -32.65 35.50
C ALA C 118 -1.54 -31.84 36.68
N VAL C 119 -2.85 -31.60 36.79
CA VAL C 119 -3.39 -30.97 37.98
C VAL C 119 -3.14 -31.81 39.24
N PRO C 120 -3.38 -33.13 39.24
CA PRO C 120 -2.96 -33.92 40.40
C PRO C 120 -1.46 -33.84 40.67
N ILE C 121 -0.65 -33.59 39.64
CA ILE C 121 0.79 -33.48 39.86
C ILE C 121 1.11 -32.27 40.73
N VAL C 122 0.52 -31.11 40.43
CA VAL C 122 0.79 -29.95 41.27
C VAL C 122 0.07 -30.07 42.60
N HIS C 123 -1.05 -30.80 42.65
CA HIS C 123 -1.68 -31.06 43.94
C HIS C 123 -0.75 -31.86 44.85
N LEU C 124 -0.14 -32.90 44.31
CA LEU C 124 0.84 -33.68 45.08
C LEU C 124 2.08 -32.85 45.39
N MET C 125 2.42 -31.92 44.49
CA MET C 125 3.52 -31.01 44.74
C MET C 125 3.24 -30.16 45.98
N ASP C 126 2.04 -29.60 46.08
CA ASP C 126 1.67 -28.84 47.27
C ASP C 126 1.63 -29.75 48.49
N ARG C 127 1.11 -30.98 48.32
CA ARG C 127 1.03 -31.93 49.43
C ARG C 127 2.41 -32.21 50.03
N ALA C 128 3.40 -32.46 49.17
CA ALA C 128 4.77 -32.60 49.64
C ALA C 128 5.37 -31.26 50.06
N ALA C 129 4.76 -30.15 49.64
CA ALA C 129 5.30 -28.84 49.99
C ALA C 129 4.96 -28.46 51.43
N GLU C 130 3.81 -28.88 51.96
CA GLU C 130 3.50 -28.53 53.34
C GLU C 130 4.54 -29.06 54.32
N LYS C 131 4.98 -30.30 54.12
CA LYS C 131 6.04 -30.84 54.97
C LYS C 131 7.39 -30.21 54.67
N GLY C 132 7.51 -29.43 53.60
CA GLY C 132 8.75 -28.74 53.31
C GLY C 132 9.81 -29.54 52.63
N ASN C 133 9.47 -30.72 52.09
CA ASN C 133 10.44 -31.55 51.38
C ASN C 133 10.60 -30.96 49.98
N ILE C 134 11.62 -30.10 49.85
CA ILE C 134 11.86 -29.43 48.56
C ILE C 134 12.63 -30.29 47.58
N ARG C 135 13.05 -31.50 47.98
CA ARG C 135 13.72 -32.41 47.07
C ARG C 135 12.74 -33.20 46.21
N SER C 136 11.45 -33.18 46.54
CA SER C 136 10.46 -33.93 45.78
C SER C 136 9.78 -33.11 44.70
N VAL C 137 9.69 -31.79 44.88
CA VAL C 137 9.15 -30.92 43.83
C VAL C 137 10.05 -30.94 42.61
N GLU C 138 11.37 -30.91 42.83
CA GLU C 138 12.34 -30.96 41.74
C GLU C 138 12.41 -32.31 41.06
N TRP C 139 11.76 -33.34 41.63
CA TRP C 139 11.59 -34.60 40.92
C TRP C 139 10.25 -34.65 40.20
N LEU C 140 9.20 -34.11 40.84
CA LEU C 140 7.87 -34.10 40.23
C LEU C 140 7.85 -33.24 38.97
N HIS C 141 8.67 -32.18 38.93
CA HIS C 141 8.67 -31.32 37.75
C HIS C 141 9.17 -32.06 36.51
N ILE C 142 10.31 -32.75 36.63
CA ILE C 142 10.78 -33.57 35.51
C ILE C 142 9.86 -34.77 35.28
N SER C 143 9.16 -35.24 36.31
CA SER C 143 8.14 -36.26 36.08
C SER C 143 7.06 -35.74 35.14
N ALA C 144 6.59 -34.50 35.37
CA ALA C 144 5.61 -33.89 34.50
C ALA C 144 6.18 -33.66 33.09
N ILE C 145 7.44 -33.24 33.02
CA ILE C 145 8.08 -33.03 31.71
C ILE C 145 8.15 -34.33 30.93
N CYS C 146 8.52 -35.42 31.59
CA CYS C 146 8.57 -36.72 30.94
C CYS C 146 7.19 -37.16 30.49
N MET C 147 6.18 -36.94 31.33
CA MET C 147 4.81 -37.27 30.95
C MET C 147 4.40 -36.47 29.70
N GLN C 148 4.82 -35.21 29.63
CA GLN C 148 4.58 -34.42 28.43
C GLN C 148 5.28 -35.02 27.22
N GLY C 149 6.52 -35.49 27.41
CA GLY C 149 7.24 -36.09 26.30
C GLY C 149 6.64 -37.39 25.81
N ILE C 150 5.93 -38.09 26.69
CA ILE C 150 5.34 -39.38 26.33
C ILE C 150 4.34 -39.23 25.17
N ARG C 151 3.57 -38.14 25.17
CA ARG C 151 2.51 -38.00 24.17
C ARG C 151 3.05 -37.94 22.75
N ILE C 152 4.35 -37.66 22.59
CA ILE C 152 4.96 -37.63 21.27
C ILE C 152 5.83 -38.86 21.11
N ALA C 153 6.40 -39.36 22.22
CA ALA C 153 7.24 -40.54 22.15
C ALA C 153 6.44 -41.77 21.73
N ILE C 154 5.25 -41.95 22.29
CA ILE C 154 4.44 -43.14 22.01
C ILE C 154 4.01 -43.20 20.54
N PRO C 155 3.40 -42.16 19.97
CA PRO C 155 3.00 -42.26 18.55
C PRO C 155 4.17 -42.43 17.61
N ALA C 156 5.32 -41.83 17.92
CA ALA C 156 6.51 -42.01 17.08
C ALA C 156 6.93 -43.47 17.04
N ALA C 157 6.96 -44.13 18.20
CA ALA C 157 7.29 -45.55 18.24
C ALA C 157 6.22 -46.38 17.54
N ALA C 158 4.95 -46.00 17.69
CA ALA C 158 3.87 -46.75 17.06
C ALA C 158 3.96 -46.69 15.53
N LEU C 159 4.34 -45.52 14.99
CA LEU C 159 4.36 -45.36 13.54
C LEU C 159 5.34 -46.32 12.87
N LEU C 160 6.46 -46.62 13.53
CA LEU C 160 7.44 -47.53 12.94
C LEU C 160 6.88 -48.95 12.78
N PHE C 161 6.14 -49.42 13.78
CA PHE C 161 5.66 -50.80 13.81
C PHE C 161 4.23 -50.95 13.30
N ILE C 162 3.82 -50.06 12.40
CA ILE C 162 2.53 -50.17 11.73
C ILE C 162 2.77 -49.95 10.23
N PRO C 163 1.81 -50.22 9.37
CA PRO C 163 1.99 -49.89 7.94
C PRO C 163 2.28 -48.41 7.77
N ALA C 164 3.19 -48.12 6.84
CA ALA C 164 3.72 -46.77 6.64
C ALA C 164 2.73 -45.81 6.00
N ASP C 165 1.46 -46.18 5.84
CA ASP C 165 0.49 -45.28 5.23
C ASP C 165 -0.20 -44.41 6.30
N SER C 166 -0.80 -45.05 7.30
CA SER C 166 -1.38 -44.37 8.46
C SER C 166 -2.47 -43.38 8.08
N VAL C 167 -3.21 -43.68 7.01
CA VAL C 167 -4.37 -42.87 6.64
C VAL C 167 -5.59 -43.77 6.77
N GLN C 168 -5.47 -44.82 7.57
CA GLN C 168 -6.55 -45.77 7.78
C GLN C 168 -7.10 -45.65 9.20
N SER C 169 -6.22 -45.79 10.19
CA SER C 169 -6.57 -45.63 11.60
C SER C 169 -7.71 -46.55 12.01
N PHE C 170 -7.48 -47.86 11.92
CA PHE C 170 -8.46 -48.88 12.29
C PHE C 170 -9.77 -48.71 11.53
N LEU C 171 -10.53 -47.67 11.87
CA LEU C 171 -11.77 -47.35 11.20
C LEU C 171 -11.54 -46.21 10.21
N GLU C 172 -12.20 -46.28 9.07
CA GLU C 172 -11.89 -45.42 7.93
C GLU C 172 -12.45 -44.02 8.19
N ALA C 173 -12.78 -43.74 9.45
CA ALA C 173 -13.31 -42.45 9.92
C ALA C 173 -14.75 -42.29 9.47
N MET C 174 -15.55 -41.59 10.29
CA MET C 174 -16.96 -41.31 10.03
C MET C 174 -17.17 -40.88 8.59
N PRO C 175 -18.33 -41.19 7.99
CA PRO C 175 -18.46 -41.10 6.53
C PRO C 175 -18.35 -39.68 5.99
N ALA C 176 -17.12 -39.17 5.94
CA ALA C 176 -16.78 -37.95 5.21
C ALA C 176 -17.42 -36.70 5.78
N TRP C 177 -17.92 -36.77 7.01
CA TRP C 177 -18.43 -35.58 7.68
C TRP C 177 -17.60 -35.18 8.89
N LEU C 178 -16.89 -36.14 9.50
CA LEU C 178 -16.03 -35.80 10.63
C LEU C 178 -14.62 -35.44 10.18
N THR C 179 -14.07 -36.19 9.22
CA THR C 179 -12.68 -36.00 8.84
C THR C 179 -12.44 -34.63 8.20
N ASP C 180 -13.46 -34.06 7.55
CA ASP C 180 -13.32 -32.72 6.97
C ASP C 180 -13.83 -31.63 7.90
N GLY C 181 -14.83 -31.93 8.73
CA GLY C 181 -15.25 -30.97 9.72
C GLY C 181 -14.16 -30.64 10.72
N MET C 182 -13.45 -31.67 11.20
CA MET C 182 -12.33 -31.43 12.09
C MET C 182 -11.24 -30.64 11.39
N ALA C 183 -11.00 -30.92 10.11
CA ALA C 183 -9.98 -30.19 9.36
C ALA C 183 -10.33 -28.72 9.24
N ILE C 184 -11.57 -28.41 8.85
CA ILE C 184 -11.96 -27.02 8.71
C ILE C 184 -12.04 -26.32 10.06
N GLY C 185 -12.31 -27.06 11.14
CA GLY C 185 -12.23 -26.46 12.45
C GLY C 185 -10.81 -26.24 12.93
N GLY C 186 -9.86 -27.00 12.38
CA GLY C 186 -8.47 -26.82 12.77
C GLY C 186 -7.86 -25.55 12.23
N GLY C 187 -8.38 -25.03 11.12
CA GLY C 187 -7.94 -23.76 10.58
C GLY C 187 -8.59 -22.56 11.21
N MET C 188 -9.43 -22.77 12.22
CA MET C 188 -10.18 -21.71 12.89
C MET C 188 -9.74 -21.48 14.33
N VAL C 189 -9.11 -22.47 14.96
CA VAL C 189 -8.76 -22.38 16.37
C VAL C 189 -7.72 -21.30 16.63
N VAL C 190 -6.81 -21.08 15.67
CA VAL C 190 -5.74 -20.11 15.87
C VAL C 190 -6.31 -18.72 16.12
N ALA C 191 -7.51 -18.44 15.58
CA ALA C 191 -8.16 -17.16 15.84
C ALA C 191 -8.31 -16.91 17.33
N VAL C 192 -8.73 -17.93 18.07
CA VAL C 192 -8.82 -17.81 19.53
C VAL C 192 -7.47 -17.41 20.10
N GLY C 193 -6.40 -18.07 19.65
CA GLY C 193 -5.08 -17.68 20.09
C GLY C 193 -4.77 -16.24 19.76
N TYR C 194 -5.19 -15.78 18.59
CA TYR C 194 -5.06 -14.36 18.28
C TYR C 194 -6.01 -13.54 19.15
N ALA C 195 -7.25 -14.01 19.31
CA ALA C 195 -8.27 -13.21 19.98
C ALA C 195 -7.82 -12.81 21.39
N LEU C 196 -7.09 -13.70 22.07
CA LEU C 196 -6.59 -13.36 23.39
C LEU C 196 -5.52 -12.29 23.32
N VAL C 197 -4.52 -12.47 22.45
CA VAL C 197 -3.40 -11.54 22.46
C VAL C 197 -3.82 -10.16 21.97
N ILE C 198 -4.71 -10.13 20.98
CA ILE C 198 -5.31 -8.85 20.59
C ILE C 198 -6.06 -8.23 21.76
N ASN C 199 -6.74 -9.07 22.54
CA ASN C 199 -7.38 -8.58 23.76
C ASN C 199 -6.34 -8.19 24.80
N MET C 200 -5.19 -8.85 24.79
CA MET C 200 -4.15 -8.54 25.77
C MET C 200 -3.64 -7.12 25.61
N MET C 201 -3.51 -6.64 24.38
CA MET C 201 -3.05 -5.29 24.10
C MET C 201 -4.00 -4.65 23.10
N ALA C 202 -4.80 -3.70 23.57
CA ALA C 202 -5.81 -3.06 22.70
C ALA C 202 -6.13 -1.69 23.29
N THR C 203 -5.63 -0.65 22.65
CA THR C 203 -5.94 0.72 23.02
C THR C 203 -6.48 1.46 21.80
N LYS C 204 -7.17 2.58 22.05
CA LYS C 204 -7.68 3.38 20.96
C LYS C 204 -6.59 4.00 20.11
N GLU C 205 -5.34 3.99 20.59
CA GLU C 205 -4.22 4.55 19.86
C GLU C 205 -3.65 3.59 18.82
N VAL C 206 -3.85 2.28 18.99
CA VAL C 206 -3.25 1.29 18.11
C VAL C 206 -4.26 0.58 17.22
N TRP C 207 -5.55 0.77 17.45
CA TRP C 207 -6.55 0.16 16.57
C TRP C 207 -6.42 0.59 15.11
N PRO C 208 -6.19 1.85 14.78
CA PRO C 208 -5.97 2.20 13.36
C PRO C 208 -4.83 1.44 12.73
N PHE C 209 -3.77 1.13 13.49
CA PHE C 209 -2.70 0.29 12.96
C PHE C 209 -3.19 -1.11 12.67
N PHE C 210 -4.08 -1.64 13.51
CA PHE C 210 -4.70 -2.93 13.22
C PHE C 210 -5.49 -2.86 11.92
N VAL C 211 -6.24 -1.77 11.72
CA VAL C 211 -7.01 -1.63 10.49
C VAL C 211 -6.09 -1.56 9.27
N ILE C 212 -5.01 -0.79 9.37
CA ILE C 212 -4.07 -0.67 8.26
C ILE C 212 -3.44 -2.02 7.94
N GLY C 213 -3.02 -2.75 8.98
CA GLY C 213 -2.43 -4.06 8.76
C GLY C 213 -3.42 -5.04 8.14
N PHE C 214 -4.68 -4.97 8.57
CA PHE C 214 -5.70 -5.85 7.99
C PHE C 214 -6.05 -5.46 6.57
N VAL C 215 -5.82 -4.20 6.19
CA VAL C 215 -6.12 -3.79 4.83
C VAL C 215 -4.97 -4.12 3.88
N VAL C 216 -3.74 -3.77 4.26
CA VAL C 216 -2.59 -3.87 3.38
C VAL C 216 -2.13 -5.32 3.23
N ALA C 217 -2.86 -6.25 3.87
CA ALA C 217 -2.56 -7.67 3.76
C ALA C 217 -3.34 -8.33 2.62
N ALA C 218 -3.62 -7.59 1.56
CA ALA C 218 -4.48 -8.03 0.48
C ALA C 218 -3.70 -8.92 -0.49
N ILE C 219 -4.27 -9.17 -1.66
CA ILE C 219 -3.94 -10.31 -2.52
C ILE C 219 -2.48 -10.36 -2.95
N SER C 220 -1.77 -11.38 -2.46
CA SER C 220 -0.63 -12.00 -3.14
C SER C 220 0.45 -11.06 -3.63
N GLN C 221 0.60 -9.88 -3.03
CA GLN C 221 1.68 -9.00 -3.46
C GLN C 221 2.74 -8.86 -2.37
N LEU C 222 2.30 -8.61 -1.13
CA LEU C 222 3.22 -8.45 -0.02
C LEU C 222 3.33 -9.76 0.74
N THR C 223 4.55 -10.20 0.99
CA THR C 223 4.77 -11.41 1.77
C THR C 223 4.67 -11.10 3.26
N LEU C 224 4.71 -12.16 4.07
CA LEU C 224 4.65 -11.98 5.52
C LEU C 224 5.85 -11.17 6.02
N ILE C 225 7.03 -11.44 5.48
CA ILE C 225 8.21 -10.67 5.87
C ILE C 225 8.04 -9.21 5.50
N ALA C 226 7.48 -8.95 4.31
CA ALA C 226 7.25 -7.57 3.89
C ALA C 226 6.28 -6.86 4.82
N ILE C 227 5.21 -7.55 5.23
CA ILE C 227 4.23 -6.94 6.13
C ILE C 227 4.87 -6.68 7.49
N GLY C 228 5.71 -7.61 7.97
CA GLY C 228 6.41 -7.37 9.22
C GLY C 228 7.34 -6.17 9.15
N ALA C 229 8.08 -6.04 8.04
CA ALA C 229 8.95 -4.89 7.87
C ALA C 229 8.16 -3.60 7.80
N LEU C 230 7.00 -3.63 7.11
CA LEU C 230 6.13 -2.47 7.06
C LEU C 230 5.65 -2.08 8.45
N GLY C 231 5.26 -3.08 9.25
CA GLY C 231 4.82 -2.78 10.61
C GLY C 231 5.93 -2.17 11.46
N VAL C 232 7.14 -2.72 11.33
CA VAL C 232 8.28 -2.16 12.07
C VAL C 232 8.53 -0.72 11.65
N ALA C 233 8.48 -0.45 10.34
CA ALA C 233 8.72 0.90 9.85
C ALA C 233 7.66 1.88 10.36
N LEU C 234 6.39 1.47 10.31
CA LEU C 234 5.32 2.32 10.83
C LEU C 234 5.48 2.58 12.32
N ALA C 235 5.84 1.53 13.08
CA ALA C 235 6.04 1.71 14.51
C ALA C 235 7.18 2.68 14.79
N LEU C 236 8.29 2.55 14.06
CA LEU C 236 9.42 3.44 14.26
C LEU C 236 9.06 4.88 13.91
N ILE C 237 8.33 5.08 12.82
CA ILE C 237 7.91 6.43 12.45
C ILE C 237 7.00 7.02 13.52
N TYR C 238 6.06 6.22 14.03
CA TYR C 238 5.16 6.71 15.06
C TYR C 238 5.92 7.08 16.33
N LEU C 239 6.88 6.25 16.73
CA LEU C 239 7.65 6.56 17.93
C LEU C 239 8.51 7.80 17.74
N ASN C 240 9.12 7.96 16.56
CA ASN C 240 9.93 9.14 16.29
C ASN C 240 9.08 10.40 16.33
N LEU C 241 7.88 10.35 15.75
CA LEU C 241 6.99 11.51 15.82
C LEU C 241 6.54 11.78 17.26
N SER C 242 6.21 10.73 18.01
CA SER C 242 5.71 10.91 19.37
C SER C 242 6.76 11.48 20.30
N LYS C 243 8.01 11.03 20.18
CA LYS C 243 9.05 11.48 21.09
C LYS C 243 9.26 12.98 21.01
N MET C 244 9.33 13.52 19.78
CA MET C 244 9.50 14.95 19.61
C MET C 244 8.19 15.71 19.83
N GLY C 245 7.05 15.07 19.57
CA GLY C 245 5.77 15.74 19.74
C GLY C 245 5.30 15.87 21.16
N GLY C 246 5.95 15.22 22.11
CA GLY C 246 5.54 15.31 23.50
C GLY C 246 6.19 16.45 24.24
N GLY C 247 5.40 17.48 24.54
CA GLY C 247 5.91 18.65 25.24
C GLY C 247 5.19 19.93 24.88
N GLU D 6 24.21 -15.88 50.17
CA GLU D 6 24.36 -14.47 49.86
C GLU D 6 24.18 -14.21 48.37
N LEU D 7 23.59 -15.18 47.67
CA LEU D 7 23.26 -15.08 46.25
C LEU D 7 24.51 -14.81 45.41
N SER D 8 25.40 -15.80 45.42
CA SER D 8 26.59 -15.74 44.59
C SER D 8 26.22 -15.83 43.12
N LYS D 9 27.18 -15.49 42.25
CA LYS D 9 26.90 -15.45 40.82
C LYS D 9 26.55 -16.84 40.29
N ARG D 10 27.36 -17.85 40.62
CA ARG D 10 27.09 -19.19 40.12
C ARG D 10 25.84 -19.81 40.76
N ASP D 11 25.10 -19.06 41.57
CA ASP D 11 23.75 -19.43 41.95
C ASP D 11 22.72 -18.86 40.97
N ARG D 12 22.90 -17.61 40.54
CA ARG D 12 22.00 -17.09 39.51
C ARG D 12 22.25 -17.74 38.17
N LEU D 13 23.47 -18.27 37.93
CA LEU D 13 23.65 -19.13 36.77
C LEU D 13 22.70 -20.32 36.81
N ARG D 14 22.64 -21.01 37.94
CA ARG D 14 21.75 -22.16 38.07
C ARG D 14 20.29 -21.73 37.98
N VAL D 15 19.95 -20.59 38.59
CA VAL D 15 18.57 -20.11 38.54
C VAL D 15 18.16 -19.81 37.11
N ALA D 16 19.02 -19.14 36.35
CA ALA D 16 18.70 -18.82 34.95
C ALA D 16 18.61 -20.08 34.11
N TRP D 17 19.49 -21.06 34.35
CA TRP D 17 19.41 -22.29 33.58
C TRP D 17 18.15 -23.08 33.90
N ARG D 18 17.72 -23.05 35.17
CA ARG D 18 16.49 -23.73 35.54
C ARG D 18 15.27 -22.98 35.03
N SER D 19 15.41 -21.68 34.79
CA SER D 19 14.33 -20.91 34.18
C SER D 19 13.98 -21.40 32.78
N THR D 20 14.90 -22.11 32.12
CA THR D 20 14.59 -22.75 30.86
C THR D 20 13.44 -23.73 31.00
N PHE D 21 13.24 -24.29 32.18
CA PHE D 21 12.13 -25.20 32.46
C PHE D 21 11.01 -24.51 33.22
N ILE D 22 10.75 -23.24 32.87
CA ILE D 22 9.65 -22.51 33.48
C ILE D 22 8.32 -23.20 33.22
N GLN D 23 8.17 -23.76 32.02
CA GLN D 23 6.99 -24.55 31.70
C GLN D 23 7.25 -26.02 32.01
N GLY D 24 6.36 -26.89 31.55
CA GLY D 24 6.48 -28.31 31.80
C GLY D 24 5.52 -28.78 32.85
N SER D 25 5.40 -28.03 33.93
CA SER D 25 4.34 -28.21 34.92
C SER D 25 3.20 -27.24 34.65
N TRP D 26 2.71 -27.22 33.42
CA TRP D 26 1.67 -26.28 33.01
C TRP D 26 0.30 -26.88 33.26
N ASN D 27 -0.59 -26.09 33.85
CA ASN D 27 -1.87 -26.62 34.29
C ASN D 27 -2.96 -25.57 34.10
N TYR D 28 -4.18 -26.05 33.82
CA TYR D 28 -5.31 -25.15 33.63
C TYR D 28 -5.71 -24.45 34.92
N GLU D 29 -5.66 -25.16 36.04
CA GLU D 29 -6.04 -24.55 37.32
C GLU D 29 -5.05 -23.45 37.71
N ARG D 30 -3.79 -23.81 37.88
CA ARG D 30 -2.71 -22.85 38.11
C ARG D 30 -1.71 -22.99 36.99
N MET D 31 -1.48 -21.91 36.24
CA MET D 31 -0.60 -21.93 35.09
C MET D 31 0.81 -21.55 35.49
N GLN D 32 1.78 -22.39 35.10
CA GLN D 32 3.21 -22.10 35.25
C GLN D 32 3.59 -21.82 36.71
N ASN D 33 2.94 -22.49 37.66
CA ASN D 33 3.28 -22.30 39.06
C ASN D 33 4.36 -23.29 39.53
N GLY D 34 4.19 -24.57 39.21
CA GLY D 34 5.19 -25.55 39.57
C GLY D 34 6.52 -25.29 38.89
N GLY D 35 6.49 -24.87 37.63
CA GLY D 35 7.72 -24.51 36.94
C GLY D 35 8.39 -23.31 37.57
N TRP D 36 7.60 -22.31 37.99
CA TRP D 36 8.18 -21.16 38.67
C TRP D 36 8.83 -21.58 39.98
N ALA D 37 8.18 -22.47 40.73
CA ALA D 37 8.80 -22.98 41.96
C ALA D 37 10.07 -23.74 41.65
N PHE D 38 10.09 -24.52 40.58
CA PHE D 38 11.27 -25.30 40.22
C PHE D 38 12.44 -24.41 39.86
N SER D 39 12.18 -23.28 39.19
CA SER D 39 13.26 -22.36 38.82
C SER D 39 13.82 -21.59 40.01
N MET D 40 13.15 -21.60 41.15
CA MET D 40 13.60 -20.89 42.34
C MET D 40 14.20 -21.82 43.39
N ILE D 41 14.32 -23.11 43.10
CA ILE D 41 14.75 -24.07 44.13
C ILE D 41 16.14 -23.77 44.68
N PRO D 42 17.17 -23.50 43.86
CA PRO D 42 18.49 -23.19 44.44
C PRO D 42 18.48 -21.94 45.31
N ALA D 43 17.66 -20.94 44.98
CA ALA D 43 17.54 -19.75 45.82
C ALA D 43 17.01 -20.10 47.20
N ILE D 44 16.01 -20.98 47.24
CA ILE D 44 15.53 -21.49 48.53
C ILE D 44 16.63 -22.27 49.24
N LYS D 45 17.36 -23.10 48.50
CA LYS D 45 18.35 -23.99 49.10
C LYS D 45 19.45 -23.19 49.78
N LYS D 46 19.97 -22.17 49.11
CA LYS D 46 21.14 -21.47 49.64
C LYS D 46 20.79 -20.57 50.82
N LEU D 47 19.68 -19.83 50.72
CA LEU D 47 19.48 -18.71 51.64
C LEU D 47 18.72 -19.14 52.89
N TYR D 48 17.88 -20.17 52.80
CA TYR D 48 17.07 -20.62 53.93
C TYR D 48 17.80 -21.72 54.69
N LYS D 49 17.23 -22.12 55.83
CA LYS D 49 17.83 -23.15 56.65
C LYS D 49 16.77 -23.78 57.56
N THR D 50 17.12 -24.96 58.09
CA THR D 50 16.46 -25.71 59.16
C THR D 50 14.93 -25.82 59.05
N LYS D 51 14.40 -25.69 57.83
CA LYS D 51 13.12 -26.29 57.43
C LYS D 51 11.85 -25.62 57.98
N GLU D 52 11.96 -24.64 58.89
CA GLU D 52 10.72 -23.96 59.27
C GLU D 52 10.16 -23.11 58.13
N ASP D 53 11.03 -22.46 57.35
CA ASP D 53 10.59 -21.56 56.30
C ASP D 53 10.72 -22.14 54.89
N ARG D 54 11.20 -23.38 54.76
CA ARG D 54 11.20 -24.02 53.45
C ARG D 54 9.77 -24.20 52.94
N SER D 55 8.88 -24.66 53.82
CA SER D 55 7.48 -24.86 53.45
C SER D 55 6.82 -23.53 53.10
N SER D 56 7.14 -22.48 53.85
CA SER D 56 6.61 -21.16 53.52
C SER D 56 7.11 -20.70 52.16
N ALA D 57 8.36 -21.04 51.82
CA ALA D 57 8.87 -20.74 50.49
C ALA D 57 8.07 -21.46 49.42
N LEU D 58 7.80 -22.74 49.63
CA LEU D 58 7.03 -23.50 48.66
C LEU D 58 5.62 -22.93 48.52
N LYS D 59 5.03 -22.49 49.63
CA LYS D 59 3.71 -21.86 49.56
C LYS D 59 3.75 -20.54 48.79
N ARG D 60 4.74 -19.69 49.06
CA ARG D 60 4.73 -18.38 48.41
C ARG D 60 5.37 -18.41 47.03
N HIS D 61 5.84 -19.57 46.57
CA HIS D 61 6.34 -19.69 45.20
C HIS D 61 5.54 -20.73 44.42
N LEU D 62 4.27 -20.92 44.76
CA LEU D 62 3.41 -21.85 44.03
C LEU D 62 2.04 -21.25 43.73
N GLU D 63 1.91 -19.92 43.78
CA GLU D 63 0.64 -19.29 43.43
C GLU D 63 0.55 -19.12 41.91
N PHE D 64 -0.51 -18.45 41.48
CA PHE D 64 -0.73 -18.23 40.06
C PHE D 64 0.36 -17.33 39.49
N PHE D 65 0.98 -17.77 38.38
CA PHE D 65 1.99 -16.96 37.71
C PHE D 65 2.05 -17.41 36.25
N ASN D 66 1.46 -16.60 35.36
CA ASN D 66 1.53 -16.85 33.92
C ASN D 66 2.05 -15.62 33.21
N THR D 67 3.09 -15.81 32.42
CA THR D 67 3.63 -14.76 31.55
C THR D 67 4.34 -15.44 30.39
N HIS D 68 4.95 -14.64 29.52
CA HIS D 68 5.73 -15.20 28.43
C HIS D 68 6.98 -15.89 28.99
N PRO D 69 7.27 -17.12 28.57
CA PRO D 69 8.39 -17.85 29.19
C PRO D 69 9.73 -17.13 29.08
N TYR D 70 10.02 -16.52 27.94
CA TYR D 70 11.33 -15.90 27.75
C TYR D 70 11.46 -14.62 28.57
N ILE D 71 10.47 -13.74 28.49
CA ILE D 71 10.47 -12.53 29.34
C ILE D 71 9.73 -12.94 30.62
N ALA D 72 10.47 -13.61 31.49
CA ALA D 72 10.05 -13.91 32.86
C ALA D 72 11.20 -13.78 33.84
N SER D 73 12.44 -13.71 33.36
CA SER D 73 13.63 -13.51 34.15
C SER D 73 13.67 -12.17 34.88
N PRO D 74 13.03 -11.11 34.37
CA PRO D 74 12.91 -9.91 35.22
C PRO D 74 12.24 -10.19 36.55
N ILE D 75 11.14 -10.96 36.55
CA ILE D 75 10.50 -11.33 37.81
C ILE D 75 11.43 -12.22 38.62
N LEU D 76 12.09 -13.17 37.97
CA LEU D 76 12.99 -14.09 38.66
C LEU D 76 14.21 -13.37 39.21
N GLY D 77 14.50 -12.16 38.77
CA GLY D 77 15.58 -11.37 39.32
C GLY D 77 15.12 -10.45 40.43
N VAL D 78 13.94 -9.86 40.26
CA VAL D 78 13.39 -8.99 41.28
C VAL D 78 13.07 -9.78 42.54
N THR D 79 12.59 -11.02 42.39
CA THR D 79 12.31 -11.83 43.57
C THR D 79 13.58 -12.13 44.35
N LEU D 80 14.68 -12.45 43.66
CA LEU D 80 15.95 -12.64 44.35
C LEU D 80 16.43 -11.36 45.00
N ALA D 81 16.28 -10.23 44.30
CA ALA D 81 16.72 -8.95 44.85
C ALA D 81 15.99 -8.63 46.15
N LEU D 82 14.69 -8.91 46.20
CA LEU D 82 13.92 -8.64 47.41
C LEU D 82 14.23 -9.66 48.50
N GLU D 83 14.37 -10.94 48.13
CA GLU D 83 14.52 -11.99 49.14
C GLU D 83 15.91 -11.98 49.76
N GLU D 84 16.96 -11.67 48.99
CA GLU D 84 18.29 -11.62 49.55
C GLU D 84 18.43 -10.49 50.56
N GLU D 85 17.52 -9.52 50.55
CA GLU D 85 17.57 -8.40 51.47
C GLU D 85 16.58 -8.50 52.61
N ARG D 86 15.40 -9.11 52.40
CA ARG D 86 14.43 -9.13 53.47
C ARG D 86 14.80 -10.14 54.55
N ALA D 87 15.55 -11.19 54.20
CA ALA D 87 16.05 -12.10 55.23
C ALA D 87 17.19 -11.45 56.02
N ASN D 88 18.10 -10.77 55.32
CA ASN D 88 19.20 -10.06 55.96
C ASN D 88 18.76 -8.62 56.22
N GLY D 89 17.97 -8.46 57.28
CA GLY D 89 17.45 -7.16 57.64
C GLY D 89 16.02 -7.19 58.13
N ALA D 90 15.38 -8.37 58.02
CA ALA D 90 14.07 -8.62 58.62
C ALA D 90 13.01 -7.63 58.18
N GLU D 91 12.97 -7.36 56.87
CA GLU D 91 11.91 -6.54 56.28
C GLU D 91 10.94 -7.40 55.47
N VAL D 92 10.70 -8.62 55.97
CA VAL D 92 9.87 -9.58 55.25
C VAL D 92 8.47 -9.03 55.08
N ASP D 93 7.94 -9.14 53.85
CA ASP D 93 6.65 -8.58 53.50
C ASP D 93 5.61 -9.65 53.18
N ASP D 94 5.95 -10.61 52.31
CA ASP D 94 5.08 -11.73 51.90
C ASP D 94 3.95 -11.17 51.04
N VAL D 95 3.90 -9.85 50.88
CA VAL D 95 2.88 -9.22 50.04
C VAL D 95 3.46 -8.30 48.98
N ALA D 96 4.61 -7.67 49.22
CA ALA D 96 5.23 -6.87 48.17
C ALA D 96 5.92 -7.75 47.14
N ILE D 97 6.46 -8.89 47.58
CA ILE D 97 7.03 -9.87 46.66
C ILE D 97 5.99 -10.48 45.75
N GLN D 98 4.73 -10.53 46.19
CA GLN D 98 3.62 -10.94 45.34
C GLN D 98 3.03 -9.78 44.55
N GLY D 99 3.04 -8.58 45.14
CA GLY D 99 2.57 -7.41 44.41
C GLY D 99 3.43 -7.10 43.20
N VAL D 100 4.75 -7.26 43.34
CA VAL D 100 5.63 -7.06 42.18
C VAL D 100 5.42 -8.16 41.15
N LYS D 101 5.11 -9.38 41.58
CA LYS D 101 4.83 -10.45 40.64
C LYS D 101 3.57 -10.17 39.83
N VAL D 102 2.52 -9.68 40.49
CA VAL D 102 1.26 -9.44 39.79
C VAL D 102 1.31 -8.15 38.98
N GLY D 103 2.01 -7.12 39.46
CA GLY D 103 2.04 -5.85 38.76
C GLY D 103 2.84 -5.88 37.47
N MET D 104 3.81 -6.79 37.35
CA MET D 104 4.57 -6.97 36.12
C MET D 104 4.11 -8.21 35.35
N MET D 105 2.88 -8.64 35.57
CA MET D 105 2.34 -9.83 34.93
C MET D 105 1.82 -9.53 33.53
N GLY D 106 0.86 -8.60 33.45
CA GLY D 106 0.21 -8.27 32.21
C GLY D 106 1.09 -7.57 31.20
N PRO D 107 1.66 -6.41 31.58
CA PRO D 107 2.47 -5.66 30.60
C PRO D 107 3.64 -6.44 30.01
N LEU D 108 4.35 -7.22 30.83
CA LEU D 108 5.46 -8.01 30.30
C LEU D 108 4.97 -9.07 29.33
N ALA D 109 3.84 -9.72 29.64
CA ALA D 109 3.27 -10.67 28.70
C ALA D 109 2.88 -9.99 27.40
N GLY D 110 2.27 -8.81 27.49
CA GLY D 110 1.84 -8.09 26.31
C GLY D 110 2.98 -7.55 25.46
N VAL D 111 4.14 -7.29 26.05
CA VAL D 111 5.31 -6.87 25.27
C VAL D 111 6.18 -8.04 24.84
N GLY D 112 5.99 -9.22 25.41
CA GLY D 112 6.80 -10.36 25.02
C GLY D 112 6.13 -11.30 24.04
N ASP D 113 4.82 -11.48 24.18
CA ASP D 113 4.11 -12.45 23.32
C ASP D 113 4.19 -12.09 21.84
N PRO D 114 3.85 -10.86 21.40
CA PRO D 114 3.94 -10.56 19.96
C PRO D 114 5.37 -10.56 19.45
N VAL D 115 6.29 -9.98 20.22
CA VAL D 115 7.67 -9.84 19.77
C VAL D 115 8.29 -11.21 19.50
N PHE D 116 8.13 -12.13 20.45
CA PHE D 116 8.79 -13.43 20.31
C PHE D 116 7.98 -14.39 19.45
N TRP D 117 6.65 -14.43 19.63
CA TRP D 117 5.87 -15.44 18.92
C TRP D 117 5.50 -15.01 17.51
N PHE D 118 5.08 -13.75 17.34
CA PHE D 118 4.52 -13.30 16.08
C PHE D 118 5.37 -12.26 15.37
N THR D 119 6.54 -11.91 15.91
CA THR D 119 7.44 -11.01 15.22
C THR D 119 8.78 -11.66 14.89
N ILE D 120 9.46 -12.25 15.87
CA ILE D 120 10.76 -12.84 15.63
C ILE D 120 10.65 -14.29 15.17
N ARG D 121 9.73 -15.06 15.76
CA ARG D 121 9.50 -16.42 15.29
C ARG D 121 9.13 -16.49 13.82
N PRO D 122 8.17 -15.71 13.31
CA PRO D 122 7.83 -15.85 11.88
C PRO D 122 8.96 -15.43 10.96
N MET D 123 9.64 -14.32 11.26
CA MET D 123 10.74 -13.88 10.40
C MET D 123 11.89 -14.87 10.42
N LEU D 124 12.25 -15.40 11.58
CA LEU D 124 13.33 -16.39 11.65
C LEU D 124 12.94 -17.68 10.96
N GLY D 125 11.69 -18.12 11.12
CA GLY D 125 11.24 -19.31 10.44
C GLY D 125 11.23 -19.16 8.94
N ALA D 126 10.79 -18.01 8.44
CA ALA D 126 10.82 -17.75 7.00
C ALA D 126 12.25 -17.72 6.48
N LEU D 127 13.15 -17.03 7.20
CA LEU D 127 14.54 -16.97 6.77
C LEU D 127 15.18 -18.35 6.76
N GLY D 128 14.90 -19.17 7.77
CA GLY D 128 15.43 -20.52 7.79
C GLY D 128 14.85 -21.40 6.69
N ALA D 129 13.54 -21.29 6.45
CA ALA D 129 12.91 -22.09 5.41
C ALA D 129 13.30 -21.63 4.02
N SER D 130 13.81 -20.40 3.89
CA SER D 130 14.33 -19.96 2.59
C SER D 130 15.43 -20.89 2.11
N LEU D 131 16.44 -21.13 2.96
CA LEU D 131 17.50 -22.05 2.60
C LEU D 131 17.04 -23.50 2.76
N ALA D 132 16.16 -23.76 3.74
CA ALA D 132 15.68 -25.13 3.96
C ALA D 132 14.88 -25.64 2.77
N LEU D 133 14.03 -24.79 2.17
CA LEU D 133 13.30 -25.19 0.98
C LEU D 133 14.20 -25.40 -0.22
N SER D 134 15.45 -24.95 -0.15
CA SER D 134 16.43 -25.20 -1.20
C SER D 134 17.31 -26.42 -0.93
N GLY D 135 17.17 -27.04 0.24
CA GLY D 135 17.96 -28.20 0.61
C GLY D 135 19.23 -27.88 1.38
N ASN D 136 19.42 -26.63 1.80
CA ASN D 136 20.65 -26.21 2.46
C ASN D 136 20.45 -26.21 3.97
N ILE D 137 21.30 -26.95 4.68
CA ILE D 137 21.16 -27.14 6.12
C ILE D 137 21.49 -25.86 6.88
N LEU D 138 22.18 -24.91 6.25
CA LEU D 138 22.54 -23.67 6.93
C LEU D 138 21.29 -22.91 7.38
N GLY D 139 20.18 -23.08 6.67
CA GLY D 139 18.93 -22.48 7.08
C GLY D 139 18.49 -22.87 8.48
N PRO D 140 18.19 -24.16 8.68
CA PRO D 140 17.85 -24.61 10.04
C PRO D 140 18.97 -24.41 11.05
N ILE D 141 20.23 -24.54 10.63
CA ILE D 141 21.33 -24.32 11.56
C ILE D 141 21.32 -22.89 12.08
N LEU D 142 21.18 -21.92 11.17
CA LEU D 142 21.12 -20.52 11.56
C LEU D 142 19.90 -20.23 12.41
N PHE D 143 18.75 -20.80 12.03
CA PHE D 143 17.54 -20.62 12.84
C PHE D 143 17.78 -21.06 14.28
N PHE D 144 18.28 -22.29 14.46
CA PHE D 144 18.53 -22.82 15.79
C PHE D 144 19.53 -21.95 16.56
N VAL D 145 20.67 -21.66 15.95
CA VAL D 145 21.74 -20.96 16.66
C VAL D 145 21.33 -19.54 17.01
N ALA D 146 20.78 -18.80 16.05
CA ALA D 146 20.36 -17.43 16.32
C ALA D 146 19.25 -17.37 17.34
N TRP D 147 18.26 -18.26 17.24
CA TRP D 147 17.18 -18.26 18.22
C TRP D 147 17.70 -18.53 19.62
N ASN D 148 18.59 -19.52 19.76
CA ASN D 148 19.14 -19.83 21.07
C ASN D 148 19.96 -18.68 21.61
N VAL D 149 20.78 -18.06 20.76
CA VAL D 149 21.60 -16.93 21.21
C VAL D 149 20.72 -15.81 21.72
N ILE D 150 19.68 -15.46 20.96
CA ILE D 150 18.87 -14.32 21.36
C ILE D 150 18.06 -14.62 22.62
N ARG D 151 17.48 -15.82 22.74
CA ARG D 151 16.73 -16.11 23.96
C ARG D 151 17.65 -16.10 25.18
N TRP D 152 18.81 -16.75 25.08
CA TRP D 152 19.67 -16.85 26.25
C TRP D 152 20.21 -15.48 26.64
N GLY D 153 20.61 -14.68 25.65
CA GLY D 153 21.07 -13.33 25.96
C GLY D 153 19.99 -12.48 26.61
N PHE D 154 18.76 -12.54 26.06
CA PHE D 154 17.67 -11.76 26.64
C PHE D 154 17.38 -12.18 28.07
N MET D 155 17.28 -13.50 28.31
CA MET D 155 16.99 -13.97 29.66
C MET D 155 18.11 -13.61 30.64
N TRP D 156 19.36 -13.75 30.24
CA TRP D 156 20.45 -13.39 31.14
C TRP D 156 20.47 -11.91 31.44
N TYR D 157 20.37 -11.07 30.41
CA TYR D 157 20.43 -9.63 30.62
C TYR D 157 19.25 -9.14 31.45
N THR D 158 18.04 -9.61 31.15
CA THR D 158 16.88 -9.19 31.91
C THR D 158 16.94 -9.69 33.34
N GLN D 159 17.45 -10.91 33.54
CA GLN D 159 17.59 -11.43 34.90
C GLN D 159 18.56 -10.60 35.72
N GLU D 160 19.73 -10.27 35.14
CA GLU D 160 20.72 -9.51 35.89
C GLU D 160 20.26 -8.06 36.06
N PHE D 161 19.39 -7.57 35.17
CA PHE D 161 18.80 -6.25 35.38
C PHE D 161 17.75 -6.28 36.48
N GLY D 162 17.00 -7.37 36.58
CA GLY D 162 16.05 -7.51 37.67
C GLY D 162 16.70 -7.77 39.00
N TYR D 163 17.96 -8.26 38.99
CA TYR D 163 18.70 -8.42 40.23
C TYR D 163 18.94 -7.08 40.91
N LYS D 164 18.90 -5.99 40.16
CA LYS D 164 18.97 -4.66 40.75
C LYS D 164 17.77 -4.43 41.67
N ALA D 165 17.99 -3.69 42.74
CA ALA D 165 16.98 -3.51 43.76
C ALA D 165 15.75 -2.80 43.19
N GLY D 166 14.66 -2.85 43.96
CA GLY D 166 13.42 -2.20 43.57
C GLY D 166 13.48 -0.68 43.56
N SER D 167 14.54 -0.10 44.13
CA SER D 167 14.70 1.35 44.06
C SER D 167 14.88 1.82 42.62
N LYS D 168 15.40 0.95 41.74
CA LYS D 168 15.54 1.28 40.34
C LYS D 168 14.33 0.87 39.51
N ILE D 169 13.56 -0.11 39.98
CA ILE D 169 12.43 -0.60 39.20
C ILE D 169 11.31 0.43 39.09
N THR D 170 11.25 1.39 40.00
CA THR D 170 10.24 2.44 39.89
C THR D 170 10.50 3.31 38.66
N ASP D 171 11.77 3.57 38.34
CA ASP D 171 12.09 4.26 37.10
C ASP D 171 12.20 3.30 35.93
N ASP D 172 12.48 2.03 36.20
CA ASP D 172 12.59 0.99 35.17
C ASP D 172 11.27 0.29 34.90
N LEU D 173 10.14 0.96 35.15
CA LEU D 173 8.83 0.44 34.79
C LEU D 173 8.05 1.38 33.88
N SER D 174 8.29 2.68 33.96
CA SER D 174 7.62 3.67 33.11
C SER D 174 8.68 4.65 32.63
N GLY D 175 9.17 4.44 31.40
CA GLY D 175 10.17 5.30 30.83
C GLY D 175 9.57 6.56 30.20
N GLY D 176 10.44 7.31 29.53
CA GLY D 176 11.83 6.96 29.39
C GLY D 176 12.11 6.13 28.14
N LEU D 177 12.53 4.88 28.35
CA LEU D 177 12.81 3.98 27.24
C LEU D 177 12.09 2.65 27.43
N LEU D 178 11.84 2.27 28.69
CA LEU D 178 11.21 1.00 28.98
C LEU D 178 9.70 1.03 28.83
N GLN D 179 9.10 2.20 28.60
CA GLN D 179 7.68 2.30 28.27
C GLN D 179 7.45 2.55 26.79
N ASP D 180 8.39 3.21 26.12
CA ASP D 180 8.26 3.43 24.68
C ASP D 180 8.32 2.11 23.93
N ILE D 181 9.17 1.18 24.39
CA ILE D 181 9.28 -0.12 23.75
C ILE D 181 7.95 -0.87 23.83
N THR D 182 7.20 -0.68 24.92
CA THR D 182 5.89 -1.29 25.03
C THR D 182 4.96 -0.82 23.92
N LYS D 183 4.92 0.50 23.68
CA LYS D 183 4.05 1.03 22.64
C LYS D 183 4.49 0.57 21.25
N GLY D 184 5.80 0.58 20.99
CA GLY D 184 6.29 0.12 19.70
C GLY D 184 5.97 -1.35 19.46
N ALA D 185 6.17 -2.19 20.47
CA ALA D 185 5.82 -3.60 20.35
C ALA D 185 4.32 -3.78 20.15
N SER D 186 3.51 -2.96 20.82
CA SER D 186 2.07 -3.05 20.63
C SER D 186 1.67 -2.71 19.20
N ILE D 187 2.26 -1.67 18.63
CA ILE D 187 1.93 -1.28 17.25
C ILE D 187 2.34 -2.37 16.28
N LEU D 188 3.57 -2.88 16.43
CA LEU D 188 4.06 -3.92 15.54
C LEU D 188 3.22 -5.19 15.67
N GLY D 189 2.85 -5.54 16.90
CA GLY D 189 2.03 -6.71 17.11
C GLY D 189 0.64 -6.57 16.53
N MET D 190 0.03 -5.39 16.66
CA MET D 190 -1.28 -5.17 16.05
C MET D 190 -1.21 -5.32 14.54
N PHE D 191 -0.17 -4.74 13.92
CA PHE D 191 -0.02 -4.88 12.47
C PHE D 191 0.11 -6.36 12.06
N VAL D 192 1.05 -7.08 12.69
CA VAL D 192 1.30 -8.45 12.29
C VAL D 192 0.10 -9.34 12.62
N LEU D 193 -0.57 -9.06 13.74
CA LEU D 193 -1.73 -9.87 14.14
C LEU D 193 -2.90 -9.67 13.19
N ALA D 194 -3.13 -8.44 12.73
CA ALA D 194 -4.15 -8.23 11.71
C ALA D 194 -3.80 -8.98 10.43
N ALA D 195 -2.52 -8.93 10.03
CA ALA D 195 -2.10 -9.67 8.84
C ALA D 195 -2.33 -11.16 9.00
N LEU D 196 -1.99 -11.71 10.18
CA LEU D 196 -2.19 -13.13 10.43
C LEU D 196 -3.67 -13.49 10.46
N VAL D 197 -4.49 -12.63 11.06
CA VAL D 197 -5.93 -12.90 11.14
C VAL D 197 -6.52 -12.97 9.74
N GLN D 198 -6.14 -12.03 8.86
CA GLN D 198 -6.66 -12.11 7.50
C GLN D 198 -6.12 -13.32 6.75
N ARG D 199 -4.81 -13.57 6.85
CA ARG D 199 -4.18 -14.52 5.96
C ARG D 199 -4.38 -15.98 6.37
N TRP D 200 -4.40 -16.27 7.66
CA TRP D 200 -4.32 -17.65 8.14
C TRP D 200 -5.48 -17.98 9.07
N VAL D 201 -6.69 -17.61 8.67
CA VAL D 201 -7.92 -18.06 9.31
C VAL D 201 -8.86 -18.44 8.18
N ASN D 202 -8.93 -19.73 7.84
CA ASN D 202 -9.67 -20.19 6.67
C ASN D 202 -11.12 -20.45 7.07
N ILE D 203 -12.02 -19.58 6.62
CA ILE D 203 -13.45 -19.74 6.89
C ILE D 203 -14.13 -19.76 5.52
N GLN D 204 -13.46 -20.36 4.54
CA GLN D 204 -13.99 -20.41 3.17
C GLN D 204 -15.37 -21.05 3.13
N PHE D 205 -16.38 -20.26 2.81
CA PHE D 205 -17.74 -20.77 2.67
C PHE D 205 -17.88 -21.51 1.35
N ALA D 206 -18.89 -22.38 1.28
CA ALA D 206 -19.18 -23.04 0.02
C ALA D 206 -20.67 -23.18 -0.29
N PRO D 207 -21.48 -22.11 -0.20
CA PRO D 207 -22.82 -22.17 -0.83
C PRO D 207 -22.76 -21.75 -2.28
N ILE D 208 -23.88 -21.86 -2.98
CA ILE D 208 -24.02 -21.35 -4.34
C ILE D 208 -25.25 -20.45 -4.38
N ILE D 209 -25.09 -19.22 -4.86
CA ILE D 209 -26.16 -18.24 -4.83
C ILE D 209 -27.05 -18.38 -6.05
N SER D 210 -26.49 -18.18 -7.23
CA SER D 210 -27.25 -18.18 -8.47
C SER D 210 -26.48 -18.88 -9.57
N LYS D 211 -27.21 -19.44 -10.52
CA LYS D 211 -26.65 -20.09 -11.70
C LYS D 211 -27.32 -19.44 -12.91
N VAL D 212 -26.75 -18.34 -13.37
CA VAL D 212 -27.31 -17.56 -14.47
C VAL D 212 -26.53 -17.84 -15.74
N LYS D 213 -27.24 -18.06 -16.83
CA LYS D 213 -26.61 -18.26 -18.13
C LYS D 213 -26.30 -16.91 -18.75
N LEU D 214 -25.09 -16.78 -19.30
CA LEU D 214 -24.66 -15.50 -19.85
C LEU D 214 -25.42 -15.18 -21.12
N ASP D 215 -25.54 -13.88 -21.40
CA ASP D 215 -26.09 -13.45 -22.67
C ASP D 215 -25.12 -13.78 -23.81
N GLU D 216 -25.61 -13.64 -25.04
CA GLU D 216 -24.80 -14.02 -26.20
C GLU D 216 -23.83 -12.87 -26.51
N GLY D 217 -23.09 -12.43 -25.50
CA GLY D 217 -22.04 -11.46 -25.71
C GLY D 217 -20.86 -11.63 -24.76
N ALA D 218 -20.89 -12.70 -23.97
CA ALA D 218 -19.87 -12.94 -22.94
C ALA D 218 -19.11 -14.23 -23.14
N TYR D 219 -19.80 -15.34 -23.38
CA TYR D 219 -19.12 -16.61 -23.56
C TYR D 219 -18.41 -16.67 -24.91
N ILE D 220 -17.38 -17.53 -24.97
CA ILE D 220 -16.50 -17.60 -26.14
C ILE D 220 -17.18 -18.19 -27.36
N ASP D 221 -18.35 -18.82 -27.18
CA ASP D 221 -19.02 -19.59 -28.24
C ASP D 221 -18.11 -20.74 -28.70
N TRP D 222 -17.91 -21.67 -27.77
CA TRP D 222 -17.04 -22.82 -28.00
C TRP D 222 -17.75 -23.89 -28.81
N SER D 223 -18.34 -23.50 -29.94
CA SER D 223 -18.92 -24.44 -30.88
C SER D 223 -18.72 -24.04 -32.33
N HIS D 224 -18.02 -22.93 -32.61
CA HIS D 224 -17.86 -22.45 -33.97
C HIS D 224 -16.43 -22.00 -34.27
N LEU D 225 -15.48 -22.33 -33.39
CA LEU D 225 -14.11 -21.89 -33.58
C LEU D 225 -13.47 -22.62 -34.77
N PRO D 226 -12.45 -22.02 -35.39
CA PRO D 226 -11.68 -22.74 -36.40
C PRO D 226 -11.02 -23.97 -35.78
N GLN D 227 -10.90 -25.02 -36.60
CA GLN D 227 -10.42 -26.32 -36.14
C GLN D 227 -8.94 -26.46 -36.46
N GLY D 228 -8.11 -26.47 -35.43
CA GLY D 228 -6.70 -26.78 -35.59
C GLY D 228 -5.76 -25.58 -35.58
N ALA D 229 -5.10 -25.36 -34.44
CA ALA D 229 -4.00 -24.41 -34.31
C ALA D 229 -4.43 -22.97 -34.50
N GLN D 230 -5.70 -22.75 -34.80
CA GLN D 230 -6.19 -21.38 -34.99
C GLN D 230 -7.28 -21.05 -33.97
N GLY D 231 -8.17 -22.00 -33.73
CA GLY D 231 -9.18 -21.86 -32.71
C GLY D 231 -8.56 -21.74 -31.34
N ILE D 232 -7.43 -22.40 -31.12
CA ILE D 232 -6.69 -22.28 -29.87
C ILE D 232 -6.31 -20.82 -29.63
N LYS D 233 -5.71 -20.20 -30.65
CA LYS D 233 -5.28 -18.82 -30.54
C LYS D 233 -6.47 -17.89 -30.38
N THR D 234 -7.55 -18.15 -31.12
CA THR D 234 -8.75 -17.33 -30.99
C THR D 234 -9.30 -17.38 -29.58
N ALA D 235 -9.37 -18.58 -28.99
CA ALA D 235 -9.88 -18.72 -27.64
C ALA D 235 -8.98 -18.02 -26.63
N LEU D 236 -7.65 -18.14 -26.81
CA LEU D 236 -6.73 -17.49 -25.88
C LEU D 236 -6.86 -15.97 -25.95
N GLN D 237 -6.95 -15.42 -27.16
CA GLN D 237 -7.10 -13.97 -27.30
C GLN D 237 -8.43 -13.50 -26.75
N GLN D 238 -9.50 -14.27 -26.97
CA GLN D 238 -10.80 -13.88 -26.44
C GLN D 238 -10.83 -13.96 -24.91
N GLN D 239 -10.14 -14.93 -24.34
CA GLN D 239 -10.01 -14.99 -22.88
C GLN D 239 -9.24 -13.79 -22.36
N GLN D 240 -8.14 -13.43 -23.02
CA GLN D 240 -7.41 -12.24 -22.62
C GLN D 240 -8.23 -10.97 -22.78
N ALA D 241 -9.20 -10.96 -23.71
CA ALA D 241 -10.09 -9.82 -23.83
C ALA D 241 -10.95 -9.65 -22.59
N GLY D 242 -11.44 -10.76 -22.03
CA GLY D 242 -12.23 -10.70 -20.82
C GLY D 242 -13.56 -11.45 -20.92
N LEU D 243 -13.70 -12.24 -21.98
CA LEU D 243 -14.93 -13.00 -22.17
C LEU D 243 -15.09 -14.07 -21.09
N ALA D 244 -16.33 -14.27 -20.64
CA ALA D 244 -16.61 -15.24 -19.60
C ALA D 244 -16.35 -16.66 -20.10
N LEU D 245 -15.70 -17.46 -19.26
CA LEU D 245 -15.24 -18.78 -19.69
C LEU D 245 -16.40 -19.72 -19.99
N SER D 246 -17.34 -19.85 -19.06
CA SER D 246 -18.38 -20.85 -19.16
C SER D 246 -19.74 -20.19 -19.43
N GLU D 247 -20.68 -21.01 -19.88
CA GLU D 247 -22.04 -20.55 -20.17
C GLU D 247 -22.76 -20.03 -18.92
N ILE D 248 -22.49 -20.61 -17.76
CA ILE D 248 -23.19 -20.28 -16.52
C ILE D 248 -22.20 -19.55 -15.60
N LYS D 249 -22.59 -18.40 -15.11
CA LYS D 249 -21.77 -17.61 -14.18
C LYS D 249 -22.08 -18.09 -12.78
N VAL D 250 -21.36 -19.11 -12.33
CA VAL D 250 -21.54 -19.63 -10.98
C VAL D 250 -21.05 -18.60 -9.97
N THR D 251 -21.91 -18.25 -9.03
CA THR D 251 -21.60 -17.27 -8.00
C THR D 251 -21.73 -17.90 -6.63
N THR D 252 -20.77 -17.61 -5.77
CA THR D 252 -20.74 -18.15 -4.42
C THR D 252 -20.85 -17.02 -3.40
N LEU D 253 -21.32 -17.38 -2.20
CA LEU D 253 -21.38 -16.40 -1.12
C LEU D 253 -19.99 -15.90 -0.76
N GLN D 254 -18.97 -16.72 -0.96
CA GLN D 254 -17.60 -16.29 -0.73
C GLN D 254 -17.22 -15.14 -1.66
N ASN D 255 -17.60 -15.22 -2.93
CA ASN D 255 -17.29 -14.16 -3.87
C ASN D 255 -17.98 -12.85 -3.49
N ASN D 256 -19.26 -12.94 -3.09
CA ASN D 256 -19.98 -11.74 -2.68
C ASN D 256 -19.40 -11.13 -1.42
N LEU D 257 -19.00 -11.97 -0.46
CA LEU D 257 -18.40 -11.46 0.77
C LEU D 257 -17.01 -10.86 0.52
N ASP D 258 -16.26 -11.41 -0.43
CA ASP D 258 -14.92 -10.91 -0.71
C ASP D 258 -14.93 -9.53 -1.36
N ASN D 259 -16.06 -9.13 -1.95
CA ASN D 259 -16.15 -7.83 -2.60
C ASN D 259 -16.14 -6.67 -1.62
N LEU D 260 -16.46 -6.91 -0.34
CA LEU D 260 -16.39 -5.84 0.65
C LEU D 260 -14.96 -5.68 1.16
N ILE D 261 -14.47 -6.69 1.86
CA ILE D 261 -13.08 -6.79 2.30
C ILE D 261 -12.74 -8.28 2.28
N PRO D 262 -11.59 -8.68 1.76
CA PRO D 262 -11.18 -10.09 1.88
C PRO D 262 -11.03 -10.49 3.33
N GLY D 263 -11.45 -11.72 3.63
CA GLY D 263 -11.37 -12.22 5.00
C GLY D 263 -12.24 -11.49 6.00
N LEU D 264 -13.48 -11.16 5.62
CA LEU D 264 -14.40 -10.54 6.57
C LEU D 264 -14.84 -11.53 7.64
N ALA D 265 -15.07 -12.78 7.25
CA ALA D 265 -15.47 -13.80 8.22
C ALA D 265 -14.39 -14.03 9.26
N ALA D 266 -13.11 -13.95 8.85
CA ALA D 266 -12.02 -14.16 9.78
C ALA D 266 -12.01 -13.10 10.88
N VAL D 267 -12.10 -11.82 10.49
CA VAL D 267 -12.09 -10.75 11.49
C VAL D 267 -13.37 -10.78 12.33
N ALA D 268 -14.50 -11.14 11.72
CA ALA D 268 -15.74 -11.26 12.49
C ALA D 268 -15.61 -12.35 13.56
N LEU D 269 -15.05 -13.50 13.19
CA LEU D 269 -14.86 -14.58 14.15
C LEU D 269 -13.86 -14.18 15.23
N THR D 270 -12.79 -13.48 14.85
CA THR D 270 -11.83 -13.02 15.84
C THR D 270 -12.47 -12.07 16.84
N PHE D 271 -13.32 -11.16 16.36
CA PHE D 271 -14.01 -10.25 17.28
C PHE D 271 -14.99 -10.99 18.17
N LEU D 272 -15.68 -12.00 17.63
CA LEU D 272 -16.59 -12.79 18.45
C LEU D 272 -15.83 -13.53 19.55
N CYS D 273 -14.69 -14.13 19.20
CA CYS D 273 -13.88 -14.82 20.20
C CYS D 273 -13.32 -13.85 21.23
N MET D 274 -12.94 -12.65 20.81
CA MET D 274 -12.48 -11.64 21.76
C MET D 274 -13.58 -11.27 22.74
N TRP D 275 -14.80 -11.08 22.23
CA TRP D 275 -15.92 -10.75 23.12
C TRP D 275 -16.23 -11.91 24.06
N LEU D 276 -16.15 -13.15 23.58
CA LEU D 276 -16.36 -14.30 24.45
C LEU D 276 -15.30 -14.36 25.55
N LEU D 277 -14.03 -14.11 25.20
CA LEU D 277 -12.98 -14.10 26.19
C LEU D 277 -13.17 -12.98 27.20
N LYS D 278 -13.72 -11.84 26.77
CA LYS D 278 -14.01 -10.77 27.71
C LYS D 278 -15.06 -11.17 28.74
N LYS D 279 -15.87 -12.19 28.46
CA LYS D 279 -16.87 -12.68 29.39
C LYS D 279 -16.32 -13.77 30.31
N LYS D 280 -15.01 -13.82 30.50
CA LYS D 280 -14.35 -14.75 31.41
C LYS D 280 -14.55 -16.21 31.01
N ILE D 281 -14.92 -16.47 29.76
CA ILE D 281 -15.07 -17.84 29.30
C ILE D 281 -13.69 -18.44 29.04
N SER D 282 -13.50 -19.68 29.49
CA SER D 282 -12.21 -20.34 29.33
C SER D 282 -11.94 -20.61 27.85
N PRO D 283 -10.70 -20.44 27.39
CA PRO D 283 -10.40 -20.66 25.97
C PRO D 283 -10.62 -22.09 25.50
N ILE D 284 -10.59 -23.07 26.40
CA ILE D 284 -10.82 -24.46 25.99
C ILE D 284 -12.24 -24.64 25.49
N ILE D 285 -13.21 -24.05 26.21
CA ILE D 285 -14.61 -24.12 25.78
C ILE D 285 -14.77 -23.43 24.44
N ILE D 286 -14.05 -22.32 24.22
CA ILE D 286 -14.14 -21.61 22.95
C ILE D 286 -13.58 -22.46 21.82
N ILE D 287 -12.46 -23.14 22.06
CA ILE D 287 -11.88 -23.99 21.02
C ILE D 287 -12.81 -25.14 20.68
N LEU D 288 -13.41 -25.76 21.70
CA LEU D 288 -14.42 -26.79 21.45
C LEU D 288 -15.60 -26.22 20.68
N GLY D 289 -15.99 -24.97 20.98
CA GLY D 289 -17.07 -24.34 20.26
C GLY D 289 -16.74 -24.13 18.79
N LEU D 290 -15.51 -23.70 18.50
CA LEU D 290 -15.08 -23.60 17.11
C LEU D 290 -15.11 -24.94 16.42
N PHE D 291 -14.64 -26.00 17.07
CA PHE D 291 -14.69 -27.32 16.45
C PHE D 291 -16.14 -27.74 16.15
N VAL D 292 -17.04 -27.54 17.12
CA VAL D 292 -18.41 -28.00 16.93
C VAL D 292 -19.13 -27.15 15.89
N VAL D 293 -18.89 -25.85 15.87
CA VAL D 293 -19.56 -25.01 14.86
C VAL D 293 -19.03 -25.35 13.48
N GLY D 294 -17.73 -25.64 13.37
CA GLY D 294 -17.19 -26.04 12.08
C GLY D 294 -17.81 -27.33 11.58
N ILE D 295 -17.91 -28.33 12.45
CA ILE D 295 -18.43 -29.62 12.01
C ILE D 295 -19.92 -29.52 11.67
N VAL D 296 -20.69 -28.79 12.48
CA VAL D 296 -22.11 -28.67 12.16
C VAL D 296 -22.32 -27.80 10.93
N GLY D 297 -21.45 -26.82 10.69
CA GLY D 297 -21.55 -26.05 9.47
C GLY D 297 -21.26 -26.87 8.23
N HIS D 298 -20.23 -27.71 8.29
CA HIS D 298 -19.96 -28.61 7.17
C HIS D 298 -21.09 -29.62 7.00
N LEU D 299 -21.73 -30.03 8.08
CA LEU D 299 -22.88 -30.92 7.97
C LEU D 299 -24.04 -30.22 7.26
N ILE D 300 -24.35 -29.00 7.68
CA ILE D 300 -25.43 -28.23 7.05
C ILE D 300 -25.05 -27.88 5.62
N GLY D 301 -23.81 -27.45 5.40
CA GLY D 301 -23.38 -26.99 4.10
C GLY D 301 -22.98 -25.52 4.04
N LEU D 302 -23.03 -24.80 5.17
CA LEU D 302 -22.58 -23.41 5.18
C LEU D 302 -21.10 -23.30 4.84
N LEU D 303 -20.29 -24.18 5.40
CA LEU D 303 -18.86 -24.18 5.15
C LEU D 303 -18.47 -25.30 4.18
N MET E 1 23.09 9.56 -45.00
CA MET E 1 23.51 9.08 -46.32
C MET E 1 24.16 10.19 -47.13
N SER E 2 23.80 11.43 -46.82
CA SER E 2 24.35 12.61 -47.48
C SER E 2 25.50 13.20 -46.67
N VAL E 3 26.29 14.05 -47.33
CA VAL E 3 27.42 14.69 -46.68
C VAL E 3 26.96 15.65 -45.58
N ILE E 4 25.80 16.27 -45.73
CA ILE E 4 25.27 17.12 -44.67
C ILE E 4 24.83 16.28 -43.48
N SER E 5 24.23 15.11 -43.74
CA SER E 5 23.72 14.28 -42.65
C SER E 5 24.85 13.81 -41.74
N ILE E 6 25.97 13.37 -42.32
CA ILE E 6 27.06 12.86 -41.50
C ILE E 6 27.65 13.95 -40.61
N ILE E 7 27.85 15.16 -41.15
CA ILE E 7 28.39 16.22 -40.33
C ILE E 7 27.40 16.67 -39.26
N LEU E 8 26.11 16.70 -39.57
CA LEU E 8 25.11 17.04 -38.54
C LEU E 8 25.10 16.01 -37.43
N VAL E 9 25.13 14.71 -37.77
CA VAL E 9 25.06 13.68 -36.75
C VAL E 9 26.33 13.66 -35.91
N VAL E 10 27.49 13.88 -36.53
CA VAL E 10 28.70 13.89 -35.71
C VAL E 10 28.75 15.14 -34.83
N LEU E 11 28.23 16.28 -35.31
CA LEU E 11 28.20 17.48 -34.48
C LEU E 11 27.29 17.28 -33.27
N ILE E 12 26.10 16.72 -33.49
CA ILE E 12 25.19 16.51 -32.37
C ILE E 12 25.72 15.41 -31.46
N ALA E 13 26.44 14.43 -32.00
CA ALA E 13 27.07 13.42 -31.16
C ALA E 13 28.16 14.05 -30.28
N PHE E 14 28.93 14.99 -30.84
CA PHE E 14 29.90 15.71 -30.03
C PHE E 14 29.23 16.52 -28.93
N LEU E 15 28.10 17.15 -29.26
CA LEU E 15 27.35 17.90 -28.25
C LEU E 15 26.86 16.98 -27.14
N ALA E 16 26.33 15.81 -27.52
CA ALA E 16 25.90 14.84 -26.52
C ALA E 16 27.07 14.33 -25.70
N GLY E 17 28.23 14.16 -26.33
CA GLY E 17 29.39 13.71 -25.61
C GLY E 17 29.86 14.69 -24.55
N ILE E 18 29.87 15.99 -24.90
CA ILE E 18 30.25 16.98 -23.89
C ILE E 18 29.18 17.07 -22.81
N GLU E 19 27.90 16.96 -23.19
CA GLU E 19 26.85 16.96 -22.20
C GLU E 19 26.84 15.69 -21.35
N GLY E 20 27.57 14.65 -21.76
CA GLY E 20 27.61 13.43 -20.99
C GLY E 20 28.08 13.64 -19.57
N ILE E 21 29.14 14.42 -19.38
CA ILE E 21 29.57 14.79 -18.04
C ILE E 21 29.25 16.24 -17.72
N LEU E 22 29.00 17.10 -18.71
CA LEU E 22 28.43 18.40 -18.41
C LEU E 22 27.08 18.24 -17.74
N ASP E 23 26.22 17.41 -18.32
CA ASP E 23 24.95 17.00 -17.70
C ASP E 23 24.14 18.24 -17.29
N GLU E 24 24.07 19.20 -18.21
CA GLU E 24 23.40 20.48 -17.97
C GLU E 24 22.22 20.70 -18.89
N PHE E 25 22.43 20.63 -20.20
CA PHE E 25 21.38 20.83 -21.18
C PHE E 25 20.71 19.51 -21.58
N GLN E 26 21.23 18.38 -21.10
CA GLN E 26 20.58 17.08 -21.24
C GLN E 26 20.46 16.63 -22.70
N PHE E 27 21.46 16.94 -23.52
CA PHE E 27 21.53 16.31 -24.82
C PHE E 27 21.87 14.83 -24.73
N HIS E 28 22.64 14.43 -23.71
CA HIS E 28 23.01 13.02 -23.60
C HIS E 28 21.83 12.12 -23.28
N GLN E 29 20.70 12.69 -22.83
CA GLN E 29 19.52 11.88 -22.55
C GLN E 29 18.93 11.35 -23.84
N PRO E 30 18.49 10.09 -23.86
CA PRO E 30 17.92 9.53 -25.10
C PRO E 30 16.65 10.23 -25.55
N LEU E 31 15.93 10.91 -24.65
CA LEU E 31 14.76 11.67 -25.05
C LEU E 31 15.10 12.80 -26.01
N ILE E 32 16.35 13.27 -25.99
CA ILE E 32 16.81 14.33 -26.87
C ILE E 32 17.86 13.84 -27.84
N ALA E 33 18.75 12.95 -27.40
CA ALA E 33 19.80 12.43 -28.27
C ALA E 33 19.27 11.55 -29.40
N CYS E 34 18.02 11.09 -29.31
CA CYS E 34 17.44 10.25 -30.35
C CYS E 34 16.45 10.99 -31.24
N THR E 35 15.96 12.15 -30.81
CA THR E 35 15.03 12.92 -31.64
C THR E 35 15.75 13.95 -32.51
N LEU E 36 16.81 14.58 -31.98
CA LEU E 36 17.62 15.45 -32.82
C LEU E 36 18.33 14.66 -33.91
N ILE E 37 18.80 13.46 -33.57
CA ILE E 37 19.43 12.59 -34.57
C ILE E 37 18.43 11.94 -35.49
N GLY E 38 17.13 12.02 -35.19
CA GLY E 38 16.11 11.47 -36.06
C GLY E 38 15.48 12.53 -36.93
N LEU E 39 15.42 13.76 -36.41
CA LEU E 39 14.86 14.86 -37.19
C LEU E 39 15.71 15.17 -38.41
N VAL E 40 17.04 15.10 -38.26
CA VAL E 40 17.95 15.49 -39.35
C VAL E 40 18.27 14.33 -40.29
N THR E 41 17.93 13.10 -39.93
CA THR E 41 18.22 11.95 -40.78
C THR E 41 17.03 11.53 -41.62
N GLY E 42 15.97 12.32 -41.65
CA GLY E 42 14.77 11.94 -42.38
C GLY E 42 13.63 11.54 -41.45
N ASN E 43 13.40 10.23 -41.32
CA ASN E 43 12.33 9.72 -40.48
C ASN E 43 12.44 10.23 -39.05
N LEU E 44 11.44 11.03 -38.63
CA LEU E 44 11.42 11.62 -37.30
C LEU E 44 10.51 10.86 -36.34
N THR E 45 9.30 10.52 -36.76
CA THR E 45 8.38 9.80 -35.90
C THR E 45 8.85 8.39 -35.59
N ALA E 46 9.77 7.85 -36.39
CA ALA E 46 10.30 6.52 -36.15
C ALA E 46 11.38 6.48 -35.08
N CYS E 47 11.85 7.65 -34.62
CA CYS E 47 12.90 7.72 -33.62
C CYS E 47 12.42 8.21 -32.26
N ILE E 48 11.30 8.93 -32.20
CA ILE E 48 10.80 9.39 -30.92
C ILE E 48 10.34 8.22 -30.06
N ILE E 49 9.80 7.17 -30.68
CA ILE E 49 9.40 5.98 -29.94
C ILE E 49 10.62 5.33 -29.30
N LEU E 50 11.72 5.19 -30.06
CA LEU E 50 12.94 4.63 -29.51
C LEU E 50 13.50 5.52 -28.41
N GLY E 51 13.42 6.84 -28.60
CA GLY E 51 13.90 7.75 -27.57
C GLY E 51 13.13 7.60 -26.27
N GLY E 52 11.81 7.49 -26.35
CA GLY E 52 11.01 7.26 -25.15
C GLY E 52 11.30 5.92 -24.50
N THR E 53 11.44 4.87 -25.32
CA THR E 53 11.72 3.54 -24.79
C THR E 53 13.05 3.52 -24.04
N LEU E 54 14.08 4.14 -24.62
CA LEU E 54 15.37 4.22 -23.94
C LEU E 54 15.35 5.19 -22.78
N GLN E 55 14.48 6.20 -22.80
CA GLN E 55 14.36 7.11 -21.67
C GLN E 55 13.76 6.41 -20.46
N MET E 56 12.83 5.47 -20.70
CA MET E 56 12.28 4.68 -19.60
C MET E 56 13.38 3.92 -18.87
N ILE E 57 14.29 3.29 -19.61
CA ILE E 57 15.40 2.57 -18.99
C ILE E 57 16.39 3.55 -18.36
N ALA E 58 16.61 4.69 -19.02
CA ALA E 58 17.66 5.63 -18.63
C ALA E 58 17.38 6.33 -17.31
N LEU E 59 16.16 6.22 -16.77
CA LEU E 59 15.89 6.78 -15.45
C LEU E 59 16.75 6.05 -14.42
N GLY E 60 17.21 6.78 -13.41
CA GLY E 60 18.10 6.19 -12.43
C GLY E 60 19.46 5.81 -12.99
N TRP E 61 20.00 6.66 -13.87
CA TRP E 61 21.32 6.48 -14.45
C TRP E 61 22.16 7.73 -14.20
N ALA E 62 22.16 8.20 -12.96
CA ALA E 62 22.93 9.39 -12.61
C ALA E 62 24.36 9.02 -12.25
N ASN E 63 25.28 9.93 -12.55
CA ASN E 63 26.68 9.80 -12.15
C ASN E 63 26.81 10.46 -10.78
N ILE E 64 26.91 9.64 -9.74
CA ILE E 64 26.89 10.11 -8.37
C ILE E 64 28.27 9.94 -7.76
N GLY E 65 28.90 11.05 -7.38
CA GLY E 65 30.12 11.04 -6.60
C GLY E 65 31.20 10.08 -7.04
N ALA E 66 31.77 10.31 -8.23
CA ALA E 66 32.84 9.48 -8.78
C ALA E 66 32.39 8.04 -8.99
N ALA E 67 31.10 7.85 -9.27
CA ALA E 67 30.56 6.55 -9.66
C ALA E 67 29.78 6.75 -10.95
N VAL E 68 30.27 6.16 -12.03
CA VAL E 68 29.67 6.39 -13.34
C VAL E 68 28.43 5.51 -13.52
N ALA E 69 27.57 5.92 -14.47
CA ALA E 69 26.35 5.20 -14.80
C ALA E 69 26.47 4.58 -16.19
N PRO E 70 25.87 3.41 -16.41
CA PRO E 70 26.10 2.68 -17.66
C PRO E 70 25.43 3.34 -18.85
N ASP E 71 26.24 3.73 -19.83
CA ASP E 71 25.76 4.16 -21.14
C ASP E 71 24.83 5.38 -21.03
N ALA E 72 25.33 6.43 -20.39
CA ALA E 72 24.53 7.65 -20.27
C ALA E 72 24.28 8.30 -21.63
N ALA E 73 25.29 8.32 -22.48
CA ALA E 73 25.21 9.03 -23.77
C ALA E 73 25.51 8.17 -24.97
N LEU E 74 26.44 7.22 -24.85
CA LEU E 74 26.85 6.43 -26.01
C LEU E 74 25.70 5.60 -26.58
N ALA E 75 24.91 4.98 -25.70
CA ALA E 75 23.81 4.14 -26.15
C ALA E 75 22.77 4.93 -26.92
N SER E 76 22.44 6.14 -26.46
CA SER E 76 21.37 6.91 -27.07
C SER E 76 21.64 7.21 -28.53
N VAL E 77 22.89 7.54 -28.86
CA VAL E 77 23.26 7.83 -30.25
C VAL E 77 23.54 6.55 -31.03
N ALA E 78 24.21 5.59 -30.39
CA ALA E 78 24.59 4.36 -31.08
C ALA E 78 23.38 3.54 -31.52
N SER E 79 22.38 3.39 -30.66
CA SER E 79 21.18 2.64 -31.04
C SER E 79 20.40 3.38 -32.13
N ALA E 80 20.32 4.71 -32.02
CA ALA E 80 19.58 5.49 -33.01
C ALA E 80 20.21 5.41 -34.38
N ILE E 81 21.54 5.45 -34.47
CA ILE E 81 22.21 5.35 -35.76
C ILE E 81 21.94 4.00 -36.40
N ILE E 82 22.00 2.93 -35.60
CA ILE E 82 21.72 1.59 -36.13
C ILE E 82 20.27 1.49 -36.58
N LEU E 83 19.35 2.10 -35.82
CA LEU E 83 17.94 2.06 -36.20
C LEU E 83 17.71 2.78 -37.52
N VAL E 84 18.32 3.96 -37.70
CA VAL E 84 18.06 4.75 -38.90
C VAL E 84 18.80 4.23 -40.13
N LEU E 85 19.98 3.63 -39.96
CA LEU E 85 20.72 3.15 -41.12
C LEU E 85 20.16 1.84 -41.66
N GLY E 86 19.67 0.96 -40.78
CA GLY E 86 19.21 -0.35 -41.17
C GLY E 86 17.75 -0.48 -41.51
N GLY E 87 17.02 0.63 -41.63
CA GLY E 87 15.60 0.54 -41.93
C GLY E 87 14.81 0.08 -40.71
N GLN E 88 13.55 -0.28 -40.98
CA GLN E 88 12.59 -0.65 -39.95
C GLN E 88 12.61 0.36 -38.80
N GLY E 89 12.20 1.59 -39.12
CA GLY E 89 12.22 2.66 -38.14
C GLY E 89 11.37 2.35 -36.91
N VAL E 90 10.23 1.71 -37.12
CA VAL E 90 9.37 1.31 -36.02
C VAL E 90 9.54 -0.16 -35.64
N ALA E 91 9.80 -1.03 -36.60
CA ALA E 91 10.01 -2.44 -36.32
C ALA E 91 11.36 -2.73 -35.68
N GLY E 92 12.37 -1.90 -35.95
CA GLY E 92 13.70 -2.10 -35.44
C GLY E 92 13.96 -1.53 -34.06
N ILE E 93 12.95 -0.97 -33.40
CA ILE E 93 13.15 -0.44 -32.05
C ILE E 93 13.59 -1.52 -31.07
N PRO E 94 12.98 -2.70 -31.02
CA PRO E 94 13.53 -3.75 -30.14
C PRO E 94 14.96 -4.13 -30.48
N SER E 95 15.31 -4.15 -31.77
CA SER E 95 16.69 -4.44 -32.15
C SER E 95 17.64 -3.39 -31.62
N ALA E 96 17.25 -2.11 -31.72
CA ALA E 96 18.12 -1.04 -31.24
C ALA E 96 18.23 -1.05 -29.71
N ILE E 97 17.14 -1.33 -29.01
CA ILE E 97 17.21 -1.36 -27.55
C ILE E 97 17.93 -2.61 -27.06
N ALA E 98 18.01 -3.65 -27.89
CA ALA E 98 18.78 -4.84 -27.55
C ALA E 98 20.28 -4.68 -27.77
N ILE E 99 20.70 -3.60 -28.43
CA ILE E 99 22.11 -3.30 -28.59
C ILE E 99 22.54 -2.10 -27.76
N ALA E 100 21.63 -1.18 -27.43
CA ALA E 100 22.00 -0.04 -26.59
C ALA E 100 22.44 -0.48 -25.20
N ILE E 101 21.70 -1.39 -24.59
CA ILE E 101 21.98 -1.85 -23.22
C ILE E 101 23.32 -2.57 -23.11
N PRO E 102 23.65 -3.54 -23.97
CA PRO E 102 24.92 -4.27 -23.80
C PRO E 102 26.16 -3.50 -24.22
N LEU E 103 26.07 -2.19 -24.41
CA LEU E 103 27.23 -1.37 -24.74
C LEU E 103 27.96 -0.88 -23.50
N ALA E 104 27.56 -1.32 -22.31
CA ALA E 104 28.25 -0.93 -21.09
C ALA E 104 29.69 -1.43 -21.09
N VAL E 105 29.95 -2.55 -21.78
CA VAL E 105 31.32 -3.04 -21.90
C VAL E 105 32.18 -2.03 -22.67
N ALA E 106 31.58 -1.33 -23.64
CA ALA E 106 32.27 -0.29 -24.38
C ALA E 106 31.81 1.11 -24.02
N GLY E 107 30.97 1.25 -22.98
CA GLY E 107 30.46 2.54 -22.60
C GLY E 107 31.01 3.07 -21.29
N LEU E 108 31.20 2.18 -20.32
CA LEU E 108 31.70 2.59 -19.01
C LEU E 108 33.22 2.69 -19.00
N PHE E 109 33.89 1.68 -19.55
CA PHE E 109 35.34 1.75 -19.65
C PHE E 109 35.78 2.92 -20.53
N LEU E 110 35.07 3.11 -21.65
CA LEU E 110 35.43 4.16 -22.59
C LEU E 110 35.29 5.54 -21.97
N THR E 111 34.34 5.73 -21.06
CA THR E 111 34.24 7.03 -20.40
C THR E 111 35.18 7.16 -19.22
N MET E 112 35.40 6.10 -18.44
CA MET E 112 36.29 6.22 -17.29
C MET E 112 37.73 6.45 -17.70
N ILE E 113 38.17 5.84 -18.81
CA ILE E 113 39.52 6.10 -19.27
C ILE E 113 39.69 7.57 -19.65
N VAL E 114 38.66 8.16 -20.24
CA VAL E 114 38.71 9.58 -20.60
C VAL E 114 38.71 10.44 -19.34
N ARG E 115 37.92 10.06 -18.34
CA ARG E 115 37.90 10.83 -17.09
C ARG E 115 39.25 10.79 -16.39
N THR E 116 39.93 9.64 -16.39
CA THR E 116 41.24 9.58 -15.74
C THR E 116 42.35 10.13 -16.62
N LEU E 117 42.13 10.28 -17.93
CA LEU E 117 43.13 10.88 -18.80
C LEU E 117 43.30 12.37 -18.59
N ALA E 118 42.40 13.01 -17.86
CA ALA E 118 42.46 14.45 -17.66
C ALA E 118 43.23 14.85 -16.41
N VAL E 119 43.80 13.90 -15.68
CA VAL E 119 44.67 14.25 -14.55
C VAL E 119 45.89 15.03 -15.00
N PRO E 120 46.62 14.63 -16.06
CA PRO E 120 47.67 15.52 -16.57
C PRO E 120 47.15 16.86 -17.04
N ILE E 121 45.88 16.93 -17.45
CA ILE E 121 45.31 18.21 -17.87
C ILE E 121 45.28 19.19 -16.71
N VAL E 122 44.78 18.77 -15.55
CA VAL E 122 44.76 19.68 -14.41
C VAL E 122 46.16 19.86 -13.84
N HIS E 123 47.04 18.88 -14.02
CA HIS E 123 48.44 19.07 -13.63
C HIS E 123 49.06 20.22 -14.41
N LEU E 124 48.88 20.21 -15.73
CA LEU E 124 49.39 21.30 -16.56
C LEU E 124 48.65 22.60 -16.26
N MET E 125 47.38 22.50 -15.88
CA MET E 125 46.62 23.68 -15.45
C MET E 125 47.28 24.33 -14.25
N ASP E 126 47.63 23.55 -13.23
CA ASP E 126 48.31 24.09 -12.06
C ASP E 126 49.71 24.61 -12.44
N ARG E 127 50.39 23.90 -13.33
CA ARG E 127 51.71 24.33 -13.78
C ARG E 127 51.65 25.72 -14.40
N ALA E 128 50.67 25.97 -15.26
CA ALA E 128 50.46 27.30 -15.79
C ALA E 128 49.87 28.24 -14.74
N ALA E 129 49.30 27.69 -13.66
CA ALA E 129 48.71 28.53 -12.63
C ALA E 129 49.76 29.18 -11.74
N GLU E 130 50.91 28.51 -11.53
CA GLU E 130 51.95 29.15 -10.72
C GLU E 130 52.43 30.46 -11.35
N LYS E 131 52.62 30.47 -12.67
CA LYS E 131 53.07 31.71 -13.32
C LYS E 131 51.97 32.75 -13.43
N GLY E 132 50.72 32.39 -13.11
CA GLY E 132 49.65 33.36 -13.13
C GLY E 132 49.02 33.62 -14.47
N ASN E 133 49.32 32.79 -15.47
CA ASN E 133 48.73 32.94 -16.80
C ASN E 133 47.32 32.37 -16.73
N ILE E 134 46.36 33.24 -16.42
CA ILE E 134 44.97 32.82 -16.28
C ILE E 134 44.24 32.74 -17.62
N ARG E 135 44.90 33.11 -18.71
CA ARG E 135 44.30 32.96 -20.04
C ARG E 135 44.45 31.55 -20.59
N SER E 136 45.30 30.72 -19.98
CA SER E 136 45.52 29.36 -20.46
C SER E 136 44.64 28.34 -19.75
N VAL E 137 44.20 28.62 -18.53
CA VAL E 137 43.29 27.72 -17.83
C VAL E 137 41.95 27.65 -18.55
N GLU E 138 41.44 28.79 -19.03
CA GLU E 138 40.18 28.83 -19.74
C GLU E 138 40.27 28.19 -21.12
N TRP E 139 41.47 27.93 -21.62
CA TRP E 139 41.65 27.18 -22.85
C TRP E 139 41.84 25.70 -22.58
N LEU E 140 42.55 25.37 -21.48
CA LEU E 140 42.72 23.98 -21.09
C LEU E 140 41.39 23.34 -20.72
N HIS E 141 40.51 24.10 -20.06
CA HIS E 141 39.20 23.57 -19.71
C HIS E 141 38.40 23.24 -20.98
N ILE E 142 38.43 24.13 -21.97
CA ILE E 142 37.74 23.87 -23.22
C ILE E 142 38.35 22.68 -23.95
N SER E 143 39.68 22.55 -23.90
CA SER E 143 40.32 21.38 -24.50
C SER E 143 39.88 20.09 -23.82
N ALA E 144 39.74 20.13 -22.49
CA ALA E 144 39.24 18.96 -21.77
C ALA E 144 37.81 18.63 -22.18
N ILE E 145 36.96 19.66 -22.35
CA ILE E 145 35.59 19.42 -22.79
C ILE E 145 35.57 18.80 -24.18
N CYS E 146 36.43 19.31 -25.07
CA CYS E 146 36.51 18.74 -26.41
C CYS E 146 36.97 17.29 -26.38
N MET E 147 37.96 16.98 -25.53
CA MET E 147 38.41 15.60 -25.39
C MET E 147 37.28 14.71 -24.88
N GLN E 148 36.46 15.24 -23.95
CA GLN E 148 35.30 14.50 -23.49
C GLN E 148 34.31 14.25 -24.63
N GLY E 149 34.15 15.24 -25.51
CA GLY E 149 33.25 15.04 -26.64
C GLY E 149 33.77 14.05 -27.67
N ILE E 150 35.10 13.90 -27.74
CA ILE E 150 35.69 13.01 -28.74
C ILE E 150 35.23 11.57 -28.53
N ARG E 151 35.09 11.14 -27.28
CA ARG E 151 34.78 9.73 -27.02
C ARG E 151 33.43 9.33 -27.58
N ILE E 152 32.56 10.28 -27.90
CA ILE E 152 31.27 9.98 -28.51
C ILE E 152 31.32 10.37 -29.98
N ALA E 153 32.13 11.38 -30.31
CA ALA E 153 32.24 11.82 -31.69
C ALA E 153 32.85 10.74 -32.57
N ILE E 154 33.91 10.09 -32.10
CA ILE E 154 34.63 9.09 -32.89
C ILE E 154 33.74 7.88 -33.21
N PRO E 155 33.12 7.21 -32.22
CA PRO E 155 32.29 6.04 -32.56
C PRO E 155 31.10 6.39 -33.44
N ALA E 156 30.53 7.58 -33.28
CA ALA E 156 29.42 7.99 -34.14
C ALA E 156 29.84 8.05 -35.60
N ALA E 157 31.01 8.65 -35.86
CA ALA E 157 31.52 8.70 -37.22
C ALA E 157 31.90 7.30 -37.72
N ALA E 158 32.42 6.46 -36.84
CA ALA E 158 32.80 5.11 -37.24
C ALA E 158 31.59 4.29 -37.66
N LEU E 159 30.47 4.45 -36.95
CA LEU E 159 29.29 3.63 -37.24
C LEU E 159 28.77 3.85 -38.65
N LEU E 160 28.88 5.06 -39.19
CA LEU E 160 28.41 5.32 -40.54
C LEU E 160 29.19 4.54 -41.59
N PHE E 161 30.52 4.45 -41.42
CA PHE E 161 31.40 3.85 -42.42
C PHE E 161 31.72 2.39 -42.13
N ILE E 162 30.82 1.69 -41.43
CA ILE E 162 30.95 0.26 -41.18
C ILE E 162 29.61 -0.39 -41.53
N PRO E 163 29.51 -1.71 -41.57
CA PRO E 163 28.20 -2.34 -41.76
C PRO E 163 27.21 -1.88 -40.69
N ALA E 164 25.97 -1.67 -41.11
CA ALA E 164 24.93 -1.04 -40.30
C ALA E 164 24.45 -1.90 -39.13
N ASP E 165 25.00 -3.09 -38.87
CA ASP E 165 24.54 -3.88 -37.72
C ASP E 165 25.47 -3.75 -36.52
N SER E 166 26.79 -3.83 -36.74
CA SER E 166 27.79 -3.65 -35.68
C SER E 166 27.54 -4.58 -34.49
N VAL E 167 27.19 -5.83 -34.76
CA VAL E 167 26.93 -6.81 -33.71
C VAL E 167 28.07 -7.82 -33.75
N GLN E 168 29.11 -7.51 -34.51
CA GLN E 168 30.23 -8.42 -34.66
C GLN E 168 31.46 -7.91 -33.93
N SER E 169 31.89 -6.68 -34.23
CA SER E 169 33.06 -6.07 -33.61
C SER E 169 34.31 -6.92 -33.84
N PHE E 170 34.70 -7.09 -35.10
CA PHE E 170 35.90 -7.84 -35.49
C PHE E 170 35.84 -9.28 -35.03
N LEU E 171 35.95 -9.51 -33.72
CA LEU E 171 35.89 -10.85 -33.15
C LEU E 171 34.51 -11.07 -32.56
N GLU E 172 34.00 -12.30 -32.71
CA GLU E 172 32.61 -12.60 -32.42
C GLU E 172 32.38 -12.68 -30.91
N ALA E 173 33.35 -12.14 -30.15
CA ALA E 173 33.31 -12.06 -28.69
C ALA E 173 33.57 -13.44 -28.09
N MET E 174 34.22 -13.46 -26.92
CA MET E 174 34.55 -14.67 -26.18
C MET E 174 33.34 -15.60 -26.13
N PRO E 175 33.55 -16.92 -26.08
CA PRO E 175 32.45 -17.85 -26.36
C PRO E 175 31.33 -17.82 -25.34
N ALA E 176 30.49 -16.78 -25.43
CA ALA E 176 29.21 -16.69 -24.74
C ALA E 176 29.35 -16.60 -23.23
N TRP E 177 30.55 -16.31 -22.73
CA TRP E 177 30.73 -16.10 -21.30
C TRP E 177 31.09 -14.66 -20.96
N LEU E 178 31.75 -13.94 -21.88
CA LEU E 178 32.07 -12.55 -21.63
C LEU E 178 30.92 -11.62 -22.01
N THR E 179 30.30 -11.85 -23.17
CA THR E 179 29.29 -10.92 -23.67
C THR E 179 28.05 -10.90 -22.79
N ASP E 180 27.74 -12.01 -22.11
CA ASP E 180 26.61 -12.03 -21.20
C ASP E 180 27.00 -11.74 -19.76
N GLY E 181 28.22 -12.09 -19.35
CA GLY E 181 28.70 -11.71 -18.04
C GLY E 181 28.80 -10.20 -17.89
N MET E 182 29.33 -9.53 -18.91
CA MET E 182 29.37 -8.06 -18.88
C MET E 182 27.97 -7.48 -18.85
N ALA E 183 27.03 -8.11 -19.56
CA ALA E 183 25.65 -7.63 -19.57
C ALA E 183 25.03 -7.73 -18.17
N ILE E 184 25.17 -8.89 -17.53
CA ILE E 184 24.58 -9.05 -16.20
C ILE E 184 25.32 -8.21 -15.16
N GLY E 185 26.59 -7.87 -15.41
CA GLY E 185 27.27 -6.94 -14.52
C GLY E 185 26.88 -5.50 -14.75
N GLY E 186 26.41 -5.17 -15.95
CA GLY E 186 25.99 -3.81 -16.23
C GLY E 186 24.72 -3.42 -15.53
N GLY E 187 23.87 -4.39 -15.21
CA GLY E 187 22.67 -4.16 -14.44
C GLY E 187 22.89 -4.13 -12.94
N MET E 188 24.13 -4.25 -12.50
CA MET E 188 24.48 -4.27 -11.09
C MET E 188 25.29 -3.07 -10.65
N VAL E 189 25.96 -2.38 -11.57
CA VAL E 189 26.85 -1.27 -11.20
C VAL E 189 26.05 -0.11 -10.64
N VAL E 190 24.82 0.08 -11.10
CA VAL E 190 24.01 1.21 -10.63
C VAL E 190 23.83 1.16 -9.13
N ALA E 191 23.88 -0.03 -8.54
CA ALA E 191 23.77 -0.17 -7.09
C ALA E 191 24.83 0.68 -6.39
N VAL E 192 26.07 0.63 -6.89
CA VAL E 192 27.13 1.46 -6.33
C VAL E 192 26.72 2.92 -6.37
N GLY E 193 26.16 3.36 -7.50
CA GLY E 193 25.67 4.73 -7.59
C GLY E 193 24.65 5.05 -6.53
N TYR E 194 23.74 4.11 -6.24
CA TYR E 194 22.82 4.31 -5.13
C TYR E 194 23.55 4.19 -3.79
N ALA E 195 24.48 3.24 -3.70
CA ALA E 195 25.13 2.95 -2.43
C ALA E 195 25.77 4.19 -1.84
N LEU E 196 26.35 5.04 -2.69
CA LEU E 196 26.94 6.28 -2.18
C LEU E 196 25.88 7.26 -1.71
N VAL E 197 24.84 7.49 -2.54
CA VAL E 197 23.87 8.52 -2.21
C VAL E 197 23.04 8.10 -0.99
N ILE E 198 22.70 6.81 -0.90
CA ILE E 198 22.08 6.29 0.31
C ILE E 198 23.01 6.49 1.49
N ASN E 199 24.32 6.31 1.27
CA ASN E 199 25.29 6.63 2.31
C ASN E 199 25.37 8.13 2.56
N MET E 200 25.11 8.94 1.53
CA MET E 200 25.21 10.39 1.69
C MET E 200 24.18 10.90 2.69
N MET E 201 22.95 10.40 2.64
CA MET E 201 21.92 10.77 3.60
C MET E 201 21.38 9.49 4.24
N ALA E 202 21.68 9.30 5.51
CA ALA E 202 21.25 8.09 6.23
C ALA E 202 21.20 8.42 7.72
N THR E 203 20.00 8.63 8.23
CA THR E 203 19.78 8.86 9.65
C THR E 203 18.77 7.86 10.17
N LYS E 204 18.76 7.68 11.49
CA LYS E 204 17.79 6.77 12.10
C LYS E 204 16.36 7.27 11.96
N GLU E 205 16.16 8.52 11.57
CA GLU E 205 14.83 9.09 11.39
C GLU E 205 14.25 8.78 10.01
N VAL E 206 15.08 8.47 9.02
CA VAL E 206 14.61 8.27 7.65
C VAL E 206 14.74 6.83 7.17
N TRP E 207 15.43 5.97 7.93
CA TRP E 207 15.50 4.56 7.54
C TRP E 207 14.14 3.88 7.44
N PRO E 208 13.19 4.08 8.35
CA PRO E 208 11.86 3.48 8.16
C PRO E 208 11.20 3.89 6.85
N PHE E 209 11.43 5.12 6.40
CA PHE E 209 10.93 5.51 5.09
C PHE E 209 11.59 4.70 3.97
N PHE E 210 12.88 4.41 4.11
CA PHE E 210 13.54 3.53 3.16
C PHE E 210 12.88 2.15 3.15
N VAL E 211 12.57 1.63 4.34
CA VAL E 211 11.93 0.31 4.42
C VAL E 211 10.55 0.35 3.76
N ILE E 212 9.76 1.40 4.02
CA ILE E 212 8.43 1.52 3.43
C ILE E 212 8.54 1.60 1.91
N GLY E 213 9.47 2.41 1.41
CA GLY E 213 9.64 2.51 -0.03
C GLY E 213 10.08 1.20 -0.66
N PHE E 214 10.95 0.46 0.03
CA PHE E 214 11.40 -0.82 -0.50
C PHE E 214 10.31 -1.87 -0.41
N VAL E 215 9.32 -1.68 0.45
CA VAL E 215 8.22 -2.64 0.53
C VAL E 215 7.14 -2.33 -0.50
N VAL E 216 6.70 -1.07 -0.57
CA VAL E 216 5.55 -0.70 -1.38
C VAL E 216 5.90 -0.67 -2.87
N ALA E 217 7.14 -1.03 -3.19
CA ALA E 217 7.58 -1.09 -4.59
C ALA E 217 7.39 -2.48 -5.20
N ALA E 218 6.38 -3.20 -4.74
CA ALA E 218 6.17 -4.60 -5.08
C ALA E 218 5.49 -4.71 -6.45
N ILE E 219 4.99 -5.90 -6.78
CA ILE E 219 4.70 -6.33 -8.14
C ILE E 219 3.70 -5.45 -8.89
N SER E 220 4.19 -4.78 -9.94
CA SER E 220 3.42 -4.39 -11.11
C SER E 220 2.11 -3.66 -10.84
N GLN E 221 1.98 -2.97 -9.71
CA GLN E 221 0.75 -2.22 -9.48
C GLN E 221 1.04 -0.73 -9.47
N LEU E 222 2.07 -0.31 -8.75
CA LEU E 222 2.43 1.10 -8.65
C LEU E 222 3.55 1.40 -9.63
N THR E 223 3.38 2.45 -10.43
CA THR E 223 4.43 2.87 -11.34
C THR E 223 5.47 3.70 -10.60
N LEU E 224 6.55 4.05 -11.31
CA LEU E 224 7.59 4.87 -10.71
C LEU E 224 7.05 6.24 -10.32
N ILE E 225 6.21 6.84 -11.17
CA ILE E 225 5.62 8.13 -10.87
C ILE E 225 4.73 8.03 -9.64
N ALA E 226 3.98 6.92 -9.52
CA ALA E 226 3.13 6.72 -8.35
C ALA E 226 3.96 6.63 -7.08
N ILE E 227 5.08 5.91 -7.14
CA ILE E 227 5.93 5.79 -5.95
C ILE E 227 6.55 7.13 -5.59
N GLY E 228 6.92 7.92 -6.61
CA GLY E 228 7.44 9.25 -6.33
C GLY E 228 6.41 10.14 -5.66
N ALA E 229 5.16 10.11 -6.16
CA ALA E 229 4.09 10.88 -5.56
C ALA E 229 3.82 10.42 -4.13
N LEU E 230 3.86 9.10 -3.91
CA LEU E 230 3.68 8.58 -2.56
C LEU E 230 4.77 9.08 -1.62
N GLY E 231 6.02 9.08 -2.09
CA GLY E 231 7.10 9.58 -1.28
C GLY E 231 6.95 11.05 -0.95
N VAL E 232 6.54 11.85 -1.94
CA VAL E 232 6.31 13.27 -1.69
C VAL E 232 5.20 13.46 -0.66
N ALA E 233 4.12 12.69 -0.78
CA ALA E 233 3.02 12.82 0.16
C ALA E 233 3.44 12.45 1.58
N LEU E 234 4.19 11.35 1.71
CA LEU E 234 4.66 10.95 3.03
C LEU E 234 5.61 11.99 3.62
N ALA E 235 6.51 12.55 2.80
CA ALA E 235 7.41 13.57 3.29
C ALA E 235 6.64 14.81 3.75
N LEU E 236 5.64 15.23 2.97
CA LEU E 236 4.86 16.40 3.35
C LEU E 236 4.08 16.16 4.64
N ILE E 237 3.51 14.97 4.80
CA ILE E 237 2.80 14.65 6.04
C ILE E 237 3.74 14.67 7.22
N TYR E 238 4.94 14.08 7.05
CA TYR E 238 5.91 14.06 8.13
C TYR E 238 6.33 15.46 8.52
N LEU E 239 6.60 16.32 7.54
CA LEU E 239 7.01 17.68 7.85
C LEU E 239 5.89 18.47 8.52
N ASN E 240 4.65 18.29 8.06
CA ASN E 240 3.52 18.97 8.69
C ASN E 240 3.34 18.53 10.13
N LEU E 241 3.49 17.23 10.40
CA LEU E 241 3.41 16.75 11.77
C LEU E 241 4.55 17.30 12.62
N SER E 242 5.77 17.30 12.07
CA SER E 242 6.93 17.71 12.85
C SER E 242 6.91 19.20 13.18
N LYS E 243 6.46 20.04 12.25
CA LYS E 243 6.48 21.48 12.49
C LYS E 243 5.63 21.85 13.70
N MET E 244 4.42 21.34 13.78
CA MET E 244 3.57 21.62 14.93
C MET E 244 3.96 20.79 16.15
N GLY E 245 4.59 19.63 15.93
CA GLY E 245 5.00 18.80 17.06
C GLY E 245 6.24 19.27 17.78
N GLY E 246 6.95 20.27 17.24
CA GLY E 246 8.14 20.78 17.88
C GLY E 246 7.86 21.92 18.84
N GLY E 247 7.98 21.64 20.14
CA GLY E 247 7.73 22.65 21.14
C GLY E 247 7.20 22.07 22.45
N GLU F 6 34.23 46.02 -9.13
CA GLU F 6 33.31 46.15 -7.99
C GLU F 6 32.17 45.15 -8.09
N LEU F 7 32.37 44.11 -8.91
CA LEU F 7 31.42 43.01 -9.08
C LEU F 7 30.06 43.53 -9.57
N SER F 8 30.10 44.05 -10.80
CA SER F 8 28.87 44.49 -11.45
C SER F 8 28.00 43.27 -11.79
N LYS F 9 26.72 43.56 -12.08
CA LYS F 9 25.78 42.48 -12.33
C LYS F 9 26.16 41.66 -13.58
N ARG F 10 26.51 42.34 -14.66
CA ARG F 10 26.85 41.60 -15.88
C ARG F 10 28.20 40.90 -15.78
N ASP F 11 28.86 40.95 -14.64
CA ASP F 11 29.93 40.00 -14.32
C ASP F 11 29.37 38.73 -13.69
N ARG F 12 28.38 38.87 -12.82
CA ARG F 12 27.71 37.68 -12.28
C ARG F 12 26.95 36.94 -13.37
N LEU F 13 26.47 37.64 -14.39
CA LEU F 13 25.91 36.95 -15.56
C LEU F 13 26.93 36.01 -16.17
N ARG F 14 28.14 36.51 -16.44
CA ARG F 14 29.19 35.67 -17.02
C ARG F 14 29.57 34.54 -16.08
N VAL F 15 29.67 34.83 -14.78
CA VAL F 15 30.03 33.79 -13.81
C VAL F 15 29.00 32.68 -13.80
N ALA F 16 27.71 33.05 -13.77
CA ALA F 16 26.64 32.05 -13.75
C ALA F 16 26.62 31.25 -15.05
N TRP F 17 26.85 31.92 -16.19
CA TRP F 17 26.84 31.18 -17.45
C TRP F 17 28.04 30.23 -17.54
N ARG F 18 29.19 30.63 -16.99
CA ARG F 18 30.33 29.74 -16.98
C ARG F 18 30.15 28.61 -15.96
N SER F 19 29.30 28.83 -14.95
CA SER F 19 28.97 27.76 -14.01
C SER F 19 28.29 26.59 -14.70
N THR F 20 27.68 26.80 -15.87
CA THR F 20 27.16 25.69 -16.66
C THR F 20 28.25 24.71 -17.05
N PHE F 21 29.50 25.16 -17.09
CA PHE F 21 30.64 24.30 -17.38
C PHE F 21 31.42 23.96 -16.13
N ILE F 22 30.70 23.75 -15.01
CA ILE F 22 31.35 23.38 -13.76
C ILE F 22 32.08 22.05 -13.91
N GLN F 23 31.51 21.12 -14.68
CA GLN F 23 32.17 19.87 -14.97
C GLN F 23 32.96 20.00 -16.27
N GLY F 24 33.44 18.87 -16.79
CA GLY F 24 34.22 18.85 -18.01
C GLY F 24 35.69 18.63 -17.71
N SER F 25 36.20 19.31 -16.70
CA SER F 25 37.53 19.02 -16.14
C SER F 25 37.42 18.13 -14.93
N TRP F 26 36.72 17.01 -15.08
CA TRP F 26 36.42 16.11 -13.97
C TRP F 26 37.54 15.08 -13.83
N ASN F 27 38.01 14.88 -12.60
CA ASN F 27 39.17 14.04 -12.36
C ASN F 27 39.02 13.31 -11.03
N TYR F 28 39.50 12.07 -11.00
CA TYR F 28 39.44 11.29 -9.76
C TYR F 28 40.34 11.89 -8.68
N GLU F 29 41.52 12.40 -9.05
CA GLU F 29 42.40 13.01 -8.07
C GLU F 29 41.74 14.22 -7.41
N ARG F 30 41.35 15.20 -8.21
CA ARG F 30 40.58 16.35 -7.74
C ARG F 30 39.34 16.46 -8.62
N MET F 31 38.17 16.37 -8.00
CA MET F 31 36.91 16.39 -8.72
C MET F 31 36.41 17.83 -8.86
N GLN F 32 36.08 18.23 -10.08
CA GLN F 32 35.42 19.50 -10.36
C GLN F 32 36.23 20.70 -9.87
N ASN F 33 37.56 20.60 -9.86
CA ASN F 33 38.39 21.71 -9.44
C ASN F 33 38.71 22.66 -10.59
N GLY F 34 39.12 22.11 -11.74
CA GLY F 34 39.39 22.95 -12.89
C GLY F 34 38.13 23.63 -13.40
N GLY F 35 37.00 22.94 -13.37
CA GLY F 35 35.75 23.56 -13.75
C GLY F 35 35.36 24.69 -12.81
N TRP F 36 35.59 24.50 -11.50
CA TRP F 36 35.32 25.56 -10.55
C TRP F 36 36.21 26.77 -10.80
N ALA F 37 37.49 26.52 -11.12
CA ALA F 37 38.38 27.62 -11.45
C ALA F 37 37.92 28.34 -12.72
N PHE F 38 37.44 27.58 -13.71
CA PHE F 38 36.96 28.18 -14.95
C PHE F 38 35.77 29.09 -14.71
N SER F 39 34.85 28.68 -13.84
CA SER F 39 33.66 29.48 -13.56
C SER F 39 33.97 30.72 -12.73
N MET F 40 35.17 30.84 -12.18
CA MET F 40 35.56 31.98 -11.38
C MET F 40 36.52 32.92 -12.10
N ILE F 41 36.83 32.65 -13.37
CA ILE F 41 37.85 33.44 -14.07
C ILE F 41 37.47 34.92 -14.19
N PRO F 42 36.26 35.28 -14.62
CA PRO F 42 35.92 36.73 -14.67
C PRO F 42 35.99 37.42 -13.33
N ALA F 43 35.65 36.73 -12.24
CA ALA F 43 35.76 37.32 -10.91
C ALA F 43 37.20 37.68 -10.59
N ILE F 44 38.14 36.79 -10.91
CA ILE F 44 39.55 37.10 -10.75
C ILE F 44 39.96 38.23 -11.68
N LYS F 45 39.46 38.21 -12.92
CA LYS F 45 39.88 39.19 -13.91
C LYS F 45 39.52 40.61 -13.48
N LYS F 46 38.29 40.81 -13.01
CA LYS F 46 37.84 42.16 -12.71
C LYS F 46 38.44 42.68 -11.41
N LEU F 47 38.59 41.80 -10.41
CA LEU F 47 38.87 42.29 -9.06
C LEU F 47 40.37 42.43 -8.80
N TYR F 48 41.19 41.55 -9.38
CA TYR F 48 42.64 41.63 -9.19
C TYR F 48 43.31 42.48 -10.27
N LYS F 49 44.62 42.64 -10.11
CA LYS F 49 45.43 43.41 -11.04
C LYS F 49 46.90 43.00 -10.86
N THR F 50 47.70 43.38 -11.85
CA THR F 50 49.17 43.34 -11.90
C THR F 50 49.82 42.04 -11.41
N LYS F 51 49.09 40.93 -11.43
CA LYS F 51 49.64 39.58 -11.55
C LYS F 51 50.32 38.99 -10.30
N GLU F 52 50.53 39.76 -9.23
CA GLU F 52 51.11 39.10 -8.05
C GLU F 52 50.13 38.13 -7.41
N ASP F 53 48.84 38.48 -7.37
CA ASP F 53 47.85 37.67 -6.68
C ASP F 53 46.90 36.93 -7.60
N ARG F 54 47.13 36.97 -8.93
CA ARG F 54 46.41 36.09 -9.83
C ARG F 54 46.72 34.62 -9.52
N SER F 55 48.03 34.32 -9.38
CA SER F 55 48.44 32.95 -9.11
C SER F 55 47.92 32.48 -7.76
N SER F 56 47.83 33.38 -6.78
CA SER F 56 47.22 33.02 -5.51
C SER F 56 45.76 32.64 -5.68
N ALA F 57 45.04 33.36 -6.56
CA ALA F 57 43.66 33.01 -6.84
C ALA F 57 43.56 31.63 -7.48
N LEU F 58 44.44 31.35 -8.44
CA LEU F 58 44.41 30.05 -9.09
C LEU F 58 44.71 28.93 -8.09
N LYS F 59 45.68 29.17 -7.20
CA LYS F 59 45.97 28.16 -6.18
C LYS F 59 44.82 27.98 -5.21
N ARG F 60 44.15 29.06 -4.81
CA ARG F 60 43.05 28.97 -3.86
C ARG F 60 41.74 28.56 -4.51
N HIS F 61 41.70 28.43 -5.84
CA HIS F 61 40.48 28.03 -6.54
C HIS F 61 40.72 26.78 -7.39
N LEU F 62 41.70 25.95 -7.01
CA LEU F 62 41.97 24.70 -7.71
C LEU F 62 42.07 23.52 -6.75
N GLU F 63 41.59 23.68 -5.53
CA GLU F 63 41.59 22.59 -4.56
C GLU F 63 40.35 21.71 -4.75
N PHE F 64 40.17 20.77 -3.83
CA PHE F 64 39.07 19.82 -3.95
C PHE F 64 37.73 20.53 -3.77
N PHE F 65 36.84 20.34 -4.76
CA PHE F 65 35.48 20.86 -4.66
C PHE F 65 34.60 19.98 -5.54
N ASN F 66 33.88 19.04 -4.91
CA ASN F 66 32.99 18.13 -5.61
C ASN F 66 31.61 18.19 -4.98
N THR F 67 30.62 18.62 -5.76
CA THR F 67 29.24 18.72 -5.29
C THR F 67 28.33 18.58 -6.50
N HIS F 68 27.03 18.72 -6.27
CA HIS F 68 26.07 18.60 -7.35
C HIS F 68 26.24 19.77 -8.32
N PRO F 69 26.28 19.51 -9.63
CA PRO F 69 26.55 20.61 -10.58
C PRO F 69 25.54 21.73 -10.51
N TYR F 70 24.26 21.42 -10.29
CA TYR F 70 23.23 22.47 -10.33
C TYR F 70 23.22 23.28 -9.04
N ILE F 71 23.16 22.60 -7.90
CA ILE F 71 23.24 23.31 -6.61
C ILE F 71 24.73 23.38 -6.27
N ALA F 72 25.38 24.36 -6.89
CA ALA F 72 26.73 24.79 -6.56
C ALA F 72 26.88 26.29 -6.64
N SER F 73 25.92 26.98 -7.24
CA SER F 73 25.87 28.45 -7.35
C SER F 73 25.75 29.15 -6.00
N PRO F 74 25.17 28.53 -4.95
CA PRO F 74 25.30 29.16 -3.63
C PRO F 74 26.75 29.37 -3.21
N ILE F 75 27.61 28.38 -3.44
CA ILE F 75 29.03 28.55 -3.17
C ILE F 75 29.63 29.63 -4.07
N LEU F 76 29.25 29.60 -5.36
CA LEU F 76 29.78 30.56 -6.31
C LEU F 76 29.29 31.99 -6.02
N GLY F 77 28.25 32.14 -5.20
CA GLY F 77 27.81 33.45 -4.79
C GLY F 77 28.46 33.88 -3.49
N VAL F 78 28.62 32.94 -2.56
CA VAL F 78 29.27 33.26 -1.29
C VAL F 78 30.73 33.62 -1.51
N THR F 79 31.39 32.95 -2.46
CA THR F 79 32.79 33.29 -2.72
C THR F 79 32.93 34.74 -3.20
N LEU F 80 32.06 35.20 -4.11
CA LEU F 80 32.09 36.59 -4.50
C LEU F 80 31.71 37.51 -3.35
N ALA F 81 30.73 37.10 -2.53
CA ALA F 81 30.32 37.94 -1.42
C ALA F 81 31.47 38.19 -0.46
N LEU F 82 32.27 37.16 -0.18
CA LEU F 82 33.43 37.34 0.68
C LEU F 82 34.54 38.11 -0.05
N GLU F 83 34.77 37.77 -1.33
CA GLU F 83 35.93 38.29 -2.04
C GLU F 83 35.79 39.78 -2.33
N GLU F 84 34.59 40.25 -2.65
CA GLU F 84 34.41 41.66 -2.99
C GLU F 84 34.65 42.56 -1.80
N GLU F 85 34.49 42.05 -0.57
CA GLU F 85 34.68 42.89 0.59
C GLU F 85 36.00 42.64 1.32
N ARG F 86 36.63 41.49 1.13
CA ARG F 86 37.94 41.30 1.75
C ARG F 86 39.03 42.07 1.03
N ALA F 87 38.94 42.22 -0.29
CA ALA F 87 39.94 43.03 -0.98
C ALA F 87 39.74 44.50 -0.69
N ASN F 88 38.49 44.96 -0.68
CA ASN F 88 38.18 46.35 -0.33
C ASN F 88 37.95 46.41 1.19
N GLY F 89 39.06 46.44 1.93
CA GLY F 89 38.99 46.45 3.38
C GLY F 89 40.11 45.68 4.03
N ALA F 90 40.87 44.93 3.23
CA ALA F 90 42.05 44.19 3.69
C ALA F 90 41.70 43.24 4.84
N GLU F 91 40.57 42.54 4.69
CA GLU F 91 40.14 41.52 5.65
C GLU F 91 40.38 40.14 5.07
N VAL F 92 41.56 39.95 4.46
CA VAL F 92 41.91 38.68 3.84
C VAL F 92 41.91 37.57 4.87
N ASP F 93 41.32 36.43 4.52
CA ASP F 93 41.25 35.28 5.40
C ASP F 93 42.03 34.09 4.86
N ASP F 94 41.80 33.72 3.60
CA ASP F 94 42.42 32.66 2.81
C ASP F 94 42.21 31.28 3.43
N VAL F 95 41.49 31.24 4.55
CA VAL F 95 41.02 29.98 5.12
C VAL F 95 39.54 29.98 5.43
N ALA F 96 38.92 31.16 5.62
CA ALA F 96 37.47 31.22 5.75
C ALA F 96 36.80 31.06 4.39
N ILE F 97 37.44 31.56 3.33
CA ILE F 97 36.95 31.32 1.97
C ILE F 97 36.98 29.85 1.60
N GLN F 98 37.86 29.07 2.24
CA GLN F 98 37.89 27.62 2.09
C GLN F 98 37.01 26.91 3.10
N GLY F 99 36.92 27.45 4.33
CA GLY F 99 36.05 26.85 5.32
C GLY F 99 34.59 26.91 4.92
N VAL F 100 34.16 28.03 4.36
CA VAL F 100 32.78 28.14 3.88
C VAL F 100 32.55 27.21 2.70
N LYS F 101 33.58 26.96 1.89
CA LYS F 101 33.45 26.00 0.81
C LYS F 101 33.25 24.59 1.35
N VAL F 102 34.10 24.18 2.29
CA VAL F 102 34.03 22.81 2.82
C VAL F 102 32.76 22.59 3.64
N GLY F 103 32.30 23.60 4.37
CA GLY F 103 31.13 23.42 5.21
C GLY F 103 29.86 23.11 4.45
N MET F 104 29.70 23.67 3.25
CA MET F 104 28.50 23.47 2.45
C MET F 104 28.70 22.43 1.35
N MET F 105 29.58 21.45 1.59
CA MET F 105 29.84 20.40 0.61
C MET F 105 28.84 19.25 0.75
N GLY F 106 28.74 18.68 1.94
CA GLY F 106 27.92 17.52 2.18
C GLY F 106 26.43 17.79 2.12
N PRO F 107 25.93 18.71 2.94
CA PRO F 107 24.47 18.96 2.93
C PRO F 107 23.93 19.38 1.57
N LEU F 108 24.65 20.24 0.84
CA LEU F 108 24.16 20.67 -0.46
C LEU F 108 24.13 19.51 -1.46
N ALA F 109 25.17 18.67 -1.46
CA ALA F 109 25.17 17.50 -2.32
C ALA F 109 24.04 16.56 -1.96
N GLY F 110 23.81 16.36 -0.67
CA GLY F 110 22.76 15.46 -0.20
C GLY F 110 21.35 15.97 -0.46
N VAL F 111 21.16 17.29 -0.57
CA VAL F 111 19.85 17.82 -0.93
C VAL F 111 19.69 18.02 -2.42
N GLY F 112 20.78 18.01 -3.19
CA GLY F 112 20.67 18.19 -4.62
C GLY F 112 20.65 16.90 -5.43
N ASP F 113 21.45 15.92 -5.03
CA ASP F 113 21.53 14.68 -5.80
C ASP F 113 20.20 13.95 -5.90
N PRO F 114 19.46 13.69 -4.80
CA PRO F 114 18.17 13.02 -4.96
C PRO F 114 17.15 13.86 -5.71
N VAL F 115 17.05 15.13 -5.34
CA VAL F 115 16.00 16.00 -5.90
C VAL F 115 16.16 16.10 -7.41
N PHE F 116 17.39 16.32 -7.88
CA PHE F 116 17.58 16.52 -9.32
C PHE F 116 17.75 15.20 -10.05
N TRP F 117 18.63 14.32 -9.58
CA TRP F 117 18.94 13.12 -10.34
C TRP F 117 17.84 12.07 -10.22
N PHE F 118 17.25 11.92 -9.03
CA PHE F 118 16.34 10.82 -8.76
C PHE F 118 14.93 11.25 -8.43
N THR F 119 14.62 12.55 -8.45
CA THR F 119 13.26 13.02 -8.26
C THR F 119 12.71 13.76 -9.47
N ILE F 120 13.41 14.78 -9.96
CA ILE F 120 12.93 15.55 -11.11
C ILE F 120 13.29 14.87 -12.42
N ARG F 121 14.50 14.32 -12.52
CA ARG F 121 14.87 13.59 -13.74
C ARG F 121 13.93 12.44 -14.04
N PRO F 122 13.60 11.53 -13.10
CA PRO F 122 12.68 10.44 -13.47
C PRO F 122 11.29 10.91 -13.85
N MET F 123 10.72 11.84 -13.09
CA MET F 123 9.37 12.30 -13.41
C MET F 123 9.33 13.03 -14.74
N LEU F 124 10.30 13.89 -15.02
CA LEU F 124 10.31 14.59 -16.30
C LEU F 124 10.58 13.64 -17.46
N GLY F 125 11.47 12.67 -17.27
CA GLY F 125 11.71 11.69 -18.32
C GLY F 125 10.48 10.85 -18.62
N ALA F 126 9.78 10.41 -17.58
CA ALA F 126 8.56 9.64 -17.79
C ALA F 126 7.48 10.49 -18.46
N LEU F 127 7.31 11.74 -18.03
CA LEU F 127 6.31 12.60 -18.64
C LEU F 127 6.63 12.87 -20.11
N GLY F 128 7.91 13.11 -20.42
CA GLY F 128 8.29 13.33 -21.80
C GLY F 128 8.14 12.08 -22.66
N ALA F 129 8.53 10.92 -22.13
CA ALA F 129 8.42 9.68 -22.88
C ALA F 129 6.97 9.23 -23.02
N SER F 130 6.07 9.74 -22.19
CA SER F 130 4.65 9.47 -22.37
C SER F 130 4.18 9.92 -23.75
N LEU F 131 4.47 11.17 -24.11
CA LEU F 131 4.14 11.66 -25.44
C LEU F 131 5.12 11.14 -26.47
N ALA F 132 6.39 10.94 -26.09
CA ALA F 132 7.39 10.42 -27.02
C ALA F 132 7.07 9.01 -27.47
N LEU F 133 6.58 8.17 -26.56
CA LEU F 133 6.17 6.82 -26.95
C LEU F 133 4.95 6.82 -27.86
N SER F 134 4.24 7.94 -27.94
CA SER F 134 3.13 8.08 -28.88
C SER F 134 3.54 8.72 -30.20
N GLY F 135 4.80 9.15 -30.33
CA GLY F 135 5.28 9.79 -31.54
C GLY F 135 5.16 11.30 -31.54
N ASN F 136 4.78 11.90 -30.41
CA ASN F 136 4.54 13.34 -30.34
C ASN F 136 5.78 14.07 -29.85
N ILE F 137 6.24 15.05 -30.62
CA ILE F 137 7.47 15.77 -30.31
C ILE F 137 7.32 16.65 -29.08
N LEU F 138 6.08 17.00 -28.70
CA LEU F 138 5.88 17.88 -27.55
C LEU F 138 6.44 17.28 -26.28
N GLY F 139 6.51 15.95 -26.19
CA GLY F 139 7.12 15.30 -25.05
C GLY F 139 8.56 15.72 -24.83
N PRO F 140 9.45 15.38 -25.76
CA PRO F 140 10.84 15.83 -25.64
C PRO F 140 10.99 17.34 -25.60
N ILE F 141 10.17 18.07 -26.35
CA ILE F 141 10.29 19.54 -26.34
C ILE F 141 10.01 20.07 -24.94
N LEU F 142 8.92 19.60 -24.31
CA LEU F 142 8.59 20.04 -22.97
C LEU F 142 9.65 19.60 -21.96
N PHE F 143 10.16 18.38 -22.11
CA PHE F 143 11.22 17.91 -21.22
C PHE F 143 12.42 18.86 -21.28
N PHE F 144 12.92 19.13 -22.48
CA PHE F 144 14.06 20.02 -22.63
C PHE F 144 13.77 21.41 -22.07
N VAL F 145 12.67 22.02 -22.48
CA VAL F 145 12.38 23.39 -22.09
C VAL F 145 12.19 23.51 -20.59
N ALA F 146 11.34 22.67 -20.00
CA ALA F 146 11.09 22.75 -18.58
C ALA F 146 12.34 22.48 -17.76
N TRP F 147 13.11 21.44 -18.11
CA TRP F 147 14.29 21.12 -17.34
C TRP F 147 15.30 22.25 -17.40
N ASN F 148 15.54 22.80 -18.59
CA ASN F 148 16.51 23.90 -18.69
C ASN F 148 16.02 25.15 -17.98
N VAL F 149 14.71 25.43 -18.06
CA VAL F 149 14.17 26.61 -17.39
C VAL F 149 14.36 26.49 -15.88
N ILE F 150 13.99 25.35 -15.31
CA ILE F 150 14.08 25.20 -13.86
C ILE F 150 15.55 25.19 -13.43
N ARG F 151 16.44 24.57 -14.22
CA ARG F 151 17.85 24.55 -13.89
C ARG F 151 18.44 25.95 -13.88
N TRP F 152 18.19 26.73 -14.94
CA TRP F 152 18.74 28.07 -15.00
C TRP F 152 18.16 28.97 -13.92
N GLY F 153 16.85 28.86 -13.67
CA GLY F 153 16.26 29.65 -12.60
C GLY F 153 16.84 29.33 -11.24
N PHE F 154 17.03 28.03 -10.96
CA PHE F 154 17.63 27.64 -9.68
C PHE F 154 19.04 28.19 -9.55
N MET F 155 19.86 28.02 -10.61
CA MET F 155 21.22 28.54 -10.55
C MET F 155 21.26 30.04 -10.36
N TRP F 156 20.42 30.78 -11.08
CA TRP F 156 20.40 32.23 -10.94
C TRP F 156 19.98 32.66 -9.54
N TYR F 157 18.82 32.16 -9.07
CA TYR F 157 18.30 32.61 -7.79
C TYR F 157 19.21 32.21 -6.64
N THR F 158 19.73 30.98 -6.65
CA THR F 158 20.61 30.56 -5.57
C THR F 158 21.93 31.33 -5.61
N GLN F 159 22.42 31.68 -6.79
CA GLN F 159 23.66 32.44 -6.88
C GLN F 159 23.47 33.85 -6.33
N GLU F 160 22.35 34.49 -6.66
CA GLU F 160 22.07 35.80 -6.06
C GLU F 160 21.86 35.69 -4.56
N PHE F 161 21.24 34.60 -4.09
CA PHE F 161 21.06 34.43 -2.65
C PHE F 161 22.39 34.23 -1.95
N GLY F 162 23.33 33.53 -2.58
CA GLY F 162 24.66 33.40 -2.02
C GLY F 162 25.47 34.68 -2.13
N TYR F 163 25.10 35.56 -3.06
CA TYR F 163 25.76 36.85 -3.15
C TYR F 163 25.55 37.67 -1.88
N LYS F 164 24.49 37.37 -1.12
CA LYS F 164 24.30 38.02 0.17
C LYS F 164 25.43 37.66 1.10
N ALA F 165 25.80 38.60 1.97
CA ALA F 165 26.97 38.44 2.82
C ALA F 165 26.78 37.27 3.79
N GLY F 166 27.90 36.85 4.39
CA GLY F 166 27.88 35.76 5.35
C GLY F 166 27.12 36.06 6.63
N SER F 167 26.80 37.33 6.88
CA SER F 167 25.98 37.67 8.03
C SER F 167 24.60 37.04 7.94
N LYS F 168 24.12 36.79 6.73
CA LYS F 168 22.83 36.14 6.54
C LYS F 168 22.95 34.62 6.42
N ILE F 169 24.11 34.12 6.02
CA ILE F 169 24.27 32.68 5.82
C ILE F 169 24.22 31.91 7.13
N THR F 170 24.49 32.58 8.26
CA THR F 170 24.37 31.90 9.55
C THR F 170 22.92 31.53 9.85
N ASP F 171 21.98 32.39 9.46
CA ASP F 171 20.56 32.05 9.58
C ASP F 171 20.06 31.29 8.36
N ASP F 172 20.73 31.45 7.21
CA ASP F 172 20.36 30.76 5.99
C ASP F 172 21.10 29.43 5.82
N LEU F 173 21.50 28.80 6.92
CA LEU F 173 22.07 27.46 6.89
C LEU F 173 21.31 26.48 7.76
N SER F 174 20.68 26.93 8.84
CA SER F 174 19.89 26.08 9.73
C SER F 174 18.58 26.79 10.00
N GLY F 175 17.53 26.40 9.28
CA GLY F 175 16.22 26.99 9.43
C GLY F 175 15.45 26.39 10.60
N GLY F 176 14.19 26.82 10.73
CA GLY F 176 13.61 27.78 9.81
C GLY F 176 12.91 27.13 8.63
N LEU F 177 13.43 27.36 7.43
CA LEU F 177 12.86 26.77 6.23
C LEU F 177 13.95 26.10 5.41
N LEU F 178 15.19 26.56 5.54
CA LEU F 178 16.29 26.02 4.77
C LEU F 178 16.86 24.73 5.34
N GLN F 179 16.42 24.33 6.55
CA GLN F 179 16.78 23.03 7.10
C GLN F 179 15.64 22.02 6.99
N ASP F 180 14.40 22.48 7.01
CA ASP F 180 13.25 21.58 6.82
C ASP F 180 13.27 20.98 5.43
N ILE F 181 13.66 21.77 4.43
CA ILE F 181 13.75 21.27 3.05
C ILE F 181 14.76 20.14 2.97
N THR F 182 15.83 20.21 3.76
CA THR F 182 16.83 19.14 3.78
C THR F 182 16.20 17.84 4.24
N LYS F 183 15.42 17.89 5.32
CA LYS F 183 14.79 16.67 5.83
C LYS F 183 13.77 16.12 4.85
N GLY F 184 12.95 17.00 4.24
CA GLY F 184 11.98 16.53 3.27
C GLY F 184 12.65 15.90 2.06
N ALA F 185 13.71 16.52 1.55
CA ALA F 185 14.45 15.95 0.44
C ALA F 185 15.07 14.62 0.82
N SER F 186 15.58 14.49 2.04
CA SER F 186 16.15 13.23 2.49
C SER F 186 15.10 12.14 2.52
N ILE F 187 13.91 12.43 3.04
CA ILE F 187 12.85 11.43 3.10
C ILE F 187 12.44 11.00 1.70
N LEU F 188 12.19 11.97 0.82
CA LEU F 188 11.78 11.65 -0.55
C LEU F 188 12.86 10.86 -1.27
N GLY F 189 14.12 11.25 -1.09
CA GLY F 189 15.21 10.54 -1.72
C GLY F 189 15.36 9.12 -1.22
N MET F 190 15.20 8.92 0.09
CA MET F 190 15.26 7.55 0.62
C MET F 190 14.15 6.69 0.03
N PHE F 191 12.93 7.24 -0.06
CA PHE F 191 11.82 6.48 -0.63
C PHE F 191 12.11 6.10 -2.07
N VAL F 192 12.47 7.08 -2.90
CA VAL F 192 12.69 6.81 -4.32
C VAL F 192 13.90 5.91 -4.52
N LEU F 193 14.92 6.06 -3.69
CA LEU F 193 16.12 5.23 -3.82
C LEU F 193 15.83 3.79 -3.44
N ALA F 194 15.01 3.55 -2.42
CA ALA F 194 14.60 2.17 -2.12
C ALA F 194 13.81 1.58 -3.27
N ALA F 195 12.90 2.37 -3.85
CA ALA F 195 12.14 1.89 -5.00
C ALA F 195 13.05 1.53 -6.16
N LEU F 196 14.03 2.38 -6.44
CA LEU F 196 14.97 2.13 -7.54
C LEU F 196 15.83 0.91 -7.24
N VAL F 197 16.28 0.76 -6.00
CA VAL F 197 17.12 -0.38 -5.63
C VAL F 197 16.36 -1.68 -5.85
N GLN F 198 15.09 -1.73 -5.44
CA GLN F 198 14.32 -2.95 -5.67
C GLN F 198 14.06 -3.18 -7.16
N ARG F 199 13.61 -2.13 -7.87
CA ARG F 199 13.09 -2.33 -9.20
C ARG F 199 14.18 -2.52 -10.26
N TRP F 200 15.30 -1.81 -10.14
CA TRP F 200 16.25 -1.68 -11.24
C TRP F 200 17.66 -2.10 -10.81
N VAL F 201 17.75 -3.23 -10.13
CA VAL F 201 19.02 -3.91 -9.85
C VAL F 201 18.78 -5.39 -10.14
N ASN F 202 19.18 -5.83 -11.32
CA ASN F 202 18.88 -7.19 -11.78
C ASN F 202 19.97 -8.14 -11.29
N ILE F 203 19.64 -8.95 -10.29
CA ILE F 203 20.57 -9.94 -9.75
C ILE F 203 19.88 -11.29 -9.90
N GLN F 204 19.11 -11.45 -10.98
CA GLN F 204 18.33 -12.66 -11.20
C GLN F 204 19.22 -13.91 -11.22
N PHE F 205 19.07 -14.75 -10.20
CA PHE F 205 19.81 -16.00 -10.16
C PHE F 205 19.20 -17.02 -11.12
N ALA F 206 20.00 -18.01 -11.51
CA ALA F 206 19.48 -19.09 -12.32
C ALA F 206 19.99 -20.48 -11.94
N PRO F 207 19.96 -20.89 -10.66
CA PRO F 207 20.13 -22.32 -10.37
C PRO F 207 18.81 -23.06 -10.43
N ILE F 208 18.83 -24.38 -10.28
CA ILE F 208 17.64 -25.19 -10.14
C ILE F 208 17.79 -26.04 -8.90
N ILE F 209 16.78 -26.00 -8.03
CA ILE F 209 16.86 -26.68 -6.73
C ILE F 209 16.41 -28.13 -6.87
N SER F 210 15.16 -28.34 -7.26
CA SER F 210 14.58 -29.67 -7.32
C SER F 210 13.70 -29.81 -8.56
N LYS F 211 13.61 -31.03 -9.06
CA LYS F 211 12.75 -31.39 -10.19
C LYS F 211 11.85 -32.52 -9.72
N VAL F 212 10.72 -32.16 -9.12
CA VAL F 212 9.80 -33.12 -8.52
C VAL F 212 8.60 -33.30 -9.44
N LYS F 213 8.22 -34.55 -9.66
CA LYS F 213 7.01 -34.85 -10.44
C LYS F 213 5.79 -34.74 -9.54
N LEU F 214 4.73 -34.13 -10.08
CA LEU F 214 3.54 -33.89 -9.28
C LEU F 214 2.76 -35.19 -9.06
N ASP F 215 1.99 -35.23 -7.99
CA ASP F 215 1.07 -36.34 -7.76
C ASP F 215 -0.07 -36.29 -8.77
N GLU F 216 -0.83 -37.37 -8.83
CA GLU F 216 -1.91 -37.46 -9.82
C GLU F 216 -3.14 -36.71 -9.30
N GLY F 217 -2.94 -35.46 -8.88
CA GLY F 217 -4.03 -34.60 -8.52
C GLY F 217 -3.75 -33.15 -8.83
N ALA F 218 -2.63 -32.90 -9.51
CA ALA F 218 -2.16 -31.54 -9.77
C ALA F 218 -2.11 -31.19 -11.25
N TYR F 219 -1.48 -32.03 -12.07
CA TYR F 219 -1.40 -31.72 -13.49
C TYR F 219 -2.75 -31.96 -14.16
N ILE F 220 -2.94 -31.28 -15.30
CA ILE F 220 -4.17 -31.44 -16.08
C ILE F 220 -4.25 -32.81 -16.74
N ASP F 221 -3.13 -33.55 -16.77
CA ASP F 221 -3.08 -34.89 -17.37
C ASP F 221 -3.43 -34.81 -18.87
N TRP F 222 -2.53 -34.18 -19.61
CA TRP F 222 -2.84 -33.84 -21.00
C TRP F 222 -2.67 -35.07 -21.89
N SER F 223 -3.38 -36.16 -21.54
CA SER F 223 -3.34 -37.37 -22.35
C SER F 223 -4.72 -37.99 -22.54
N HIS F 224 -5.76 -37.41 -21.95
CA HIS F 224 -7.12 -37.95 -22.06
C HIS F 224 -8.13 -36.87 -22.38
N LEU F 225 -7.67 -35.68 -22.79
CA LEU F 225 -8.58 -34.57 -23.04
C LEU F 225 -9.43 -34.84 -24.28
N PRO F 226 -10.63 -34.28 -24.34
CA PRO F 226 -11.43 -34.39 -25.56
C PRO F 226 -10.72 -33.76 -26.76
N GLN F 227 -10.96 -34.34 -27.93
CA GLN F 227 -10.27 -33.96 -29.15
C GLN F 227 -11.13 -32.99 -29.95
N GLY F 228 -10.72 -31.72 -29.99
CA GLY F 228 -11.35 -30.74 -30.84
C GLY F 228 -12.31 -29.80 -30.14
N ALA F 229 -11.84 -28.60 -29.84
CA ALA F 229 -12.67 -27.49 -29.37
C ALA F 229 -13.29 -27.76 -28.01
N GLN F 230 -13.04 -28.94 -27.44
CA GLN F 230 -13.59 -29.26 -26.12
C GLN F 230 -12.48 -29.47 -25.10
N GLY F 231 -11.42 -30.15 -25.51
CA GLY F 231 -10.22 -30.27 -24.69
C GLY F 231 -9.62 -28.91 -24.44
N ILE F 232 -9.77 -28.01 -25.41
CA ILE F 232 -9.32 -26.63 -25.25
C ILE F 232 -10.01 -26.01 -24.04
N LYS F 233 -11.34 -26.12 -24.01
CA LYS F 233 -12.12 -25.54 -22.92
C LYS F 233 -11.79 -26.20 -21.60
N THR F 234 -11.65 -27.54 -21.61
CA THR F 234 -11.34 -28.26 -20.38
C THR F 234 -10.00 -27.81 -19.82
N ALA F 235 -8.99 -27.69 -20.68
CA ALA F 235 -7.66 -27.28 -20.23
C ALA F 235 -7.69 -25.84 -19.70
N LEU F 236 -8.40 -24.95 -20.39
CA LEU F 236 -8.46 -23.56 -19.93
C LEU F 236 -9.15 -23.45 -18.58
N GLN F 237 -10.27 -24.14 -18.41
CA GLN F 237 -10.98 -24.10 -17.13
C GLN F 237 -10.14 -24.72 -16.02
N GLN F 238 -9.46 -25.82 -16.31
CA GLN F 238 -8.65 -26.47 -15.27
C GLN F 238 -7.44 -25.62 -14.90
N GLN F 239 -6.86 -24.92 -15.87
CA GLN F 239 -5.78 -23.99 -15.54
C GLN F 239 -6.30 -22.83 -14.70
N GLN F 240 -7.48 -22.30 -15.03
CA GLN F 240 -8.08 -21.28 -14.20
C GLN F 240 -8.40 -21.78 -12.80
N ALA F 241 -8.65 -23.09 -12.66
CA ALA F 241 -8.86 -23.66 -11.33
C ALA F 241 -7.59 -23.57 -10.50
N GLY F 242 -6.43 -23.84 -11.11
CA GLY F 242 -5.17 -23.74 -10.41
C GLY F 242 -4.27 -24.94 -10.59
N LEU F 243 -4.63 -25.84 -11.51
CA LEU F 243 -3.84 -27.03 -11.75
C LEU F 243 -2.50 -26.69 -12.36
N ALA F 244 -1.46 -27.42 -11.94
CA ALA F 244 -0.11 -27.17 -12.44
C ALA F 244 0.00 -27.53 -13.92
N LEU F 245 0.69 -26.68 -14.68
CA LEU F 245 0.76 -26.85 -16.12
C LEU F 245 1.52 -28.11 -16.51
N SER F 246 2.69 -28.33 -15.94
CA SER F 246 3.55 -29.44 -16.31
C SER F 246 3.66 -30.44 -15.17
N GLU F 247 3.93 -31.69 -15.53
CA GLU F 247 4.04 -32.77 -14.55
C GLU F 247 5.23 -32.58 -13.61
N ILE F 248 6.25 -31.82 -14.02
CA ILE F 248 7.44 -31.59 -13.20
C ILE F 248 7.41 -30.14 -12.73
N LYS F 249 7.51 -29.96 -11.42
CA LYS F 249 7.50 -28.62 -10.81
C LYS F 249 8.95 -28.15 -10.69
N VAL F 250 9.42 -27.45 -11.72
CA VAL F 250 10.75 -26.88 -11.69
C VAL F 250 10.79 -25.74 -10.68
N THR F 251 11.72 -25.81 -9.74
CA THR F 251 11.86 -24.81 -8.70
C THR F 251 13.26 -24.21 -8.77
N THR F 252 13.33 -22.89 -8.66
CA THR F 252 14.59 -22.17 -8.74
C THR F 252 14.87 -21.47 -7.42
N LEU F 253 16.16 -21.17 -7.22
CA LEU F 253 16.56 -20.40 -6.03
C LEU F 253 15.93 -19.01 -6.05
N GLN F 254 15.67 -18.47 -7.24
CA GLN F 254 15.03 -17.17 -7.34
C GLN F 254 13.63 -17.19 -6.74
N ASN F 255 12.86 -18.25 -7.02
CA ASN F 255 11.51 -18.36 -6.46
C ASN F 255 11.57 -18.47 -4.94
N ASN F 256 12.51 -19.26 -4.43
CA ASN F 256 12.64 -19.41 -2.98
C ASN F 256 13.03 -18.10 -2.31
N LEU F 257 13.96 -17.35 -2.92
CA LEU F 257 14.36 -16.07 -2.35
C LEU F 257 13.27 -15.02 -2.46
N ASP F 258 12.45 -15.08 -3.51
CA ASP F 258 11.39 -14.10 -3.70
C ASP F 258 10.26 -14.26 -2.68
N ASN F 259 10.17 -15.42 -2.03
CA ASN F 259 9.10 -15.64 -1.05
C ASN F 259 9.28 -14.82 0.22
N LEU F 260 10.50 -14.37 0.52
CA LEU F 260 10.70 -13.51 1.68
C LEU F 260 10.36 -12.06 1.34
N ILE F 261 11.15 -11.47 0.46
CA ILE F 261 10.90 -10.15 -0.11
C ILE F 261 11.42 -10.18 -1.54
N PRO F 262 10.70 -9.64 -2.52
CA PRO F 262 11.27 -9.50 -3.86
C PRO F 262 12.50 -8.60 -3.83
N GLY F 263 13.50 -8.98 -4.62
CA GLY F 263 14.73 -8.21 -4.68
C GLY F 263 15.53 -8.18 -3.40
N LEU F 264 15.65 -9.31 -2.70
CA LEU F 264 16.49 -9.37 -1.52
C LEU F 264 17.97 -9.25 -1.89
N ALA F 265 18.37 -9.87 -2.99
CA ALA F 265 19.76 -9.79 -3.42
C ALA F 265 20.15 -8.35 -3.76
N ALA F 266 19.21 -7.58 -4.32
CA ALA F 266 19.50 -6.19 -4.67
C ALA F 266 19.83 -5.37 -3.44
N VAL F 267 18.99 -5.45 -2.40
CA VAL F 267 19.25 -4.68 -1.20
C VAL F 267 20.48 -5.20 -0.46
N ALA F 268 20.71 -6.52 -0.50
CA ALA F 268 21.93 -7.07 0.11
C ALA F 268 23.18 -6.53 -0.57
N LEU F 269 23.18 -6.50 -1.91
CA LEU F 269 24.32 -5.96 -2.63
C LEU F 269 24.50 -4.48 -2.37
N THR F 270 23.39 -3.73 -2.30
CA THR F 270 23.48 -2.31 -2.01
C THR F 270 24.09 -2.06 -0.63
N PHE F 271 23.68 -2.86 0.37
CA PHE F 271 24.26 -2.71 1.71
C PHE F 271 25.74 -3.09 1.71
N LEU F 272 26.12 -4.12 0.96
CA LEU F 272 27.52 -4.50 0.87
C LEU F 272 28.34 -3.39 0.25
N CYS F 273 27.83 -2.77 -0.81
CA CYS F 273 28.54 -1.66 -1.44
C CYS F 273 28.61 -0.45 -0.52
N MET F 274 27.56 -0.19 0.27
CA MET F 274 27.63 0.88 1.26
C MET F 274 28.73 0.62 2.28
N TRP F 275 28.81 -0.62 2.78
CA TRP F 275 29.85 -0.95 3.74
C TRP F 275 31.23 -0.83 3.13
N LEU F 276 31.39 -1.25 1.88
CA LEU F 276 32.68 -1.10 1.20
C LEU F 276 33.06 0.37 1.05
N LEU F 277 32.09 1.22 0.68
CA LEU F 277 32.36 2.64 0.54
C LEU F 277 32.72 3.27 1.88
N LYS F 278 32.11 2.78 2.97
CA LYS F 278 32.47 3.29 4.29
C LYS F 278 33.92 3.00 4.66
N LYS F 279 34.54 2.02 4.01
CA LYS F 279 35.94 1.69 4.25
C LYS F 279 36.88 2.48 3.35
N LYS F 280 36.44 3.63 2.84
CA LYS F 280 37.25 4.53 2.02
C LYS F 280 37.72 3.87 0.72
N ILE F 281 37.07 2.80 0.29
CA ILE F 281 37.42 2.17 -0.98
C ILE F 281 36.87 3.02 -2.13
N SER F 282 37.70 3.22 -3.14
CA SER F 282 37.29 4.03 -4.29
C SER F 282 36.17 3.32 -5.05
N PRO F 283 35.17 4.06 -5.54
CA PRO F 283 34.06 3.43 -6.26
C PRO F 283 34.48 2.73 -7.54
N ILE F 284 35.60 3.11 -8.15
CA ILE F 284 36.05 2.45 -9.37
C ILE F 284 36.39 1.00 -9.11
N ILE F 285 37.11 0.75 -8.00
CA ILE F 285 37.43 -0.62 -7.61
C ILE F 285 36.16 -1.41 -7.35
N ILE F 286 35.16 -0.78 -6.74
CA ILE F 286 33.90 -1.46 -6.46
C ILE F 286 33.18 -1.82 -7.76
N ILE F 287 33.17 -0.90 -8.73
CA ILE F 287 32.49 -1.18 -9.99
C ILE F 287 33.20 -2.32 -10.74
N LEU F 288 34.54 -2.30 -10.75
CA LEU F 288 35.26 -3.43 -11.32
C LEU F 288 34.98 -4.71 -10.57
N GLY F 289 34.79 -4.62 -9.26
CA GLY F 289 34.43 -5.80 -8.48
C GLY F 289 33.07 -6.34 -8.87
N LEU F 290 32.10 -5.45 -9.10
CA LEU F 290 30.80 -5.91 -9.60
C LEU F 290 30.93 -6.60 -10.95
N PHE F 291 31.70 -6.03 -11.87
CA PHE F 291 31.87 -6.71 -13.16
C PHE F 291 32.51 -8.09 -12.99
N VAL F 292 33.56 -8.18 -12.17
CA VAL F 292 34.27 -9.45 -12.05
C VAL F 292 33.40 -10.48 -11.33
N VAL F 293 32.65 -10.06 -10.30
CA VAL F 293 31.82 -11.01 -9.59
C VAL F 293 30.68 -11.48 -10.49
N GLY F 294 30.13 -10.59 -11.31
CA GLY F 294 29.10 -11.01 -12.25
C GLY F 294 29.62 -12.01 -13.26
N ILE F 295 30.80 -11.74 -13.82
CA ILE F 295 31.32 -12.65 -14.85
C ILE F 295 31.71 -14.00 -14.25
N VAL F 296 32.31 -14.01 -13.06
CA VAL F 296 32.66 -15.30 -12.46
C VAL F 296 31.42 -16.03 -11.99
N GLY F 297 30.38 -15.31 -11.56
CA GLY F 297 29.14 -15.98 -11.19
C GLY F 297 28.45 -16.61 -12.38
N HIS F 298 28.43 -15.93 -13.52
CA HIS F 298 27.87 -16.55 -14.72
C HIS F 298 28.74 -17.70 -15.21
N LEU F 299 30.06 -17.62 -15.00
CA LEU F 299 30.93 -18.74 -15.34
C LEU F 299 30.60 -19.96 -14.48
N ILE F 300 30.49 -19.75 -13.17
CA ILE F 300 30.14 -20.85 -12.28
C ILE F 300 28.72 -21.33 -12.52
N GLY F 301 27.79 -20.39 -12.72
CA GLY F 301 26.39 -20.72 -12.87
C GLY F 301 25.48 -20.19 -11.80
N LEU F 302 26.01 -19.43 -10.83
CA LEU F 302 25.17 -18.83 -9.80
C LEU F 302 24.19 -17.84 -10.40
N LEU F 303 24.64 -17.02 -11.34
CA LEU F 303 23.79 -16.05 -11.99
C LEU F 303 23.40 -16.50 -13.39
C1 MAN G . -27.49 21.12 -2.64
C2 MAN G . -27.94 19.66 -2.85
C3 MAN G . -27.64 18.81 -1.60
C4 MAN G . -26.21 19.03 -1.11
C5 MAN G . -26.00 20.52 -0.85
C6 MAN G . -24.59 20.84 -0.37
O1 MAN G . -28.46 21.73 -1.84
O2 MAN G . -27.23 19.05 -3.91
O3 MAN G . -27.85 17.43 -1.86
O4 MAN G . -25.99 18.31 0.09
O5 MAN G . -26.19 21.24 -2.08
O6 MAN G . -24.38 20.12 0.84
C1 MAN H . 0.79 -19.71 28.61
C2 MAN H . 1.47 -20.46 27.45
C3 MAN H . 2.71 -19.71 26.96
C4 MAN H . 2.40 -18.24 26.73
C5 MAN H . 1.84 -17.63 28.02
C6 MAN H . 1.49 -16.17 27.88
O1 MAN H . 1.55 -19.97 29.76
O2 MAN H . 0.61 -20.56 26.31
O3 MAN H . 3.23 -20.29 25.77
O4 MAN H . 3.57 -17.54 26.36
O5 MAN H . 0.63 -18.34 28.37
O6 MAN H . 2.62 -15.49 27.36
C1 MAN I . 30.43 14.03 -9.28
C2 MAN I . 29.52 13.81 -10.50
C3 MAN I . 28.24 14.63 -10.39
C4 MAN I . 27.60 14.47 -9.00
C5 MAN I . 28.63 14.88 -7.94
C6 MAN I . 28.08 14.76 -6.54
O1 MAN I . 31.09 15.27 -9.49
O2 MAN I . 29.11 12.45 -10.60
O3 MAN I . 27.29 14.27 -11.39
O4 MAN I . 26.46 15.29 -8.90
O5 MAN I . 29.75 13.99 -8.05
O6 MAN I . 26.84 15.45 -6.48
#